data_5VE8
#
_entry.id   5VE8
#
_cell.length_a   79.098
_cell.length_b   88.114
_cell.length_c   102.276
_cell.angle_alpha   79.59
_cell.angle_beta   80.77
_cell.angle_gamma   70.74
#
_symmetry.space_group_name_H-M   'P 1'
#
loop_
_entity.id
_entity.type
_entity.pdbx_description
1 polymer Kap123
2 polymer 'Histone H3'
3 water water
#
loop_
_entity_poly.entity_id
_entity_poly.type
_entity_poly.pdbx_seq_one_letter_code
_entity_poly.pdbx_strand_id
1 'polypeptide(L)'
;SNA(MSE)DQQFVAQLEQALGAIVQPTGSLKDATKTLQSQFYTQSAALPALIHILQNSSNDGIKQLAGVEARKQVSKHWG
SLDAATQTSVKQSLLNSAFNEGKDAVRHANARVIASIGSEELDEKKWPELIPNLLQAACDSNPKIRETAIFIILSLLESF
NANLALHIDDFLNLFAQTINDSASLETRSLSAQALSYVSSLIEEEGEINPQYAAKFASLIPSVVQVLDATIREGDTTNTK
LIFNCLNDFLLLDSQLTGNTIADLVKLALQIAVNSDVDEDIRVFAVQFVTSALVYRKSKINQAKLGPEITLAALKVASEE
IDVEDELTNEDEAGENEENTPALTALRLISNASGELSPSQVGVPIIEHLPT(MSE)LSSSNPFERRSILLAISVLVTGSP
DYTLSQFDKIIPATVTGLKDSEAVVQLAALKCIVQLSTNLQDEVARYHEQYLPLVIDIIDSAKHVVIYKYATLALDGLLE
FIAHNDIIKYLDPL(MSE)NKLFQ(MSE)LETQQSPKLRAAIVSAIGSCAFAAGSGFVPYFKTSVQYLQQFIQNVSQIEG
LSEDDIELKALTFENIST(MSE)GRAVKSAAFAEYAEPLVNAAYEAIKTDSARLRESGYAFIAN(MSE)AKVYGKDFAPF
LQTIIPEIFKTLEQEEYQFNFDGDEDFLEGIEDLDEEELQSKFTVNTGIAYEKEVAAAALSELAIASKEHFLEYVEPSLK
VLAEQVNESYGLKETALHS(MSE)WAIVKAVLLTANLKEGEYPKGVPSGSYVDASALAVIQTVREVSLNNVIEEVETS
(MSE)VISVFQDLSE(MSE)LRLFGPIII(MSE)DNGDSTHLDQLCREALSVLKGEHACQTIHFEEDVPEDEDLDASETE
ATLLDVALDIYVALSTNLVGGFAQVFTTAKPVILQLCQSKSKNKRSFAVGALSEIALG(MSE)RDENPFIQELLEALIIS
LTNDKSLEVRCNASYGVGLLIEYSSFDVSAIYSPVLKSLYEILSVADEKNLATEDDEATKEIVDRTFSNVCGCVAR
(MSE)ILKHQNLVPLEHTIPALLSHLPFNTAFEEYDPIFKLFLKLFQEQNSTIINEAPKVIAIFATVFEKESERIELETN
STLGREENLEKRKQFQSEEIKQQVIELLKHLNQQFNGAVAQNPVLAQVIA
;
A,B
2 'polypeptide(L)' ARTKQTARKSTGGKAPRKQLASKAARKS C,E
#
# COMPACT_ATOMS: atom_id res chain seq x y z
N ALA A 43 -64.41 5.87 11.55
CA ALA A 43 -63.97 4.74 12.35
C ALA A 43 -62.57 4.95 12.93
N LEU A 44 -61.74 5.71 12.18
CA LEU A 44 -60.34 6.05 12.45
C LEU A 44 -60.13 7.41 13.11
N PRO A 45 -60.89 8.45 12.70
CA PRO A 45 -60.60 9.81 13.20
C PRO A 45 -60.58 9.88 14.72
N ALA A 46 -61.23 8.92 15.37
CA ALA A 46 -61.27 8.89 16.83
C ALA A 46 -59.86 8.98 17.41
N LEU A 47 -58.93 8.16 16.88
CA LEU A 47 -57.59 8.11 17.44
C LEU A 47 -56.88 9.47 17.38
N ILE A 48 -57.20 10.29 16.38
CA ILE A 48 -56.58 11.60 16.29
C ILE A 48 -57.08 12.50 17.42
N HIS A 49 -58.40 12.50 17.68
CA HIS A 49 -58.97 13.37 18.70
C HIS A 49 -58.35 13.10 20.07
N ILE A 50 -58.27 11.83 20.45
CA ILE A 50 -57.52 11.46 21.66
C ILE A 50 -56.10 12.03 21.59
N LEU A 51 -55.50 12.02 20.40
CA LEU A 51 -54.11 12.47 20.27
C LEU A 51 -54.00 13.97 20.56
N GLN A 52 -54.92 14.79 20.03
CA GLN A 52 -54.89 16.22 20.31
C GLN A 52 -55.19 16.52 21.77
N ASN A 53 -56.25 15.90 22.32
CA ASN A 53 -56.98 16.45 23.46
C ASN A 53 -56.65 15.81 24.80
N SER A 54 -56.32 14.51 24.84
CA SER A 54 -56.14 13.80 26.10
C SER A 54 -55.37 14.64 27.12
N SER A 55 -55.98 14.86 28.29
CA SER A 55 -55.34 15.67 29.32
C SER A 55 -54.06 15.01 29.81
N ASN A 56 -54.13 13.74 30.21
CA ASN A 56 -52.91 13.00 30.47
C ASN A 56 -52.10 12.94 29.18
N ASP A 57 -50.78 13.20 29.29
CA ASP A 57 -49.96 13.46 28.11
C ASP A 57 -49.54 12.18 27.42
N GLY A 58 -49.29 11.11 28.18
CA GLY A 58 -48.91 9.85 27.55
C GLY A 58 -49.96 9.31 26.60
N ILE A 59 -51.24 9.61 26.88
CA ILE A 59 -52.34 9.09 26.07
C ILE A 59 -52.32 9.70 24.67
N LYS A 60 -52.19 11.03 24.58
CA LYS A 60 -51.99 11.69 23.29
C LYS A 60 -50.99 10.93 22.43
N GLN A 61 -49.93 10.43 23.06
CA GLN A 61 -48.89 9.70 22.36
C GLN A 61 -49.34 8.31 21.96
N LEU A 62 -50.00 7.60 22.90
CA LEU A 62 -50.38 6.21 22.66
C LEU A 62 -51.39 6.08 21.53
N ALA A 63 -52.27 7.09 21.39
CA ALA A 63 -53.22 7.11 20.27
C ALA A 63 -52.51 7.40 18.96
N GLY A 64 -51.53 8.31 18.98
CA GLY A 64 -50.78 8.60 17.77
C GLY A 64 -50.11 7.37 17.20
N VAL A 65 -49.56 6.53 18.09
CA VAL A 65 -48.92 5.28 17.63
C VAL A 65 -49.94 4.40 16.94
N GLU A 66 -51.14 4.29 17.52
CA GLU A 66 -52.18 3.48 16.92
C GLU A 66 -52.76 4.14 15.67
N ALA A 67 -52.94 5.47 15.70
CA ALA A 67 -53.50 6.17 14.55
C ALA A 67 -52.66 5.97 13.30
N ARG A 68 -51.33 5.99 13.44
CA ARG A 68 -50.46 5.77 12.28
C ARG A 68 -50.70 4.38 11.69
N LYS A 69 -50.68 3.35 12.55
CA LYS A 69 -51.00 2.00 12.11
C LYS A 69 -52.29 1.97 11.31
N GLN A 70 -53.33 2.64 11.79
CA GLN A 70 -54.67 2.53 11.22
C GLN A 70 -54.93 3.54 10.11
N VAL A 71 -53.88 4.19 9.61
CA VAL A 71 -54.05 5.24 8.58
C VAL A 71 -54.51 4.65 7.26
N SER A 72 -53.91 3.53 6.84
CA SER A 72 -54.15 3.00 5.51
C SER A 72 -55.60 2.55 5.30
N LYS A 73 -56.16 1.81 6.27
CA LYS A 73 -57.52 1.30 6.09
C LYS A 73 -58.53 2.42 5.92
N HIS A 74 -58.48 3.42 6.79
CA HIS A 74 -59.49 4.47 6.79
C HIS A 74 -58.96 5.76 6.14
N ALA A 80 -65.77 11.97 5.88
CA ALA A 80 -65.10 11.50 4.67
C ALA A 80 -64.76 12.68 3.78
N ALA A 81 -65.69 13.64 3.67
CA ALA A 81 -65.39 14.88 2.98
C ALA A 81 -64.41 15.74 3.77
N THR A 82 -64.48 15.68 5.10
CA THR A 82 -63.60 16.46 5.97
C THR A 82 -62.36 15.66 6.36
N GLN A 83 -61.68 15.09 5.34
CA GLN A 83 -60.29 14.68 5.51
C GLN A 83 -59.36 15.89 5.60
N THR A 84 -59.80 17.03 5.07
CA THR A 84 -59.03 18.27 5.19
C THR A 84 -59.05 18.85 6.62
N SER A 85 -60.16 18.70 7.35
CA SER A 85 -60.22 19.19 8.74
C SER A 85 -59.23 18.43 9.62
N VAL A 86 -59.06 17.13 9.37
CA VAL A 86 -58.12 16.32 10.14
C VAL A 86 -56.67 16.66 9.80
N LYS A 87 -56.38 17.03 8.55
CA LYS A 87 -55.02 17.45 8.22
C LYS A 87 -54.61 18.63 9.09
N GLN A 88 -55.40 19.71 9.08
CA GLN A 88 -55.01 20.93 9.76
C GLN A 88 -54.88 20.74 11.26
N SER A 89 -55.82 20.02 11.88
CA SER A 89 -55.72 19.82 13.32
C SER A 89 -54.36 19.22 13.70
N LEU A 90 -53.88 18.25 12.90
CA LEU A 90 -52.58 17.61 13.12
C LEU A 90 -51.41 18.59 12.98
N LEU A 91 -51.42 19.40 11.92
CA LEU A 91 -50.31 20.30 11.69
C LEU A 91 -50.15 21.30 12.83
N ASN A 92 -51.25 21.88 13.31
CA ASN A 92 -51.12 22.81 14.43
C ASN A 92 -50.54 22.10 15.65
N SER A 93 -51.08 20.94 15.99
CA SER A 93 -50.55 20.16 17.10
C SER A 93 -49.08 19.80 16.88
N ALA A 94 -48.68 19.59 15.64
CA ALA A 94 -47.33 19.13 15.37
C ALA A 94 -46.28 20.24 15.38
N PHE A 95 -46.70 21.51 15.41
CA PHE A 95 -45.76 22.62 15.58
C PHE A 95 -45.99 23.38 16.87
N ASN A 96 -47.07 23.10 17.58
CA ASN A 96 -47.33 23.79 18.83
C ASN A 96 -47.28 22.90 20.05
N GLU A 97 -47.41 21.59 19.90
CA GLU A 97 -47.49 20.76 21.09
C GLU A 97 -46.25 21.00 21.95
N GLY A 98 -46.43 20.85 23.26
CA GLY A 98 -45.35 21.15 24.18
C GLY A 98 -44.16 20.25 24.02
N LYS A 99 -44.38 18.93 24.09
CA LYS A 99 -43.30 17.95 24.25
C LYS A 99 -43.02 17.18 22.95
N ASP A 100 -41.73 17.04 22.63
CA ASP A 100 -41.36 16.50 21.32
C ASP A 100 -42.07 15.18 21.02
N ALA A 101 -42.17 14.30 22.03
CA ALA A 101 -42.77 12.99 21.77
C ALA A 101 -44.18 13.12 21.19
N VAL A 102 -44.98 14.04 21.73
CA VAL A 102 -46.29 14.26 21.14
C VAL A 102 -46.17 14.93 19.78
N ARG A 103 -45.20 15.83 19.63
CA ARG A 103 -44.98 16.44 18.32
C ARG A 103 -44.67 15.37 17.29
N HIS A 104 -43.78 14.46 17.65
CA HIS A 104 -43.40 13.41 16.73
C HIS A 104 -44.60 12.49 16.45
N ALA A 105 -45.40 12.20 17.48
CA ALA A 105 -46.57 11.37 17.27
C ALA A 105 -47.47 11.97 16.20
N ASN A 106 -47.72 13.27 16.30
CA ASN A 106 -48.54 13.97 15.31
C ASN A 106 -47.90 13.92 13.92
N ALA A 107 -46.58 14.14 13.85
CA ALA A 107 -45.91 14.25 12.56
C ALA A 107 -45.97 12.95 11.76
N ARG A 108 -45.74 11.81 12.43
CA ARG A 108 -45.73 10.54 11.70
C ARG A 108 -47.10 10.22 11.12
N VAL A 109 -48.17 10.58 11.83
CA VAL A 109 -49.51 10.42 11.30
C VAL A 109 -49.68 11.25 10.04
N ILE A 110 -49.12 12.47 10.06
CA ILE A 110 -49.20 13.37 8.91
C ILE A 110 -48.53 12.74 7.69
N ALA A 111 -47.36 12.11 7.90
CA ALA A 111 -46.62 11.54 6.78
C ALA A 111 -47.36 10.36 6.17
N SER A 112 -47.89 9.45 7.00
CA SER A 112 -48.64 8.33 6.46
C SER A 112 -49.85 8.82 5.67
N ILE A 113 -50.48 9.89 6.13
CA ILE A 113 -51.55 10.52 5.36
C ILE A 113 -51.02 11.03 4.02
N GLY A 114 -49.85 11.68 4.04
CA GLY A 114 -49.31 12.24 2.82
C GLY A 114 -49.00 11.20 1.75
N SER A 115 -48.45 10.05 2.16
CA SER A 115 -48.15 8.99 1.20
C SER A 115 -49.44 8.44 0.59
N GLU A 116 -50.45 8.18 1.43
CA GLU A 116 -51.75 7.74 0.92
C GLU A 116 -52.39 8.82 0.07
N GLU A 117 -52.46 10.05 0.58
CA GLU A 117 -53.03 11.16 -0.17
C GLU A 117 -52.05 11.61 -1.26
N LEU A 118 -51.40 10.64 -1.89
CA LEU A 118 -50.53 10.83 -3.05
C LEU A 118 -50.71 9.69 -4.04
N ASP A 119 -51.88 9.04 -4.01
CA ASP A 119 -52.30 8.22 -5.15
C ASP A 119 -52.28 9.04 -6.43
N GLU A 120 -53.13 10.08 -6.49
CA GLU A 120 -53.05 11.18 -7.45
C GLU A 120 -52.54 12.42 -6.72
N LYS A 121 -52.73 13.58 -7.34
CA LYS A 121 -52.29 14.85 -6.77
C LYS A 121 -53.35 15.35 -5.77
N LYS A 122 -53.48 14.61 -4.67
CA LYS A 122 -54.55 14.90 -3.74
C LYS A 122 -54.16 15.97 -2.72
N TRP A 123 -52.87 16.05 -2.39
CA TRP A 123 -52.34 17.03 -1.44
C TRP A 123 -51.09 17.67 -2.02
N PRO A 124 -51.23 18.40 -3.12
CA PRO A 124 -50.03 18.90 -3.82
C PRO A 124 -49.25 19.95 -3.04
N GLU A 125 -49.85 20.62 -2.05
CA GLU A 125 -49.13 21.65 -1.31
C GLU A 125 -48.27 21.12 -0.17
N LEU A 126 -48.40 19.85 0.20
CA LEU A 126 -47.70 19.36 1.38
C LEU A 126 -46.19 19.48 1.25
N ILE A 127 -45.61 18.94 0.19
CA ILE A 127 -44.17 18.93 0.02
C ILE A 127 -43.65 20.35 -0.18
N PRO A 128 -44.36 21.18 -0.95
CA PRO A 128 -43.95 22.59 -1.08
C PRO A 128 -44.01 23.37 0.22
N ASN A 129 -45.02 23.11 1.06
CA ASN A 129 -45.10 23.80 2.35
C ASN A 129 -43.97 23.34 3.28
N LEU A 130 -43.71 22.04 3.32
CA LEU A 130 -42.66 21.52 4.20
C LEU A 130 -41.30 22.06 3.79
N LEU A 131 -41.05 22.12 2.49
CA LEU A 131 -39.81 22.72 1.99
C LEU A 131 -39.71 24.18 2.43
N GLN A 132 -40.84 24.89 2.46
CA GLN A 132 -40.88 26.24 2.99
C GLN A 132 -40.55 26.29 4.47
N ALA A 133 -41.25 25.49 5.28
CA ALA A 133 -41.07 25.58 6.73
C ALA A 133 -39.64 25.24 7.13
N ALA A 134 -39.00 24.34 6.39
CA ALA A 134 -37.63 23.94 6.67
C ALA A 134 -36.62 25.06 6.43
N CYS A 135 -37.02 26.15 5.77
CA CYS A 135 -36.15 27.32 5.61
C CYS A 135 -36.61 28.49 6.47
N ASP A 136 -37.53 28.24 7.38
CA ASP A 136 -38.07 29.29 8.23
C ASP A 136 -37.04 29.87 9.21
N SER A 137 -37.23 31.13 9.58
CA SER A 137 -36.31 31.74 10.53
C SER A 137 -36.39 31.06 11.91
N ASN A 138 -37.53 30.50 12.28
CA ASN A 138 -37.68 29.85 13.58
C ASN A 138 -37.03 28.46 13.58
N PRO A 139 -35.97 28.23 14.36
CA PRO A 139 -35.29 26.91 14.32
C PRO A 139 -36.21 25.75 14.69
N LYS A 140 -37.13 25.96 15.64
CA LYS A 140 -38.07 24.91 15.98
C LYS A 140 -39.00 24.61 14.82
N ILE A 141 -39.39 25.62 14.04
CA ILE A 141 -40.21 25.33 12.87
C ILE A 141 -39.42 24.52 11.85
N ARG A 142 -38.13 24.83 11.68
CA ARG A 142 -37.32 24.07 10.73
C ARG A 142 -37.18 22.62 11.17
N GLU A 143 -36.98 22.41 12.48
CA GLU A 143 -36.74 21.07 12.99
C GLU A 143 -37.93 20.15 12.76
N THR A 144 -39.14 20.63 13.05
CA THR A 144 -40.33 19.79 12.86
C THR A 144 -40.60 19.56 11.39
N ALA A 145 -40.30 20.54 10.55
CA ALA A 145 -40.44 20.36 9.11
C ALA A 145 -39.54 19.24 8.60
N ILE A 146 -38.25 19.26 8.96
CA ILE A 146 -37.36 18.20 8.51
C ILE A 146 -37.81 16.86 9.07
N PHE A 147 -38.29 16.86 10.32
CA PHE A 147 -38.77 15.60 10.89
C PHE A 147 -39.93 15.06 10.08
N ILE A 148 -40.84 15.93 9.64
CA ILE A 148 -41.97 15.45 8.85
C ILE A 148 -41.50 14.97 7.48
N ILE A 149 -40.52 15.66 6.88
CA ILE A 149 -39.97 15.22 5.60
C ILE A 149 -39.31 13.86 5.75
N LEU A 150 -38.65 13.62 6.89
CA LEU A 150 -38.03 12.32 7.10
C LEU A 150 -39.08 11.21 7.17
N SER A 151 -40.21 11.46 7.83
CA SER A 151 -41.27 10.47 7.89
C SER A 151 -41.82 10.15 6.51
N LEU A 152 -41.97 11.18 5.66
CA LEU A 152 -42.41 10.95 4.29
C LEU A 152 -41.43 10.05 3.56
N LEU A 153 -40.14 10.36 3.66
CA LEU A 153 -39.12 9.55 3.04
C LEU A 153 -39.19 8.11 3.55
N GLU A 154 -39.56 7.94 4.83
CA GLU A 154 -39.74 6.61 5.40
C GLU A 154 -40.92 5.87 4.78
N SER A 155 -41.87 6.60 4.18
CA SER A 155 -43.00 5.94 3.54
C SER A 155 -42.61 5.26 2.24
N PHE A 156 -41.47 5.63 1.66
CA PHE A 156 -41.01 5.09 0.39
C PHE A 156 -42.01 5.36 -0.73
N ASN A 157 -42.89 6.35 -0.59
CA ASN A 157 -43.85 6.60 -1.66
C ASN A 157 -43.09 6.89 -2.95
N ALA A 158 -43.42 6.14 -4.01
CA ALA A 158 -42.64 6.23 -5.23
C ALA A 158 -42.61 7.67 -5.78
N ASN A 159 -43.64 8.47 -5.50
CA ASN A 159 -43.68 9.83 -5.99
C ASN A 159 -42.59 10.74 -5.43
N LEU A 160 -41.97 10.36 -4.31
CA LEU A 160 -40.94 11.22 -3.75
C LEU A 160 -39.74 11.35 -4.68
N ALA A 161 -39.53 10.36 -5.56
CA ALA A 161 -38.44 10.44 -6.53
C ALA A 161 -38.63 11.62 -7.46
N LEU A 162 -39.86 12.14 -7.55
CA LEU A 162 -40.10 13.33 -8.35
C LEU A 162 -39.39 14.55 -7.76
N HIS A 163 -38.92 14.47 -6.51
CA HIS A 163 -38.40 15.63 -5.77
C HIS A 163 -36.92 15.51 -5.37
N ILE A 164 -36.13 14.64 -6.00
CA ILE A 164 -34.77 14.38 -5.51
C ILE A 164 -33.94 15.66 -5.49
N ASP A 165 -34.07 16.50 -6.52
CA ASP A 165 -33.28 17.72 -6.55
C ASP A 165 -33.71 18.68 -5.44
N ASP A 166 -35.01 18.72 -5.14
CA ASP A 166 -35.46 19.52 -4.00
C ASP A 166 -34.72 19.09 -2.73
N PHE A 167 -34.79 17.79 -2.42
CA PHE A 167 -34.21 17.26 -1.20
C PHE A 167 -32.71 17.49 -1.16
N LEU A 168 -32.03 17.29 -2.30
CA LEU A 168 -30.61 17.53 -2.36
C LEU A 168 -30.29 18.99 -2.02
N ASN A 169 -31.08 19.92 -2.55
CA ASN A 169 -30.84 21.32 -2.26
C ASN A 169 -31.19 21.68 -0.82
N LEU A 170 -32.32 21.18 -0.30
CA LEU A 170 -32.69 21.49 1.08
C LEU A 170 -31.69 20.88 2.07
N PHE A 171 -31.41 19.58 1.95
CA PHE A 171 -30.52 18.93 2.92
C PHE A 171 -29.10 19.50 2.84
N ALA A 172 -28.69 19.98 1.67
CA ALA A 172 -27.40 20.64 1.56
C ALA A 172 -27.31 21.84 2.48
N GLN A 173 -28.44 22.50 2.76
CA GLN A 173 -28.43 23.59 3.72
C GLN A 173 -28.68 23.08 5.14
N THR A 174 -29.80 22.34 5.36
CA THR A 174 -30.19 22.05 6.74
C THR A 174 -29.18 21.18 7.46
N ILE A 175 -28.32 20.44 6.73
CA ILE A 175 -27.32 19.56 7.35
C ILE A 175 -26.35 20.36 8.20
N ASN A 176 -26.12 21.63 7.86
CA ASN A 176 -25.23 22.51 8.60
C ASN A 176 -25.97 23.50 9.48
N ASP A 177 -27.25 23.23 9.76
CA ASP A 177 -28.04 24.15 10.55
C ASP A 177 -27.32 24.43 11.88
N SER A 178 -27.06 25.71 12.16
CA SER A 178 -26.27 26.09 13.33
C SER A 178 -27.08 26.20 14.60
N ALA A 179 -28.40 26.08 14.51
CA ALA A 179 -29.26 26.25 15.68
C ALA A 179 -29.67 24.94 16.31
N SER A 180 -29.87 23.89 15.51
CA SER A 180 -30.37 22.62 16.03
C SER A 180 -29.50 21.47 15.54
N LEU A 181 -28.75 20.87 16.47
CA LEU A 181 -28.06 19.62 16.19
C LEU A 181 -29.07 18.54 15.83
N GLU A 182 -30.25 18.58 16.44
CA GLU A 182 -31.27 17.63 16.05
C GLU A 182 -31.62 17.78 14.57
N THR A 183 -31.77 19.02 14.11
CA THR A 183 -32.08 19.24 12.70
C THR A 183 -30.95 18.73 11.80
N ARG A 184 -29.70 18.87 12.21
CA ARG A 184 -28.60 18.37 11.39
C ARG A 184 -28.64 16.85 11.29
N SER A 185 -28.88 16.18 12.43
CA SER A 185 -28.96 14.73 12.43
C SER A 185 -30.13 14.24 11.58
N LEU A 186 -31.29 14.88 11.69
CA LEU A 186 -32.43 14.42 10.89
C LEU A 186 -32.11 14.54 9.40
N SER A 187 -31.35 15.58 9.04
CA SER A 187 -30.98 15.76 7.64
C SER A 187 -30.07 14.63 7.15
N ALA A 188 -29.08 14.25 7.96
CA ALA A 188 -28.24 13.10 7.61
C ALA A 188 -29.09 11.84 7.49
N GLN A 189 -29.99 11.62 8.44
CA GLN A 189 -30.89 10.49 8.33
C GLN A 189 -31.68 10.56 7.04
N ALA A 190 -32.15 11.76 6.67
CA ALA A 190 -32.93 11.90 5.46
C ALA A 190 -32.13 11.55 4.20
N LEU A 191 -30.83 11.84 4.23
CA LEU A 191 -29.96 11.61 3.08
C LEU A 191 -29.86 10.13 2.71
N SER A 192 -30.02 9.24 3.68
CA SER A 192 -30.00 7.83 3.34
C SER A 192 -31.11 7.52 2.34
N TYR A 193 -32.30 8.07 2.57
CA TYR A 193 -33.41 7.82 1.66
C TYR A 193 -33.21 8.50 0.31
N VAL A 194 -32.66 9.72 0.29
CA VAL A 194 -32.49 10.42 -0.99
C VAL A 194 -31.52 9.66 -1.88
N SER A 195 -30.48 9.03 -1.30
CA SER A 195 -29.54 8.27 -2.11
C SER A 195 -30.18 7.04 -2.73
N SER A 196 -30.96 6.30 -1.94
CA SER A 196 -31.68 5.16 -2.49
C SER A 196 -32.55 5.58 -3.68
N LEU A 197 -33.10 6.80 -3.64
CA LEU A 197 -33.91 7.29 -4.76
C LEU A 197 -33.05 7.55 -5.99
N ILE A 198 -31.89 8.18 -5.82
CA ILE A 198 -31.09 8.48 -7.01
C ILE A 198 -30.59 7.20 -7.67
N GLU A 199 -30.32 6.14 -6.88
CA GLU A 199 -29.94 4.83 -7.42
C GLU A 199 -31.12 4.08 -8.06
N GLU A 200 -32.36 4.39 -7.68
CA GLU A 200 -33.52 3.75 -8.33
C GLU A 200 -33.59 4.11 -9.80
N GLU A 201 -33.07 5.28 -10.17
CA GLU A 201 -33.15 5.76 -11.55
C GLU A 201 -32.37 4.87 -12.50
N GLY A 202 -32.82 4.84 -13.76
CA GLY A 202 -32.18 3.97 -14.72
C GLY A 202 -30.68 4.21 -14.77
N GLU A 203 -30.30 5.47 -14.97
CA GLU A 203 -28.90 5.87 -14.97
C GLU A 203 -28.70 6.86 -13.83
N ILE A 204 -27.66 6.62 -13.04
CA ILE A 204 -27.30 7.55 -12.00
C ILE A 204 -27.20 8.93 -12.60
N ASN A 205 -27.95 9.88 -12.08
CA ASN A 205 -27.80 11.22 -12.60
C ASN A 205 -26.43 11.70 -12.15
N PRO A 206 -25.52 12.06 -13.05
CA PRO A 206 -24.17 12.44 -12.58
C PRO A 206 -24.21 13.70 -11.74
N GLN A 207 -25.05 14.66 -12.14
CA GLN A 207 -25.19 15.87 -11.36
C GLN A 207 -25.72 15.57 -9.96
N TYR A 208 -26.68 14.65 -9.83
CA TYR A 208 -27.18 14.32 -8.49
C TYR A 208 -26.07 13.77 -7.62
N ALA A 209 -25.38 12.73 -8.11
CA ALA A 209 -24.36 12.05 -7.31
C ALA A 209 -23.24 12.99 -6.90
N ALA A 210 -22.88 13.95 -7.76
CA ALA A 210 -21.90 14.94 -7.36
C ALA A 210 -22.42 15.78 -6.19
N LYS A 211 -23.70 16.18 -6.23
CA LYS A 211 -24.28 16.87 -5.08
C LYS A 211 -24.28 15.97 -3.85
N PHE A 212 -24.74 14.73 -4.02
CA PHE A 212 -24.82 13.85 -2.86
C PHE A 212 -23.45 13.61 -2.24
N ALA A 213 -22.44 13.33 -3.07
CA ALA A 213 -21.09 13.09 -2.55
C ALA A 213 -20.53 14.32 -1.84
N SER A 214 -20.88 15.52 -2.32
CA SER A 214 -20.42 16.75 -1.67
C SER A 214 -20.93 16.87 -0.24
N LEU A 215 -22.07 16.25 0.07
CA LEU A 215 -22.65 16.28 1.39
C LEU A 215 -21.98 15.34 2.39
N ILE A 216 -21.20 14.36 1.92
CA ILE A 216 -20.64 13.36 2.84
C ILE A 216 -19.73 13.98 3.88
N PRO A 217 -18.83 14.90 3.54
CA PRO A 217 -18.06 15.58 4.61
C PRO A 217 -18.93 16.33 5.62
N SER A 218 -20.12 16.80 5.21
CA SER A 218 -21.03 17.46 6.15
C SER A 218 -21.56 16.48 7.18
N VAL A 219 -21.89 15.26 6.75
CA VAL A 219 -22.35 14.25 7.69
C VAL A 219 -21.25 13.90 8.67
N VAL A 220 -19.99 13.85 8.22
CA VAL A 220 -18.88 13.63 9.13
C VAL A 220 -18.79 14.77 10.14
N GLN A 221 -19.07 15.99 9.71
CA GLN A 221 -19.10 17.11 10.64
C GLN A 221 -20.25 16.96 11.65
N VAL A 222 -21.39 16.44 11.22
CA VAL A 222 -22.44 16.16 12.20
C VAL A 222 -21.99 15.10 13.18
N LEU A 223 -21.36 14.03 12.69
CA LEU A 223 -20.91 12.99 13.60
C LEU A 223 -19.97 13.58 14.63
N ASP A 224 -19.03 14.41 14.18
CA ASP A 224 -18.16 15.09 15.13
C ASP A 224 -18.95 15.89 16.15
N ALA A 225 -19.96 16.64 15.68
CA ALA A 225 -20.73 17.46 16.62
C ALA A 225 -21.44 16.62 17.65
N THR A 226 -22.11 15.53 17.22
CA THR A 226 -22.89 14.77 18.20
C THR A 226 -22.00 14.17 19.27
N ILE A 227 -20.78 13.77 18.90
CA ILE A 227 -19.84 13.23 19.88
C ILE A 227 -19.40 14.31 20.87
N ARG A 228 -19.13 15.53 20.38
CA ARG A 228 -18.72 16.60 21.29
C ARG A 228 -19.82 16.96 22.29
N GLU A 229 -21.08 17.00 21.85
CA GLU A 229 -22.18 17.35 22.75
C GLU A 229 -22.68 16.20 23.58
N GLY A 230 -22.17 14.99 23.38
CA GLY A 230 -22.63 13.85 24.12
C GLY A 230 -23.95 13.27 23.70
N ASP A 231 -24.48 13.64 22.54
CA ASP A 231 -25.78 13.15 22.09
C ASP A 231 -25.63 11.76 21.48
N THR A 232 -25.41 10.79 22.36
CA THR A 232 -25.17 9.42 21.92
C THR A 232 -26.35 8.87 21.13
N THR A 233 -27.57 9.34 21.40
CA THR A 233 -28.69 8.87 20.59
C THR A 233 -28.47 9.25 19.12
N ASN A 234 -28.05 10.49 18.86
CA ASN A 234 -27.85 10.87 17.47
C ASN A 234 -26.54 10.37 16.91
N THR A 235 -25.52 10.16 17.77
CA THR A 235 -24.26 9.60 17.29
C THR A 235 -24.48 8.23 16.65
N LYS A 236 -25.28 7.38 17.31
CA LYS A 236 -25.65 6.09 16.75
C LYS A 236 -26.38 6.26 15.42
N LEU A 237 -27.34 7.19 15.37
CA LEU A 237 -28.10 7.40 14.14
C LEU A 237 -27.18 7.82 12.98
N ILE A 238 -26.18 8.68 13.27
CA ILE A 238 -25.24 9.06 12.22
C ILE A 238 -24.38 7.87 11.82
N PHE A 239 -24.05 7.00 12.78
CA PHE A 239 -23.29 5.80 12.41
C PHE A 239 -24.09 4.93 11.47
N ASN A 240 -25.41 4.84 11.66
CA ASN A 240 -26.23 4.13 10.69
C ASN A 240 -26.12 4.77 9.32
N CYS A 241 -26.06 6.10 9.27
CA CYS A 241 -25.92 6.77 7.98
C CYS A 241 -24.60 6.40 7.32
N LEU A 242 -23.53 6.37 8.11
CA LEU A 242 -22.24 5.95 7.56
C LEU A 242 -22.30 4.51 7.08
N ASN A 243 -22.99 3.64 7.82
CA ASN A 243 -23.11 2.24 7.40
C ASN A 243 -23.84 2.12 6.07
N ASP A 244 -24.88 2.91 5.85
CA ASP A 244 -25.61 2.84 4.59
C ASP A 244 -24.78 3.35 3.41
N PHE A 245 -23.81 4.24 3.66
CA PHE A 245 -22.96 4.71 2.56
C PHE A 245 -22.15 3.57 1.99
N LEU A 246 -21.85 2.56 2.81
CA LEU A 246 -21.04 1.45 2.35
C LEU A 246 -21.69 0.76 1.16
N LEU A 247 -23.00 0.57 1.23
CA LEU A 247 -23.78 -0.10 0.20
C LEU A 247 -23.97 0.75 -1.05
N LEU A 248 -23.61 2.03 -1.01
CA LEU A 248 -23.91 2.90 -2.14
C LEU A 248 -22.99 2.65 -3.32
N ASP A 249 -23.48 3.04 -4.48
CA ASP A 249 -22.69 3.05 -5.69
C ASP A 249 -21.56 4.06 -5.53
N SER A 250 -20.40 3.71 -6.10
CA SER A 250 -19.18 4.49 -5.90
C SER A 250 -19.30 5.93 -6.37
N GLN A 251 -20.16 6.19 -7.37
CA GLN A 251 -20.32 7.55 -7.90
C GLN A 251 -20.92 8.51 -6.88
N LEU A 252 -21.79 8.02 -6.00
CA LEU A 252 -22.38 8.85 -4.95
C LEU A 252 -21.40 9.13 -3.81
N THR A 253 -20.60 8.14 -3.43
CA THR A 253 -19.72 8.24 -2.26
C THR A 253 -18.40 8.94 -2.53
N GLY A 254 -18.02 9.14 -3.79
CA GLY A 254 -16.71 9.72 -4.09
C GLY A 254 -15.61 8.76 -3.67
N ASN A 255 -14.55 9.30 -3.08
CA ASN A 255 -13.44 8.48 -2.59
C ASN A 255 -13.44 8.39 -1.06
N THR A 256 -14.61 8.58 -0.44
CA THR A 256 -14.67 8.79 0.99
C THR A 256 -14.47 7.53 1.81
N ILE A 257 -14.93 6.37 1.32
CA ILE A 257 -15.12 5.20 2.19
C ILE A 257 -13.85 4.89 2.96
N ALA A 258 -12.71 4.97 2.29
CA ALA A 258 -11.44 4.76 2.99
C ALA A 258 -11.24 5.78 4.11
N ASP A 259 -11.59 7.05 3.86
CA ASP A 259 -11.39 8.07 4.88
C ASP A 259 -12.42 7.93 6.00
N LEU A 260 -13.60 7.42 5.67
CA LEU A 260 -14.56 7.08 6.72
C LEU A 260 -13.98 6.02 7.65
N VAL A 261 -13.30 5.01 7.07
CA VAL A 261 -12.67 3.98 7.88
C VAL A 261 -11.59 4.59 8.76
N LYS A 262 -10.75 5.45 8.18
CA LYS A 262 -9.66 6.06 8.95
C LYS A 262 -10.23 6.84 10.12
N LEU A 263 -11.32 7.56 9.88
CA LEU A 263 -12.00 8.33 10.93
C LEU A 263 -12.63 7.42 11.97
N ALA A 264 -13.27 6.33 11.56
CA ALA A 264 -13.84 5.45 12.57
C ALA A 264 -12.74 4.86 13.45
N LEU A 265 -11.57 4.60 12.89
CA LEU A 265 -10.49 4.11 13.72
C LEU A 265 -10.03 5.17 14.72
N GLN A 266 -9.97 6.44 14.32
CA GLN A 266 -9.61 7.50 15.28
C GLN A 266 -10.56 7.48 16.46
N ILE A 267 -11.87 7.37 16.18
CA ILE A 267 -12.86 7.29 17.24
C ILE A 267 -12.69 6.03 18.07
N ALA A 268 -12.46 4.87 17.43
CA ALA A 268 -12.42 3.60 18.17
C ALA A 268 -11.26 3.53 19.15
N VAL A 269 -10.07 3.99 18.74
CA VAL A 269 -8.91 3.90 19.64
C VAL A 269 -8.96 4.90 20.79
N ASN A 270 -9.74 5.98 20.68
CA ASN A 270 -9.76 7.05 21.69
C ASN A 270 -10.57 6.65 22.91
N SER A 271 -9.89 6.45 24.04
CA SER A 271 -10.57 5.99 25.26
C SER A 271 -11.31 7.10 26.00
N ASP A 272 -11.12 8.37 25.61
CA ASP A 272 -11.94 9.45 26.15
C ASP A 272 -13.39 9.29 25.74
N VAL A 273 -13.63 8.85 24.50
CA VAL A 273 -14.97 8.61 23.98
C VAL A 273 -15.71 7.52 24.77
N ASP A 274 -17.03 7.68 24.86
CA ASP A 274 -17.86 6.75 25.62
C ASP A 274 -17.81 5.37 24.99
N GLU A 275 -17.97 4.35 25.83
CA GLU A 275 -17.76 2.97 25.37
C GLU A 275 -18.68 2.64 24.22
N ASP A 276 -19.97 2.95 24.38
CA ASP A 276 -20.95 2.57 23.36
C ASP A 276 -20.68 3.26 22.03
N ILE A 277 -20.14 4.48 22.04
CA ILE A 277 -19.80 5.14 20.78
C ILE A 277 -18.64 4.41 20.08
N ARG A 278 -17.66 3.95 20.86
CA ARG A 278 -16.50 3.28 20.28
C ARG A 278 -16.91 1.96 19.64
N VAL A 279 -17.85 1.24 20.26
CA VAL A 279 -18.38 0.02 19.67
C VAL A 279 -18.96 0.30 18.30
N PHE A 280 -19.70 1.43 18.18
CA PHE A 280 -20.25 1.81 16.88
C PHE A 280 -19.17 1.92 15.83
N ALA A 281 -18.03 2.53 16.20
CA ALA A 281 -16.92 2.70 15.26
C ALA A 281 -16.29 1.35 14.90
N VAL A 282 -16.07 0.48 15.90
CA VAL A 282 -15.49 -0.83 15.59
C VAL A 282 -16.42 -1.58 14.66
N GLN A 283 -17.71 -1.53 14.95
CA GLN A 283 -18.70 -2.20 14.10
C GLN A 283 -18.68 -1.66 12.69
N PHE A 284 -18.51 -0.34 12.55
CA PHE A 284 -18.49 0.26 11.22
C PHE A 284 -17.32 -0.25 10.41
N VAL A 285 -16.13 -0.31 11.01
CA VAL A 285 -14.99 -0.83 10.26
C VAL A 285 -15.22 -2.30 9.94
N THR A 286 -15.74 -3.05 10.91
CA THR A 286 -16.09 -4.45 10.67
C THR A 286 -17.12 -4.55 9.55
N SER A 287 -18.05 -3.59 9.48
CA SER A 287 -19.02 -3.59 8.39
C SER A 287 -18.38 -3.24 7.05
N ALA A 288 -17.33 -2.39 7.03
CA ALA A 288 -16.66 -2.06 5.78
C ALA A 288 -15.87 -3.24 5.23
N LEU A 289 -15.30 -4.08 6.10
CA LEU A 289 -14.59 -5.26 5.63
C LEU A 289 -15.51 -6.18 4.84
N VAL A 290 -16.77 -6.28 5.25
CA VAL A 290 -17.72 -7.14 4.56
C VAL A 290 -18.12 -6.56 3.21
N TYR A 291 -18.50 -5.27 3.19
CA TYR A 291 -19.16 -4.68 2.03
C TYR A 291 -18.23 -3.90 1.10
N ARG A 292 -17.07 -3.46 1.55
CA ARG A 292 -16.16 -2.70 0.69
C ARG A 292 -14.71 -2.97 1.05
N LYS A 293 -14.31 -4.25 1.04
CA LYS A 293 -12.91 -4.58 1.30
C LYS A 293 -12.00 -4.14 0.14
N SER A 294 -12.53 -4.02 -1.07
CA SER A 294 -11.73 -3.49 -2.18
C SER A 294 -11.18 -2.10 -1.86
N LYS A 295 -12.03 -1.22 -1.28
CA LYS A 295 -11.58 0.12 -0.91
C LYS A 295 -10.50 0.06 0.17
N ILE A 296 -10.71 -0.79 1.18
CA ILE A 296 -9.74 -0.95 2.27
C ILE A 296 -8.40 -1.45 1.72
N ASN A 297 -8.46 -2.40 0.78
CA ASN A 297 -7.23 -2.89 0.15
C ASN A 297 -6.50 -1.78 -0.56
N GLN A 298 -7.24 -0.98 -1.34
CA GLN A 298 -6.64 0.12 -2.07
C GLN A 298 -5.94 1.10 -1.13
N ALA A 299 -6.49 1.31 0.06
CA ALA A 299 -5.82 2.21 0.99
C ALA A 299 -4.71 1.50 1.78
N LYS A 300 -4.51 0.21 1.54
CA LYS A 300 -3.64 -0.59 2.39
C LYS A 300 -3.98 -0.36 3.86
N LEU A 301 -5.28 -0.36 4.17
CA LEU A 301 -5.73 -0.12 5.54
C LEU A 301 -5.73 -1.36 6.41
N GLY A 302 -5.45 -2.54 5.86
CA GLY A 302 -5.53 -3.75 6.65
C GLY A 302 -4.68 -3.69 7.90
N PRO A 303 -3.40 -3.34 7.75
CA PRO A 303 -2.53 -3.27 8.95
C PRO A 303 -2.96 -2.24 9.97
N GLU A 304 -3.41 -1.05 9.55
CA GLU A 304 -3.89 -0.07 10.54
C GLU A 304 -5.14 -0.56 11.24
N ILE A 305 -6.05 -1.21 10.50
CA ILE A 305 -7.21 -1.80 11.12
C ILE A 305 -6.78 -2.84 12.15
N THR A 306 -5.87 -3.74 11.76
CA THR A 306 -5.43 -4.78 12.70
C THR A 306 -4.82 -4.15 13.95
N LEU A 307 -3.93 -3.19 13.78
CA LEU A 307 -3.27 -2.62 14.94
C LEU A 307 -4.24 -1.82 15.79
N ALA A 308 -5.18 -1.11 15.15
CA ALA A 308 -6.19 -0.40 15.93
C ALA A 308 -6.97 -1.37 16.79
N ALA A 309 -7.45 -2.45 16.17
CA ALA A 309 -8.19 -3.48 16.89
C ALA A 309 -7.34 -4.13 17.98
N LEU A 310 -6.04 -4.27 17.73
CA LEU A 310 -5.15 -4.82 18.75
C LEU A 310 -5.06 -3.92 19.99
N LYS A 311 -5.00 -2.60 19.79
CA LYS A 311 -4.89 -1.69 20.93
C LYS A 311 -6.18 -1.62 21.75
N VAL A 312 -7.34 -1.60 21.08
CA VAL A 312 -8.59 -1.66 21.81
C VAL A 312 -8.74 -2.98 22.57
N ALA A 313 -8.26 -4.09 21.97
CA ALA A 313 -8.39 -5.39 22.63
C ALA A 313 -7.56 -5.49 23.90
N SER A 314 -6.50 -4.68 24.01
CA SER A 314 -5.64 -4.66 25.18
C SER A 314 -6.21 -3.88 26.36
N GLU A 315 -7.37 -3.25 26.19
CA GLU A 315 -7.94 -2.45 27.27
C GLU A 315 -8.50 -3.32 28.40
N GLU A 316 -8.46 -2.76 29.60
CA GLU A 316 -8.87 -3.48 30.80
C GLU A 316 -10.32 -3.95 30.71
N ILE A 317 -10.57 -5.17 31.15
CA ILE A 317 -11.91 -5.73 31.14
C ILE A 317 -12.19 -6.27 32.54
N ASP A 318 -13.44 -6.67 32.77
CA ASP A 318 -13.84 -7.18 34.07
C ASP A 318 -13.30 -8.60 34.22
N VAL A 319 -12.19 -8.72 34.95
CA VAL A 319 -11.51 -10.00 35.04
C VAL A 319 -12.40 -11.05 35.69
N GLU A 320 -13.00 -10.71 36.85
CA GLU A 320 -13.78 -11.70 37.57
C GLU A 320 -15.02 -12.11 36.76
N ASP A 321 -15.60 -11.21 36.00
CA ASP A 321 -16.70 -11.62 35.12
C ASP A 321 -16.21 -12.60 34.04
N GLU A 322 -15.06 -12.31 33.43
CA GLU A 322 -14.53 -13.19 32.39
C GLU A 322 -14.30 -14.60 32.93
N LEU A 323 -13.80 -14.69 34.17
CA LEU A 323 -13.39 -15.93 34.79
C LEU A 323 -14.56 -16.80 35.26
N THR A 324 -15.70 -16.22 35.65
CA THR A 324 -16.77 -17.03 36.23
C THR A 324 -18.12 -16.94 35.51
N ASN A 325 -18.40 -15.83 34.84
CA ASN A 325 -19.68 -15.68 34.15
C ASN A 325 -19.61 -16.47 32.85
N GLU A 326 -20.45 -17.48 32.76
CA GLU A 326 -20.48 -18.32 31.58
C GLU A 326 -21.25 -17.53 30.52
N ASP A 327 -20.70 -17.43 29.31
CA ASP A 327 -21.27 -16.50 28.32
C ASP A 327 -22.79 -16.46 28.29
N GLU A 333 -19.47 -9.00 27.47
CA GLU A 333 -20.37 -8.52 26.43
C GLU A 333 -19.66 -8.12 25.12
N GLU A 334 -20.25 -8.44 23.97
CA GLU A 334 -19.65 -8.06 22.68
C GLU A 334 -20.16 -6.70 22.25
N ASN A 335 -20.81 -5.99 23.18
CA ASN A 335 -20.94 -4.55 23.11
C ASN A 335 -20.15 -3.88 24.25
N THR A 336 -18.87 -4.21 24.33
CA THR A 336 -17.85 -3.40 24.97
C THR A 336 -16.68 -3.36 24.00
N PRO A 337 -15.89 -2.28 24.00
CA PRO A 337 -14.93 -2.13 22.89
C PRO A 337 -14.00 -3.31 22.70
N ALA A 338 -13.37 -3.77 23.79
CA ALA A 338 -12.35 -4.80 23.66
C ALA A 338 -12.88 -6.08 23.02
N LEU A 339 -14.10 -6.47 23.34
CA LEU A 339 -14.65 -7.68 22.72
C LEU A 339 -15.04 -7.43 21.27
N THR A 340 -15.64 -6.28 20.97
CA THR A 340 -16.00 -5.92 19.60
C THR A 340 -14.77 -5.92 18.69
N ALA A 341 -13.63 -5.51 19.23
CA ALA A 341 -12.40 -5.53 18.46
C ALA A 341 -12.05 -6.94 18.01
N LEU A 342 -12.24 -7.93 18.88
CA LEU A 342 -11.91 -9.31 18.51
C LEU A 342 -12.75 -9.74 17.31
N ARG A 343 -14.02 -9.32 17.27
CA ARG A 343 -14.83 -9.58 16.08
C ARG A 343 -14.25 -8.87 14.86
N LEU A 344 -13.65 -7.71 15.07
CA LEU A 344 -13.02 -7.01 13.97
C LEU A 344 -11.79 -7.77 13.45
N ILE A 345 -10.91 -8.21 14.35
CA ILE A 345 -9.74 -8.99 13.92
C ILE A 345 -10.20 -10.25 13.21
N SER A 346 -11.22 -10.93 13.75
CA SER A 346 -11.72 -12.14 13.12
C SER A 346 -12.19 -11.85 11.69
N ASN A 347 -13.03 -10.82 11.52
CA ASN A 347 -13.51 -10.50 10.18
C ASN A 347 -12.38 -10.03 9.27
N ALA A 348 -11.45 -9.23 9.82
CA ALA A 348 -10.28 -8.83 9.03
C ALA A 348 -9.50 -10.03 8.53
N SER A 349 -9.27 -11.01 9.41
CA SER A 349 -8.56 -12.22 9.02
C SER A 349 -9.29 -13.01 7.94
N GLY A 350 -10.59 -12.97 7.90
CA GLY A 350 -11.30 -13.68 6.84
C GLY A 350 -11.28 -12.98 5.49
N GLU A 351 -11.38 -11.67 5.51
CA GLU A 351 -11.54 -10.89 4.29
C GLU A 351 -10.23 -10.53 3.62
N LEU A 352 -9.16 -10.38 4.38
CA LEU A 352 -7.92 -9.85 3.84
C LEU A 352 -6.82 -10.93 3.83
N SER A 353 -5.74 -10.61 3.12
CA SER A 353 -4.59 -11.48 3.05
C SER A 353 -3.84 -11.50 4.38
N PRO A 354 -3.25 -12.65 4.72
CA PRO A 354 -2.49 -12.75 5.98
C PRO A 354 -1.36 -11.75 6.11
N SER A 355 -0.82 -11.23 5.01
CA SER A 355 0.18 -10.15 5.11
C SER A 355 -0.43 -8.88 5.71
N GLN A 356 -1.69 -8.59 5.42
CA GLN A 356 -2.31 -7.39 5.97
C GLN A 356 -2.76 -7.57 7.42
N VAL A 357 -3.07 -8.79 7.89
CA VAL A 357 -3.64 -9.02 9.21
C VAL A 357 -2.77 -9.93 10.07
N GLY A 358 -2.43 -11.12 9.54
CA GLY A 358 -1.66 -12.08 10.31
C GLY A 358 -0.26 -11.60 10.61
N VAL A 359 0.41 -11.00 9.63
CA VAL A 359 1.77 -10.54 9.86
C VAL A 359 1.82 -9.44 10.91
N PRO A 360 0.98 -8.41 10.85
CA PRO A 360 1.00 -7.41 11.92
C PRO A 360 0.79 -8.01 13.31
N ILE A 361 -0.10 -8.99 13.46
CA ILE A 361 -0.31 -9.64 14.75
C ILE A 361 0.95 -10.37 15.21
N ILE A 362 1.57 -11.14 14.31
CA ILE A 362 2.74 -11.93 14.70
C ILE A 362 3.93 -11.02 14.98
N GLU A 363 4.04 -9.89 14.29
CA GLU A 363 5.14 -8.96 14.58
C GLU A 363 5.03 -8.41 16.00
N HIS A 364 3.82 -8.23 16.50
CA HIS A 364 3.60 -7.71 17.84
C HIS A 364 3.51 -8.80 18.90
N LEU A 365 3.58 -10.07 18.52
CA LEU A 365 3.49 -11.12 19.53
C LEU A 365 4.61 -11.05 20.56
N PRO A 366 5.87 -10.85 20.19
CA PRO A 366 6.94 -10.84 21.22
C PRO A 366 6.82 -9.73 22.25
N THR A 367 6.57 -8.49 21.84
CA THR A 367 6.50 -7.40 22.79
C THR A 367 5.25 -7.46 23.68
N LEU A 369 3.51 -10.25 24.47
CA LEU A 369 3.48 -11.44 25.30
C LEU A 369 4.35 -11.29 26.55
N SER A 370 5.37 -10.43 26.48
CA SER A 370 6.24 -10.17 27.61
C SER A 370 5.89 -8.86 28.32
N SER A 371 4.81 -8.19 27.90
CA SER A 371 4.37 -6.98 28.56
C SER A 371 3.98 -7.28 30.00
N SER A 372 4.20 -6.29 30.86
CA SER A 372 3.79 -6.39 32.25
C SER A 372 2.33 -6.05 32.44
N ASN A 373 1.66 -5.58 31.39
CA ASN A 373 0.23 -5.36 31.43
C ASN A 373 -0.47 -6.66 31.05
N PRO A 374 -1.09 -7.37 31.99
CA PRO A 374 -1.65 -8.68 31.64
C PRO A 374 -2.67 -8.58 30.53
N PHE A 375 -3.36 -7.45 30.43
CA PHE A 375 -4.37 -7.30 29.38
C PHE A 375 -3.73 -7.24 28.00
N GLU A 376 -2.46 -6.80 27.90
CA GLU A 376 -1.74 -6.92 26.62
C GLU A 376 -1.32 -8.37 26.36
N ARG A 377 -0.93 -9.09 27.41
CA ARG A 377 -0.62 -10.51 27.26
C ARG A 377 -1.87 -11.27 26.85
N ARG A 378 -2.99 -10.96 27.50
CA ARG A 378 -4.26 -11.58 27.16
C ARG A 378 -4.65 -11.26 25.72
N SER A 379 -4.49 -10.01 25.33
CA SER A 379 -4.96 -9.57 24.02
C SER A 379 -4.28 -10.35 22.89
N ILE A 380 -2.95 -10.42 22.91
CA ILE A 380 -2.25 -11.03 21.78
C ILE A 380 -2.62 -12.49 21.66
N LEU A 381 -2.86 -13.16 22.80
CA LEU A 381 -3.29 -14.55 22.76
C LEU A 381 -4.68 -14.67 22.14
N LEU A 382 -5.63 -13.82 22.57
CA LEU A 382 -6.96 -13.88 21.98
C LEU A 382 -6.96 -13.41 20.52
N ALA A 383 -6.03 -12.52 20.17
CA ALA A 383 -5.89 -12.12 18.77
C ALA A 383 -5.52 -13.30 17.92
N ILE A 384 -4.61 -14.16 18.41
CA ILE A 384 -4.23 -15.33 17.62
C ILE A 384 -5.41 -16.28 17.52
N SER A 385 -6.15 -16.48 18.61
CA SER A 385 -7.24 -17.45 18.59
C SER A 385 -8.30 -17.08 17.55
N VAL A 386 -8.49 -15.78 17.32
CA VAL A 386 -9.46 -15.34 16.33
C VAL A 386 -8.85 -15.21 14.93
N LEU A 387 -7.52 -15.15 14.83
CA LEU A 387 -6.85 -15.14 13.53
C LEU A 387 -6.88 -16.51 12.85
N VAL A 388 -6.88 -17.60 13.62
CA VAL A 388 -6.69 -18.95 13.05
C VAL A 388 -7.83 -19.34 12.13
N THR A 389 -9.05 -18.88 12.38
CA THR A 389 -10.17 -19.36 11.57
C THR A 389 -10.10 -18.88 10.12
N GLY A 390 -9.76 -17.63 9.90
CA GLY A 390 -9.75 -17.09 8.55
C GLY A 390 -8.43 -17.25 7.82
N SER A 391 -7.37 -17.48 8.59
CA SER A 391 -6.01 -17.64 8.07
C SER A 391 -5.37 -18.86 8.69
N PRO A 392 -5.95 -20.07 8.45
CA PRO A 392 -5.41 -21.31 9.04
C PRO A 392 -4.01 -21.65 8.54
N ASP A 393 -3.80 -21.54 7.23
CA ASP A 393 -2.50 -21.85 6.65
C ASP A 393 -1.43 -20.88 7.15
N TYR A 394 -1.73 -19.57 7.17
CA TYR A 394 -0.74 -18.65 7.69
C TYR A 394 -0.43 -18.97 9.14
N THR A 395 -1.47 -19.20 9.97
CA THR A 395 -1.26 -19.51 11.38
C THR A 395 -0.39 -20.74 11.54
N LEU A 396 -0.63 -21.79 10.75
CA LEU A 396 0.17 -23.00 10.86
C LEU A 396 1.64 -22.71 10.62
N SER A 397 1.95 -21.87 9.63
CA SER A 397 3.34 -21.56 9.33
C SER A 397 4.02 -20.78 10.44
N GLN A 398 3.27 -20.20 11.37
CA GLN A 398 3.87 -19.46 12.47
C GLN A 398 3.92 -20.27 13.75
N PHE A 399 3.72 -21.58 13.67
CA PHE A 399 3.74 -22.41 14.87
C PHE A 399 5.07 -22.34 15.59
N ASP A 400 6.17 -22.12 14.88
CA ASP A 400 7.45 -21.96 15.58
C ASP A 400 7.39 -20.81 16.58
N LYS A 401 6.48 -19.84 16.35
CA LYS A 401 6.26 -18.73 17.27
C LYS A 401 5.04 -18.94 18.16
N ILE A 402 3.94 -19.47 17.62
CA ILE A 402 2.67 -19.54 18.34
C ILE A 402 2.64 -20.63 19.40
N ILE A 403 3.15 -21.83 19.11
CA ILE A 403 3.09 -22.89 20.12
C ILE A 403 3.87 -22.48 21.37
N PRO A 404 5.09 -21.96 21.28
CA PRO A 404 5.75 -21.47 22.51
C PRO A 404 4.97 -20.37 23.19
N ALA A 405 4.34 -19.49 22.42
CA ALA A 405 3.58 -18.41 23.01
C ALA A 405 2.41 -18.94 23.83
N THR A 406 1.67 -19.91 23.30
CA THR A 406 0.56 -20.46 24.08
C THR A 406 1.08 -21.13 25.34
N VAL A 407 2.25 -21.76 25.27
CA VAL A 407 2.84 -22.41 26.44
C VAL A 407 3.21 -21.37 27.49
N THR A 408 3.74 -20.22 27.03
CA THR A 408 4.03 -19.15 27.97
C THR A 408 2.76 -18.65 28.63
N GLY A 409 1.66 -18.60 27.86
CA GLY A 409 0.41 -18.13 28.42
C GLY A 409 -0.09 -19.05 29.52
N LEU A 410 0.02 -20.36 29.29
CA LEU A 410 -0.41 -21.31 30.31
C LEU A 410 0.41 -21.18 31.57
N LYS A 411 1.65 -20.68 31.45
CA LYS A 411 2.53 -20.53 32.60
C LYS A 411 2.32 -19.22 33.35
N ASP A 412 1.46 -18.34 32.86
CA ASP A 412 1.33 -17.00 33.44
C ASP A 412 0.74 -17.08 34.85
N SER A 413 1.11 -16.08 35.67
CA SER A 413 0.54 -15.99 37.01
C SER A 413 -0.93 -15.61 36.96
N GLU A 414 -1.30 -14.75 36.01
CA GLU A 414 -2.64 -14.18 35.94
C GLU A 414 -3.58 -15.11 35.19
N ALA A 415 -4.66 -15.53 35.87
CA ALA A 415 -5.58 -16.49 35.28
C ALA A 415 -6.21 -15.96 34.00
N VAL A 416 -6.43 -14.64 33.90
CA VAL A 416 -6.98 -14.09 32.67
C VAL A 416 -6.07 -14.43 31.49
N VAL A 417 -4.76 -14.36 31.70
CA VAL A 417 -3.83 -14.77 30.64
C VAL A 417 -3.94 -16.27 30.39
N GLN A 418 -4.02 -17.05 31.47
CA GLN A 418 -4.14 -18.51 31.31
C GLN A 418 -5.41 -18.87 30.54
N LEU A 419 -6.52 -18.20 30.85
CA LEU A 419 -7.76 -18.47 30.14
C LEU A 419 -7.61 -18.16 28.66
N ALA A 420 -6.91 -17.08 28.35
CA ALA A 420 -6.68 -16.68 26.96
C ALA A 420 -5.90 -17.75 26.19
N ALA A 421 -4.79 -18.21 26.76
CA ALA A 421 -3.99 -19.24 26.10
C ALA A 421 -4.82 -20.48 25.79
N LEU A 422 -5.64 -20.91 26.74
CA LEU A 422 -6.50 -22.07 26.54
C LEU A 422 -7.51 -21.82 25.44
N LYS A 423 -8.07 -20.62 25.36
CA LYS A 423 -8.97 -20.30 24.26
C LYS A 423 -8.24 -20.33 22.95
N CYS A 424 -7.00 -19.86 22.95
CA CYS A 424 -6.18 -19.91 21.75
C CYS A 424 -5.94 -21.35 21.32
N ILE A 425 -5.57 -22.21 22.27
CA ILE A 425 -5.30 -23.60 21.93
C ILE A 425 -6.56 -24.26 21.42
N VAL A 426 -7.70 -23.95 22.03
CA VAL A 426 -8.94 -24.56 21.59
C VAL A 426 -9.17 -24.22 20.14
N GLN A 427 -9.00 -22.97 19.85
CA GLN A 427 -9.20 -22.45 18.53
C GLN A 427 -8.27 -23.04 17.52
N LEU A 428 -7.03 -23.22 17.89
CA LEU A 428 -6.09 -23.85 17.01
C LEU A 428 -6.43 -25.28 16.72
N SER A 429 -6.83 -26.03 17.72
CA SER A 429 -7.20 -27.40 17.56
C SER A 429 -8.38 -27.60 16.71
N THR A 430 -9.36 -26.76 16.82
CA THR A 430 -10.53 -26.93 16.01
C THR A 430 -10.18 -26.80 14.58
N ASN A 431 -9.44 -25.77 14.25
CA ASN A 431 -8.99 -25.48 12.92
C ASN A 431 -7.89 -26.26 12.30
N LEU A 432 -6.86 -26.56 13.03
CA LEU A 432 -5.75 -27.26 12.49
C LEU A 432 -5.59 -28.43 13.37
N GLN A 433 -6.45 -29.39 13.24
CA GLN A 433 -6.55 -30.44 14.21
C GLN A 433 -5.43 -31.33 14.66
N ASP A 434 -4.74 -31.99 13.78
CA ASP A 434 -3.67 -32.83 14.21
C ASP A 434 -2.41 -32.10 14.41
N GLU A 435 -2.30 -30.94 13.82
CA GLU A 435 -1.09 -30.19 13.97
C GLU A 435 -0.86 -29.75 15.36
N VAL A 436 -1.91 -29.36 16.04
CA VAL A 436 -1.83 -28.96 17.44
C VAL A 436 -1.55 -30.15 18.31
N ALA A 437 -2.14 -31.25 17.97
CA ALA A 437 -1.99 -32.46 18.74
C ALA A 437 -0.58 -32.98 18.90
N ARG A 438 0.24 -32.82 17.90
CA ARG A 438 1.56 -33.34 17.93
C ARG A 438 2.35 -32.77 19.05
N TYR A 439 1.93 -31.66 19.60
CA TYR A 439 2.66 -31.04 20.71
C TYR A 439 2.07 -31.43 22.07
N HIS A 440 1.39 -32.57 22.15
CA HIS A 440 0.74 -32.97 23.41
C HIS A 440 1.73 -33.14 24.56
N GLU A 441 2.95 -33.60 24.29
CA GLU A 441 3.89 -33.86 25.38
C GLU A 441 4.18 -32.59 26.17
N GLN A 442 4.21 -31.43 25.50
CA GLN A 442 4.29 -30.16 26.23
C GLN A 442 2.94 -29.78 26.87
N TYR A 443 1.82 -29.95 26.13
CA TYR A 443 0.53 -29.40 26.57
C TYR A 443 -0.07 -30.20 27.72
N LEU A 444 -0.19 -31.52 27.58
CA LEU A 444 -1.00 -32.30 28.51
C LEU A 444 -0.61 -32.10 29.96
N PRO A 445 0.67 -32.10 30.33
CA PRO A 445 1.00 -31.85 31.73
C PRO A 445 0.53 -30.47 32.18
N LEU A 446 0.74 -29.45 31.31
CA LEU A 446 0.37 -28.09 31.64
C LEU A 446 -1.13 -27.93 31.81
N VAL A 447 -1.92 -28.55 30.91
CA VAL A 447 -3.37 -28.49 30.98
C VAL A 447 -3.91 -29.28 32.17
N ILE A 448 -3.32 -30.44 32.47
CA ILE A 448 -3.78 -31.21 33.62
C ILE A 448 -3.53 -30.44 34.91
N ASP A 449 -2.38 -29.78 35.00
CA ASP A 449 -2.07 -29.01 36.21
C ASP A 449 -3.08 -27.90 36.41
N ILE A 450 -3.46 -27.22 35.31
CA ILE A 450 -4.46 -26.15 35.41
C ILE A 450 -5.79 -26.72 35.90
N ILE A 451 -6.19 -27.87 35.37
CA ILE A 451 -7.44 -28.48 35.82
C ILE A 451 -7.35 -28.75 37.32
N ASP A 452 -6.22 -29.29 37.78
CA ASP A 452 -6.11 -29.69 39.19
C ASP A 452 -6.17 -28.51 40.14
N SER A 453 -5.66 -27.34 39.74
CA SER A 453 -5.62 -26.17 40.62
C SER A 453 -6.53 -25.04 40.15
N ALA A 454 -7.49 -25.30 39.28
CA ALA A 454 -8.32 -24.22 38.78
C ALA A 454 -9.19 -23.65 39.91
N LYS A 455 -9.27 -22.33 39.97
CA LYS A 455 -10.11 -21.66 40.95
C LYS A 455 -11.38 -21.09 40.36
N HIS A 456 -11.52 -21.08 39.04
CA HIS A 456 -12.68 -20.51 38.39
C HIS A 456 -13.32 -21.54 37.45
N VAL A 457 -14.64 -21.45 37.35
CA VAL A 457 -15.40 -22.39 36.54
C VAL A 457 -15.02 -22.28 35.04
N VAL A 458 -14.81 -21.07 34.53
CA VAL A 458 -14.51 -20.91 33.10
C VAL A 458 -13.11 -21.40 32.73
N ILE A 459 -12.15 -21.29 33.64
CA ILE A 459 -10.85 -21.89 33.35
C ILE A 459 -10.97 -23.41 33.33
N TYR A 460 -11.77 -23.98 34.25
CA TYR A 460 -11.98 -25.41 34.27
C TYR A 460 -12.62 -25.88 32.96
N LYS A 461 -13.65 -25.18 32.49
CA LYS A 461 -14.26 -25.56 31.23
C LYS A 461 -13.26 -25.50 30.08
N TYR A 462 -12.50 -24.41 29.97
CA TYR A 462 -11.59 -24.30 28.84
C TYR A 462 -10.36 -25.20 28.96
N ALA A 463 -9.93 -25.54 30.19
CA ALA A 463 -8.87 -26.54 30.29
C ALA A 463 -9.38 -27.93 29.88
N THR A 464 -10.59 -28.29 30.30
CA THR A 464 -11.17 -29.55 29.86
C THR A 464 -11.39 -29.52 28.35
N LEU A 465 -11.85 -28.38 27.82
CA LEU A 465 -12.08 -28.28 26.40
C LEU A 465 -10.78 -28.35 25.62
N ALA A 466 -9.72 -27.73 26.15
CA ALA A 466 -8.42 -27.82 25.51
C ALA A 466 -7.90 -29.27 25.51
N LEU A 467 -8.06 -29.98 26.62
CA LEU A 467 -7.71 -31.38 26.67
C LEU A 467 -8.53 -32.19 25.66
N ASP A 468 -9.82 -31.85 25.52
CA ASP A 468 -10.69 -32.58 24.61
C ASP A 468 -10.17 -32.51 23.17
N GLY A 469 -9.90 -31.29 22.69
CA GLY A 469 -9.45 -31.12 21.33
C GLY A 469 -8.08 -31.70 21.04
N LEU A 470 -7.20 -31.69 22.05
CA LEU A 470 -5.90 -32.30 21.87
C LEU A 470 -6.04 -33.82 21.74
N LEU A 471 -6.73 -34.43 22.69
CA LEU A 471 -6.86 -35.89 22.69
C LEU A 471 -7.57 -36.34 21.43
N GLU A 472 -8.54 -35.55 20.97
CA GLU A 472 -9.33 -35.95 19.82
C GLU A 472 -8.44 -36.29 18.62
N PHE A 473 -7.32 -35.58 18.48
CA PHE A 473 -6.46 -35.72 17.31
C PHE A 473 -5.07 -36.33 17.57
N ILE A 474 -4.81 -36.86 18.76
CA ILE A 474 -3.52 -37.47 19.06
C ILE A 474 -3.38 -38.79 18.30
N ALA A 475 -2.19 -39.06 17.79
CA ALA A 475 -1.95 -40.32 17.10
C ALA A 475 -2.30 -41.53 17.97
N HIS A 476 -2.86 -42.56 17.33
CA HIS A 476 -3.29 -43.74 18.06
C HIS A 476 -2.17 -44.32 18.93
N ASN A 477 -0.94 -44.38 18.40
CA ASN A 477 0.17 -44.94 19.17
C ASN A 477 0.57 -44.06 20.36
N ASP A 478 0.47 -42.73 20.24
CA ASP A 478 0.85 -41.86 21.35
C ASP A 478 -0.17 -41.89 22.50
N ILE A 479 -1.47 -42.03 22.18
CA ILE A 479 -2.51 -42.05 23.22
C ILE A 479 -2.33 -43.25 24.13
N ILE A 480 -1.70 -44.31 23.62
CA ILE A 480 -1.56 -45.53 24.39
C ILE A 480 -0.75 -45.28 25.66
N LYS A 481 0.29 -44.44 25.58
CA LYS A 481 1.07 -44.12 26.76
C LYS A 481 0.20 -43.52 27.87
N TYR A 482 -0.77 -42.69 27.49
CA TYR A 482 -1.55 -41.93 28.46
C TYR A 482 -2.89 -42.56 28.84
N LEU A 483 -3.38 -43.53 28.07
CA LEU A 483 -4.80 -43.88 28.10
C LEU A 483 -5.27 -44.25 29.50
N ASP A 484 -4.46 -44.98 30.26
CA ASP A 484 -4.93 -45.36 31.58
C ASP A 484 -5.00 -44.18 32.54
N PRO A 485 -3.99 -43.31 32.64
CA PRO A 485 -4.13 -42.14 33.53
C PRO A 485 -5.20 -41.16 33.09
N LEU A 486 -5.34 -40.90 31.78
CA LEU A 486 -6.41 -40.02 31.34
C LEU A 486 -7.75 -40.54 31.78
N ASN A 488 -8.71 -42.59 34.14
CA ASN A 488 -9.00 -42.50 35.56
C ASN A 488 -9.15 -41.06 36.00
N LYS A 489 -8.39 -40.13 35.40
CA LYS A 489 -8.55 -38.71 35.73
C LYS A 489 -9.92 -38.20 35.28
N LEU A 490 -10.30 -38.48 34.04
CA LEU A 490 -11.58 -37.98 33.53
C LEU A 490 -12.75 -38.47 34.37
N PHE A 491 -12.73 -39.73 34.77
CA PHE A 491 -13.82 -40.25 35.58
C PHE A 491 -13.73 -39.76 37.02
N GLN A 492 -12.52 -39.51 37.52
CA GLN A 492 -12.38 -38.82 38.80
C GLN A 492 -12.96 -37.42 38.72
N LEU A 494 -15.32 -36.42 36.40
CA LEU A 494 -16.75 -36.55 36.25
C LEU A 494 -17.45 -36.71 37.60
N GLU A 495 -16.81 -37.41 38.54
CA GLU A 495 -17.40 -37.59 39.86
C GLU A 495 -17.42 -36.29 40.65
N THR A 496 -16.31 -35.56 40.64
CA THR A 496 -16.18 -34.40 41.51
C THR A 496 -17.13 -33.28 41.07
N GLN A 497 -17.19 -33.01 39.77
CA GLN A 497 -17.91 -31.85 39.26
C GLN A 497 -19.38 -32.18 39.08
N GLN A 498 -20.25 -31.39 39.70
CA GLN A 498 -21.68 -31.60 39.57
C GLN A 498 -22.33 -30.59 38.62
N SER A 499 -21.63 -29.51 38.27
CA SER A 499 -22.12 -28.53 37.31
C SER A 499 -22.29 -29.16 35.93
N PRO A 500 -23.48 -29.10 35.34
CA PRO A 500 -23.68 -29.75 34.03
C PRO A 500 -22.86 -29.13 32.91
N LYS A 501 -22.42 -27.86 33.03
CA LYS A 501 -21.50 -27.31 32.04
C LYS A 501 -20.15 -28.03 32.10
N LEU A 502 -19.65 -28.30 33.31
CA LEU A 502 -18.35 -28.97 33.42
C LEU A 502 -18.43 -30.44 33.05
N ARG A 503 -19.52 -31.13 33.41
CA ARG A 503 -19.67 -32.54 33.05
C ARG A 503 -19.77 -32.71 31.55
N ALA A 504 -20.42 -31.79 30.85
CA ALA A 504 -20.48 -31.88 29.40
C ALA A 504 -19.07 -31.78 28.80
N ALA A 505 -18.21 -30.91 29.36
CA ALA A 505 -16.86 -30.81 28.85
C ALA A 505 -16.06 -32.09 29.10
N ILE A 506 -16.25 -32.72 30.26
CA ILE A 506 -15.55 -33.96 30.58
C ILE A 506 -16.03 -35.11 29.71
N VAL A 507 -17.34 -35.24 29.53
CA VAL A 507 -17.84 -36.34 28.73
C VAL A 507 -17.25 -36.25 27.33
N SER A 508 -17.17 -35.05 26.78
CA SER A 508 -16.59 -34.89 25.45
C SER A 508 -15.12 -35.31 25.42
N ALA A 509 -14.36 -34.93 26.44
CA ALA A 509 -12.97 -35.34 26.51
C ALA A 509 -12.85 -36.86 26.60
N ILE A 510 -13.74 -37.50 27.37
CA ILE A 510 -13.72 -38.96 27.45
C ILE A 510 -14.00 -39.57 26.08
N GLY A 511 -14.98 -39.03 25.36
CA GLY A 511 -15.26 -39.54 24.02
C GLY A 511 -14.10 -39.35 23.07
N SER A 512 -13.29 -38.30 23.29
CA SER A 512 -12.11 -38.07 22.48
C SER A 512 -11.01 -39.09 22.78
N CYS A 513 -10.93 -39.61 24.01
CA CYS A 513 -10.00 -40.70 24.27
C CYS A 513 -10.37 -41.92 23.44
N ALA A 514 -11.64 -42.33 23.49
CA ALA A 514 -12.07 -43.49 22.72
C ALA A 514 -11.81 -43.30 21.23
N PHE A 515 -12.08 -42.11 20.72
CA PHE A 515 -11.92 -41.84 19.30
C PHE A 515 -10.47 -42.03 18.86
N ALA A 516 -9.53 -41.50 19.64
CA ALA A 516 -8.12 -41.62 19.32
C ALA A 516 -7.63 -43.04 19.50
N ALA A 517 -8.13 -43.73 20.53
CA ALA A 517 -7.59 -45.01 20.98
C ALA A 517 -8.10 -46.22 20.21
N GLY A 518 -9.23 -46.11 19.50
CA GLY A 518 -9.76 -47.24 18.75
C GLY A 518 -10.01 -48.49 19.59
N SER A 519 -9.40 -49.60 19.15
CA SER A 519 -9.56 -50.88 19.84
C SER A 519 -9.01 -50.87 21.26
N GLY A 520 -8.00 -50.02 21.51
CA GLY A 520 -7.42 -49.85 22.83
C GLY A 520 -8.36 -49.30 23.87
N PHE A 521 -9.56 -48.88 23.46
CA PHE A 521 -10.57 -48.40 24.39
C PHE A 521 -11.45 -49.52 24.93
N VAL A 522 -11.31 -50.76 24.44
CA VAL A 522 -12.21 -51.84 24.88
C VAL A 522 -12.15 -52.04 26.38
N PRO A 523 -11.00 -51.99 27.05
CA PRO A 523 -10.99 -52.23 28.51
C PRO A 523 -11.81 -51.20 29.28
N TYR A 524 -12.05 -50.02 28.71
CA TYR A 524 -12.81 -48.98 29.36
C TYR A 524 -14.24 -48.90 28.89
N PHE A 525 -14.60 -49.64 27.83
CA PHE A 525 -15.89 -49.46 27.21
C PHE A 525 -17.05 -49.73 28.18
N LYS A 526 -17.07 -50.91 28.81
CA LYS A 526 -18.23 -51.26 29.62
C LYS A 526 -18.40 -50.29 30.78
N THR A 527 -17.32 -50.03 31.52
CA THR A 527 -17.45 -49.18 32.69
C THR A 527 -17.88 -47.78 32.29
N SER A 528 -17.43 -47.31 31.12
CA SER A 528 -17.83 -45.97 30.67
C SER A 528 -19.32 -45.90 30.40
N VAL A 529 -19.88 -46.85 29.64
CA VAL A 529 -21.32 -46.79 29.38
C VAL A 529 -22.11 -46.98 30.66
N GLN A 530 -21.64 -47.85 31.56
CA GLN A 530 -22.33 -48.03 32.83
C GLN A 530 -22.50 -46.69 33.54
N TYR A 531 -21.40 -45.93 33.64
CA TYR A 531 -21.45 -44.63 34.28
C TYR A 531 -22.32 -43.68 33.48
N LEU A 532 -22.05 -43.54 32.18
CA LEU A 532 -22.73 -42.57 31.34
C LEU A 532 -24.22 -42.90 31.15
N GLN A 533 -24.64 -44.14 31.42
CA GLN A 533 -26.03 -44.50 31.20
C GLN A 533 -26.95 -43.63 32.05
N GLN A 534 -26.44 -43.13 33.17
CA GLN A 534 -27.24 -42.27 34.04
C GLN A 534 -27.63 -40.96 33.37
N PHE A 535 -26.75 -40.41 32.53
CA PHE A 535 -27.04 -39.15 31.87
C PHE A 535 -28.00 -39.32 30.70
N ILE A 536 -28.41 -40.54 30.39
CA ILE A 536 -29.36 -40.73 29.30
C ILE A 536 -30.58 -41.52 29.75
N GLN A 537 -31.05 -41.27 30.97
CA GLN A 537 -32.30 -41.84 31.43
C GLN A 537 -33.40 -40.80 31.21
N ASN A 538 -34.61 -41.28 30.98
CA ASN A 538 -35.74 -40.40 30.72
C ASN A 538 -35.50 -39.42 29.58
N VAL A 539 -35.11 -39.95 28.42
CA VAL A 539 -34.77 -39.08 27.30
C VAL A 539 -35.99 -38.25 26.88
N SER A 540 -37.16 -38.87 26.86
CA SER A 540 -38.36 -38.21 26.35
C SER A 540 -38.83 -37.06 27.25
N GLN A 541 -38.56 -37.16 28.54
CA GLN A 541 -39.03 -36.16 29.51
C GLN A 541 -38.10 -34.96 29.41
N ILE A 542 -38.49 -33.98 28.59
CA ILE A 542 -37.63 -32.82 28.32
C ILE A 542 -38.07 -31.59 29.09
N GLU A 543 -39.08 -31.69 29.94
CA GLU A 543 -39.62 -30.54 30.65
C GLU A 543 -39.09 -30.56 32.08
N GLY A 544 -38.70 -29.39 32.56
CA GLY A 544 -37.97 -29.27 33.81
C GLY A 544 -36.48 -29.44 33.68
N LEU A 545 -35.98 -29.56 32.44
CA LEU A 545 -34.56 -29.62 32.14
C LEU A 545 -34.10 -28.28 31.60
N SER A 546 -32.93 -27.85 32.06
CA SER A 546 -32.29 -26.63 31.57
C SER A 546 -31.58 -26.90 30.24
N GLU A 547 -31.15 -25.81 29.61
CA GLU A 547 -30.42 -25.90 28.36
C GLU A 547 -29.12 -26.70 28.52
N ASP A 548 -28.38 -26.47 29.62
CA ASP A 548 -27.19 -27.25 29.91
C ASP A 548 -27.55 -28.71 30.22
N ASP A 549 -28.70 -28.94 30.87
CA ASP A 549 -29.17 -30.30 31.11
C ASP A 549 -29.42 -31.01 29.80
N ILE A 550 -30.00 -30.31 28.81
CA ILE A 550 -30.22 -30.93 27.52
C ILE A 550 -28.88 -31.31 26.91
N GLU A 551 -27.91 -30.39 26.96
CA GLU A 551 -26.62 -30.59 26.33
C GLU A 551 -25.84 -31.75 26.96
N LEU A 552 -25.95 -31.93 28.28
CA LEU A 552 -25.23 -33.04 28.90
C LEU A 552 -25.77 -34.39 28.43
N LYS A 553 -27.09 -34.49 28.21
CA LYS A 553 -27.63 -35.72 27.62
C LYS A 553 -27.18 -35.86 26.18
N ALA A 554 -27.27 -34.78 25.40
CA ALA A 554 -26.93 -34.86 23.98
C ALA A 554 -25.47 -35.28 23.77
N LEU A 555 -24.54 -34.67 24.52
CA LEU A 555 -23.15 -35.05 24.39
C LEU A 555 -22.93 -36.50 24.75
N THR A 556 -23.67 -37.02 25.72
CA THR A 556 -23.51 -38.43 26.09
C THR A 556 -23.97 -39.37 24.99
N PHE A 557 -25.09 -39.05 24.34
CA PHE A 557 -25.52 -39.82 23.19
C PHE A 557 -24.46 -39.81 22.09
N GLU A 558 -23.90 -38.63 21.79
CA GLU A 558 -22.93 -38.48 20.71
C GLU A 558 -21.63 -39.22 20.99
N ASN A 559 -21.12 -39.10 22.22
CA ASN A 559 -19.83 -39.73 22.54
C ASN A 559 -19.95 -41.23 22.80
N ILE A 560 -21.10 -41.72 23.24
CA ILE A 560 -21.26 -43.18 23.28
C ILE A 560 -21.24 -43.75 21.87
N SER A 561 -21.87 -43.07 20.91
CA SER A 561 -21.80 -43.55 19.53
C SER A 561 -20.38 -43.49 19.00
N THR A 562 -19.59 -42.53 19.46
CA THR A 562 -18.18 -42.51 19.10
C THR A 562 -17.44 -43.71 19.69
N GLY A 564 -18.69 -46.75 19.87
CA GLY A 564 -18.95 -47.82 18.92
C GLY A 564 -18.05 -47.79 17.70
N ARG A 565 -17.67 -46.60 17.25
CA ARG A 565 -16.72 -46.52 16.15
C ARG A 565 -15.34 -46.98 16.60
N ALA A 566 -14.99 -46.72 17.87
CA ALA A 566 -13.66 -47.08 18.36
C ALA A 566 -13.53 -48.58 18.60
N VAL A 567 -14.46 -49.14 19.37
CA VAL A 567 -14.58 -50.58 19.61
C VAL A 567 -15.76 -51.01 18.75
N LYS A 568 -15.58 -51.99 17.88
CA LYS A 568 -16.59 -52.08 16.82
C LYS A 568 -17.83 -52.86 17.24
N SER A 569 -18.54 -53.41 16.26
CA SER A 569 -19.85 -54.02 16.50
C SER A 569 -19.80 -55.13 17.56
N ALA A 570 -18.74 -55.93 17.57
CA ALA A 570 -18.72 -57.06 18.50
C ALA A 570 -18.76 -56.59 19.96
N ALA A 571 -17.90 -55.61 20.31
CA ALA A 571 -17.87 -55.09 21.68
C ALA A 571 -19.01 -54.13 21.97
N PHE A 572 -19.75 -53.72 20.94
CA PHE A 572 -20.86 -52.81 21.16
C PHE A 572 -22.18 -53.55 21.34
N ALA A 573 -22.20 -54.85 21.07
CA ALA A 573 -23.45 -55.59 20.94
C ALA A 573 -24.24 -55.58 22.25
N GLU A 574 -23.53 -55.61 23.37
CA GLU A 574 -24.18 -55.66 24.68
C GLU A 574 -25.20 -54.55 24.85
N TYR A 575 -24.88 -53.34 24.40
CA TYR A 575 -25.71 -52.16 24.63
C TYR A 575 -26.38 -51.63 23.39
N ALA A 576 -26.23 -52.30 22.25
CA ALA A 576 -26.75 -51.74 21.01
C ALA A 576 -28.26 -51.50 21.10
N GLU A 577 -29.02 -52.50 21.56
CA GLU A 577 -30.49 -52.34 21.50
C GLU A 577 -31.00 -51.24 22.41
N PRO A 578 -30.65 -51.19 23.70
CA PRO A 578 -31.18 -50.09 24.53
C PRO A 578 -30.74 -48.72 24.04
N LEU A 579 -29.49 -48.59 23.60
CA LEU A 579 -28.99 -47.30 23.13
C LEU A 579 -29.73 -46.85 21.87
N VAL A 580 -29.97 -47.76 20.93
CA VAL A 580 -30.68 -47.38 19.70
C VAL A 580 -32.11 -46.96 20.00
N ASN A 581 -32.76 -47.63 20.96
CA ASN A 581 -34.11 -47.23 21.35
C ASN A 581 -34.11 -45.83 21.94
N ALA A 582 -33.13 -45.53 22.80
CA ALA A 582 -33.02 -44.18 23.35
C ALA A 582 -32.76 -43.15 22.27
N ALA A 583 -31.92 -43.50 21.27
CA ALA A 583 -31.66 -42.55 20.19
C ALA A 583 -32.92 -42.24 19.40
N TYR A 584 -33.82 -43.22 19.25
CA TYR A 584 -35.07 -42.94 18.57
C TYR A 584 -35.98 -42.07 19.43
N GLU A 585 -36.00 -42.31 20.75
CA GLU A 585 -36.70 -41.41 21.67
C GLU A 585 -36.24 -39.96 21.49
N ALA A 586 -34.94 -39.76 21.31
CA ALA A 586 -34.40 -38.41 21.13
C ALA A 586 -34.92 -37.78 19.85
N ILE A 587 -35.02 -38.57 18.77
CA ILE A 587 -35.49 -38.12 17.47
C ILE A 587 -36.92 -37.58 17.54
N LYS A 588 -37.74 -38.11 18.45
CA LYS A 588 -39.15 -37.74 18.57
C LYS A 588 -39.39 -36.56 19.53
N THR A 589 -38.52 -36.40 20.52
CA THR A 589 -38.48 -35.24 21.41
C THR A 589 -38.65 -33.87 20.75
N ASP A 590 -39.11 -32.89 21.51
CA ASP A 590 -39.31 -31.52 21.08
C ASP A 590 -38.08 -30.64 21.18
N SER A 591 -36.94 -31.19 21.61
CA SER A 591 -35.69 -30.45 21.67
C SER A 591 -34.90 -30.67 20.37
N ALA A 592 -34.68 -29.61 19.59
CA ALA A 592 -33.90 -29.79 18.35
C ALA A 592 -32.50 -30.26 18.66
N ARG A 593 -31.89 -29.74 19.73
CA ARG A 593 -30.56 -30.20 20.12
C ARG A 593 -30.59 -31.70 20.40
N LEU A 594 -31.63 -32.17 21.09
CA LEU A 594 -31.71 -33.59 21.41
C LEU A 594 -31.95 -34.44 20.15
N ARG A 595 -32.78 -33.96 19.23
CA ARG A 595 -32.96 -34.69 17.98
C ARG A 595 -31.64 -34.73 17.21
N GLU A 596 -30.93 -33.61 17.21
CA GLU A 596 -29.63 -33.57 16.55
C GLU A 596 -28.70 -34.65 17.11
N SER A 597 -28.67 -34.81 18.44
CA SER A 597 -27.82 -35.85 19.00
C SER A 597 -28.30 -37.24 18.57
N GLY A 598 -29.61 -37.44 18.44
CA GLY A 598 -30.11 -38.73 17.99
C GLY A 598 -29.64 -39.08 16.59
N TYR A 599 -29.70 -38.10 15.68
CA TYR A 599 -29.22 -38.33 14.31
C TYR A 599 -27.72 -38.58 14.30
N ALA A 600 -26.97 -37.95 15.22
CA ALA A 600 -25.54 -38.21 15.28
C ALA A 600 -25.27 -39.64 15.70
N PHE A 601 -26.07 -40.14 16.65
CA PHE A 601 -25.94 -41.53 17.09
C PHE A 601 -26.21 -42.49 15.94
N ILE A 602 -27.29 -42.24 15.20
CA ILE A 602 -27.66 -43.10 14.06
C ILE A 602 -26.62 -43.02 12.95
N ALA A 603 -26.10 -41.83 12.66
CA ALA A 603 -25.09 -41.72 11.63
C ALA A 603 -23.89 -42.60 11.97
N ASN A 604 -23.43 -42.53 13.23
CA ASN A 604 -22.33 -43.39 13.67
C ASN A 604 -22.76 -44.87 13.73
N ALA A 606 -24.67 -46.23 11.53
CA ALA A 606 -24.52 -46.65 10.14
C ALA A 606 -23.09 -47.10 9.86
N LYS A 607 -22.11 -46.37 10.41
CA LYS A 607 -20.71 -46.75 10.26
C LYS A 607 -20.40 -48.08 10.91
N VAL A 608 -21.05 -48.38 12.03
CA VAL A 608 -20.74 -49.59 12.78
C VAL A 608 -21.39 -50.83 12.16
N TYR A 609 -22.64 -50.74 11.71
CA TYR A 609 -23.40 -51.92 11.30
C TYR A 609 -23.60 -52.11 9.80
N GLY A 610 -23.31 -51.10 8.98
CA GLY A 610 -23.48 -51.27 7.55
C GLY A 610 -24.89 -51.70 7.19
N LYS A 611 -24.98 -52.74 6.35
CA LYS A 611 -26.30 -53.22 5.91
C LYS A 611 -27.09 -53.79 7.07
N ASP A 612 -26.42 -54.25 8.12
CA ASP A 612 -27.15 -54.85 9.22
C ASP A 612 -28.10 -53.84 9.82
N PHE A 613 -27.83 -52.57 9.60
CA PHE A 613 -28.67 -51.52 10.10
C PHE A 613 -29.82 -51.21 9.15
N ALA A 614 -29.90 -51.91 8.01
CA ALA A 614 -30.91 -51.58 7.02
C ALA A 614 -32.36 -51.75 7.50
N PRO A 615 -32.71 -52.70 8.37
CA PRO A 615 -34.12 -52.83 8.76
C PRO A 615 -34.67 -51.61 9.48
N PHE A 616 -33.84 -50.64 9.87
CA PHE A 616 -34.28 -49.43 10.56
C PHE A 616 -34.62 -48.27 9.63
N LEU A 617 -34.41 -48.41 8.32
CA LEU A 617 -34.65 -47.30 7.39
C LEU A 617 -36.10 -46.83 7.43
N GLN A 618 -37.04 -47.78 7.40
CA GLN A 618 -38.45 -47.44 7.25
C GLN A 618 -38.93 -46.48 8.34
N THR A 619 -38.49 -46.69 9.59
CA THR A 619 -38.85 -45.75 10.66
C THR A 619 -38.04 -44.44 10.60
N ILE A 620 -36.75 -44.52 10.29
CA ILE A 620 -35.88 -43.36 10.47
C ILE A 620 -35.98 -42.36 9.33
N ILE A 621 -36.05 -42.81 8.08
CA ILE A 621 -36.06 -41.87 6.95
C ILE A 621 -37.22 -40.89 7.09
N PRO A 622 -38.42 -41.29 7.55
CA PRO A 622 -39.49 -40.29 7.74
C PRO A 622 -39.20 -39.27 8.85
N GLU A 623 -38.49 -39.67 9.91
CA GLU A 623 -38.09 -38.70 10.94
C GLU A 623 -37.06 -37.72 10.38
N ILE A 624 -36.12 -38.20 9.57
CA ILE A 624 -35.15 -37.33 8.93
C ILE A 624 -35.87 -36.36 7.99
N PHE A 625 -36.85 -36.86 7.23
CA PHE A 625 -37.56 -36.02 6.28
C PHE A 625 -38.31 -34.88 6.98
N LYS A 626 -38.99 -35.19 8.09
CA LYS A 626 -39.64 -34.16 8.86
C LYS A 626 -38.65 -33.08 9.29
N THR A 627 -37.48 -33.50 9.78
CA THR A 627 -36.46 -32.57 10.23
C THR A 627 -36.00 -31.63 9.12
N LEU A 628 -35.80 -32.18 7.91
CA LEU A 628 -35.25 -31.36 6.83
C LEU A 628 -36.25 -30.34 6.31
N GLU A 629 -37.55 -30.58 6.45
CA GLU A 629 -38.57 -29.66 5.95
C GLU A 629 -39.05 -28.64 6.98
N GLN A 630 -38.47 -28.62 8.18
CA GLN A 630 -38.84 -27.66 9.21
C GLN A 630 -38.71 -26.23 8.70
N GLU A 631 -39.57 -25.36 9.21
CA GLU A 631 -39.38 -23.93 8.98
C GLU A 631 -38.18 -23.50 9.81
N GLU A 632 -37.32 -22.66 9.22
CA GLU A 632 -36.02 -22.36 9.81
C GLU A 632 -35.97 -21.05 10.60
N TYR A 633 -37.10 -20.38 10.80
CA TYR A 633 -37.11 -19.09 11.48
C TYR A 633 -37.88 -19.16 12.78
N GLN A 634 -37.36 -18.47 13.80
CA GLN A 634 -38.02 -18.38 15.10
C GLN A 634 -39.10 -17.29 15.12
N VAL A 661 -32.93 -16.55 13.26
CA VAL A 661 -33.08 -17.94 12.80
C VAL A 661 -32.92 -18.92 13.95
N ASN A 662 -33.59 -20.06 13.86
CA ASN A 662 -33.54 -21.09 14.90
C ASN A 662 -32.31 -21.94 14.67
N THR A 663 -31.23 -21.61 15.40
CA THR A 663 -29.94 -22.28 15.20
C THR A 663 -29.99 -23.75 15.57
N GLY A 664 -30.79 -24.11 16.57
CA GLY A 664 -30.92 -25.51 16.88
C GLY A 664 -31.37 -26.31 15.69
N ILE A 665 -32.34 -25.77 14.93
CA ILE A 665 -32.86 -26.46 13.76
C ILE A 665 -31.80 -26.53 12.67
N ALA A 666 -31.00 -25.46 12.52
CA ALA A 666 -29.94 -25.51 11.52
C ALA A 666 -28.95 -26.62 11.84
N TYR A 667 -28.53 -26.71 13.11
CA TYR A 667 -27.63 -27.77 13.53
C TYR A 667 -28.29 -29.13 13.42
N GLU A 668 -29.56 -29.23 13.78
CA GLU A 668 -30.28 -30.48 13.62
C GLU A 668 -30.35 -30.89 12.16
N LYS A 669 -30.62 -29.93 11.28
CA LYS A 669 -30.71 -30.27 9.86
C LYS A 669 -29.38 -30.77 9.32
N GLU A 670 -28.27 -30.16 9.77
CA GLU A 670 -26.96 -30.60 9.29
C GLU A 670 -26.71 -32.06 9.62
N VAL A 671 -26.92 -32.43 10.89
CA VAL A 671 -26.62 -33.78 11.33
C VAL A 671 -27.59 -34.78 10.74
N ALA A 672 -28.88 -34.42 10.67
CA ALA A 672 -29.82 -35.33 10.04
C ALA A 672 -29.39 -35.62 8.61
N ALA A 673 -28.87 -34.60 7.92
CA ALA A 673 -28.40 -34.78 6.55
C ALA A 673 -27.18 -35.71 6.51
N ALA A 674 -26.26 -35.56 7.46
CA ALA A 674 -25.16 -36.50 7.60
C ALA A 674 -25.68 -37.91 7.86
N ALA A 675 -26.68 -38.03 8.74
CA ALA A 675 -27.23 -39.33 9.02
C ALA A 675 -27.84 -39.95 7.76
N LEU A 676 -28.60 -39.17 7.02
CA LEU A 676 -29.20 -39.66 5.78
C LEU A 676 -28.12 -40.12 4.79
N SER A 677 -27.01 -39.39 4.70
CA SER A 677 -25.93 -39.79 3.79
C SER A 677 -25.27 -41.07 4.28
N GLU A 678 -24.98 -41.15 5.59
CA GLU A 678 -24.34 -42.34 6.12
C GLU A 678 -25.25 -43.55 5.94
N LEU A 679 -26.57 -43.36 6.13
CA LEU A 679 -27.51 -44.48 5.98
C LEU A 679 -27.53 -44.96 4.53
N ALA A 680 -27.53 -44.03 3.57
CA ALA A 680 -27.58 -44.42 2.17
C ALA A 680 -26.38 -45.28 1.81
N ILE A 681 -25.20 -44.87 2.26
CA ILE A 681 -23.98 -45.60 1.93
C ILE A 681 -24.07 -47.00 2.52
N ALA A 682 -24.52 -47.11 3.77
CA ALA A 682 -24.53 -48.40 4.45
C ALA A 682 -25.64 -49.32 3.94
N SER A 683 -26.83 -48.76 3.67
CA SER A 683 -27.98 -49.59 3.31
C SER A 683 -27.80 -50.33 1.98
N LYS A 684 -26.99 -49.79 1.06
CA LYS A 684 -26.71 -50.37 -0.27
C LYS A 684 -28.01 -50.62 -0.99
N GLU A 685 -28.30 -51.85 -1.43
CA GLU A 685 -29.50 -52.07 -2.22
C GLU A 685 -30.75 -51.60 -1.49
N HIS A 686 -30.78 -51.72 -0.15
CA HIS A 686 -31.98 -51.39 0.62
C HIS A 686 -32.37 -49.93 0.55
N PHE A 687 -31.48 -49.04 0.08
CA PHE A 687 -31.80 -47.63 0.03
C PHE A 687 -32.44 -47.19 -1.28
N LEU A 688 -32.52 -48.06 -2.30
CA LEU A 688 -32.97 -47.61 -3.61
C LEU A 688 -34.37 -47.03 -3.57
N GLU A 689 -35.27 -47.65 -2.82
CA GLU A 689 -36.62 -47.11 -2.79
C GLU A 689 -36.70 -45.72 -2.17
N TYR A 690 -35.64 -45.27 -1.48
CA TYR A 690 -35.58 -43.95 -0.86
C TYR A 690 -34.82 -42.90 -1.68
N VAL A 691 -34.18 -43.31 -2.78
CA VAL A 691 -33.33 -42.40 -3.55
C VAL A 691 -34.15 -41.24 -4.11
N GLU A 692 -35.15 -41.55 -4.93
CA GLU A 692 -36.03 -40.52 -5.47
C GLU A 692 -36.61 -39.61 -4.39
N PRO A 693 -37.26 -40.13 -3.33
CA PRO A 693 -37.72 -39.23 -2.26
C PRO A 693 -36.60 -38.46 -1.58
N SER A 694 -35.48 -39.10 -1.26
CA SER A 694 -34.40 -38.37 -0.58
C SER A 694 -33.88 -37.23 -1.45
N LEU A 695 -33.67 -37.49 -2.76
CA LEU A 695 -33.25 -36.43 -3.67
C LEU A 695 -34.31 -35.34 -3.82
N LYS A 696 -35.60 -35.68 -3.71
CA LYS A 696 -36.65 -34.67 -3.74
C LYS A 696 -36.55 -33.71 -2.55
N VAL A 697 -36.40 -34.26 -1.34
CA VAL A 697 -36.32 -33.44 -0.14
C VAL A 697 -35.06 -32.60 -0.14
N LEU A 698 -33.94 -33.20 -0.54
CA LEU A 698 -32.65 -32.50 -0.54
C LEU A 698 -32.64 -31.39 -1.58
N ALA A 699 -33.19 -31.64 -2.77
CA ALA A 699 -33.27 -30.61 -3.80
C ALA A 699 -34.09 -29.41 -3.34
N GLU A 700 -35.17 -29.66 -2.61
CA GLU A 700 -35.95 -28.54 -2.10
C GLU A 700 -35.13 -27.68 -1.14
N GLN A 701 -34.33 -28.31 -0.28
CA GLN A 701 -33.55 -27.55 0.68
C GLN A 701 -32.49 -26.71 -0.02
N VAL A 702 -31.94 -27.18 -1.14
CA VAL A 702 -31.00 -26.35 -1.88
C VAL A 702 -31.69 -25.08 -2.40
N ASN A 703 -32.93 -25.21 -2.87
CA ASN A 703 -33.63 -24.03 -3.38
C ASN A 703 -34.09 -23.10 -2.27
N GLU A 704 -34.63 -23.64 -1.18
CA GLU A 704 -35.30 -22.81 -0.18
C GLU A 704 -34.55 -22.67 1.14
N SER A 705 -33.69 -23.60 1.50
CA SER A 705 -33.09 -23.52 2.83
C SER A 705 -32.10 -22.36 2.92
N TYR A 706 -32.02 -21.77 4.11
CA TYR A 706 -31.25 -20.55 4.33
C TYR A 706 -29.80 -20.80 4.70
N GLY A 707 -29.47 -21.98 5.21
CA GLY A 707 -28.13 -22.22 5.71
C GLY A 707 -27.63 -23.61 5.43
N LEU A 708 -28.45 -24.41 4.74
CA LEU A 708 -28.21 -25.82 4.49
C LEU A 708 -27.95 -26.14 3.01
N LYS A 709 -27.78 -25.14 2.15
CA LYS A 709 -27.62 -25.43 0.72
C LYS A 709 -26.42 -26.33 0.47
N GLU A 710 -25.25 -25.96 1.01
CA GLU A 710 -24.04 -26.72 0.70
C GLU A 710 -24.15 -28.13 1.22
N THR A 711 -24.58 -28.30 2.47
CA THR A 711 -24.71 -29.62 3.07
C THR A 711 -25.77 -30.44 2.37
N ALA A 712 -26.89 -29.82 2.00
CA ALA A 712 -27.93 -30.53 1.27
C ALA A 712 -27.42 -31.03 -0.08
N LEU A 713 -26.70 -30.19 -0.84
CA LEU A 713 -26.14 -30.62 -2.12
C LEU A 713 -25.12 -31.73 -1.93
N HIS A 714 -24.33 -31.63 -0.87
CA HIS A 714 -23.30 -32.63 -0.57
C HIS A 714 -23.94 -34.00 -0.34
N SER A 715 -25.06 -34.03 0.39
CA SER A 715 -25.78 -35.28 0.65
C SER A 715 -26.36 -35.89 -0.64
N TRP A 717 -24.87 -35.82 -3.47
CA TRP A 717 -23.72 -36.54 -4.04
C TRP A 717 -23.41 -37.77 -3.22
N ALA A 718 -23.64 -37.73 -1.91
CA ALA A 718 -23.49 -38.94 -1.11
C ALA A 718 -24.49 -40.00 -1.52
N ILE A 719 -25.72 -39.59 -1.85
CA ILE A 719 -26.68 -40.56 -2.35
C ILE A 719 -26.20 -41.16 -3.66
N VAL A 720 -25.64 -40.33 -4.55
CA VAL A 720 -25.07 -40.82 -5.81
C VAL A 720 -23.98 -41.84 -5.52
N LYS A 721 -23.10 -41.52 -4.58
CA LYS A 721 -22.05 -42.46 -4.19
C LYS A 721 -22.67 -43.77 -3.72
N ALA A 722 -23.74 -43.69 -2.94
CA ALA A 722 -24.38 -44.90 -2.46
C ALA A 722 -24.92 -45.74 -3.61
N VAL A 723 -25.58 -45.09 -4.57
CA VAL A 723 -26.12 -45.79 -5.74
C VAL A 723 -24.99 -46.40 -6.57
N LEU A 724 -23.94 -45.65 -6.84
CA LEU A 724 -22.87 -46.16 -7.69
C LEU A 724 -22.13 -47.33 -7.03
N LEU A 725 -21.90 -47.24 -5.72
CA LEU A 725 -21.31 -48.37 -5.02
C LEU A 725 -22.25 -49.56 -4.98
N THR A 726 -23.55 -49.30 -4.90
CA THR A 726 -24.51 -50.40 -4.91
C THR A 726 -24.52 -51.10 -6.26
N ALA A 727 -24.16 -50.38 -7.34
CA ALA A 727 -23.99 -50.94 -8.67
C ALA A 727 -22.58 -51.49 -8.88
N ASN A 728 -21.78 -51.52 -7.82
CA ASN A 728 -20.46 -52.16 -7.82
C ASN A 728 -19.49 -51.50 -8.79
N LEU A 729 -19.67 -50.19 -8.96
CA LEU A 729 -18.65 -49.36 -9.58
C LEU A 729 -17.62 -49.08 -8.50
N LYS A 730 -16.41 -49.56 -8.66
CA LYS A 730 -15.51 -49.44 -7.53
C LYS A 730 -14.72 -48.16 -7.65
N GLU A 731 -14.41 -47.59 -6.51
CA GLU A 731 -13.75 -46.30 -6.50
C GLU A 731 -12.46 -46.41 -7.28
N GLY A 732 -12.26 -45.48 -8.21
CA GLY A 732 -11.09 -45.46 -9.05
C GLY A 732 -11.09 -46.44 -10.21
N GLU A 733 -12.14 -47.25 -10.36
CA GLU A 733 -12.18 -48.29 -11.39
C GLU A 733 -13.11 -47.93 -12.55
N TYR A 734 -13.07 -46.72 -13.01
CA TYR A 734 -13.92 -46.35 -14.13
C TYR A 734 -13.08 -46.37 -15.41
N PRO A 735 -13.72 -46.54 -16.56
CA PRO A 735 -12.97 -46.53 -17.84
C PRO A 735 -12.59 -45.12 -18.27
N LYS A 736 -11.30 -44.90 -18.54
CA LYS A 736 -10.83 -43.56 -18.88
C LYS A 736 -11.33 -43.09 -20.24
N GLY A 737 -11.41 -41.77 -20.38
CA GLY A 737 -11.74 -41.13 -21.65
C GLY A 737 -13.17 -40.61 -21.71
N VAL A 738 -13.42 -39.78 -22.71
CA VAL A 738 -14.78 -39.28 -22.88
C VAL A 738 -15.72 -40.45 -23.16
N PRO A 739 -16.82 -40.60 -22.43
CA PRO A 739 -17.78 -41.71 -22.65
C PRO A 739 -18.67 -41.43 -23.86
N SER A 740 -18.64 -42.33 -24.84
CA SER A 740 -19.55 -42.21 -25.98
C SER A 740 -20.98 -42.53 -25.57
N GLY A 741 -21.13 -43.42 -24.60
CA GLY A 741 -22.39 -43.84 -24.04
C GLY A 741 -22.31 -43.74 -22.53
N SER A 742 -22.35 -44.90 -21.86
CA SER A 742 -22.39 -44.96 -20.39
C SER A 742 -21.81 -46.27 -19.87
N TYR A 743 -20.91 -46.20 -18.89
CA TYR A 743 -20.48 -47.38 -18.15
C TYR A 743 -21.32 -47.59 -16.89
N VAL A 744 -22.45 -46.91 -16.80
CA VAL A 744 -23.36 -46.99 -15.67
C VAL A 744 -24.76 -47.27 -16.21
N ASP A 745 -25.54 -48.03 -15.47
CA ASP A 745 -26.84 -48.42 -15.99
C ASP A 745 -27.77 -47.20 -16.07
N ALA A 746 -28.91 -47.40 -16.73
CA ALA A 746 -29.79 -46.27 -17.03
C ALA A 746 -30.33 -45.62 -15.76
N SER A 747 -30.70 -46.44 -14.77
CA SER A 747 -31.23 -45.92 -13.52
C SER A 747 -30.21 -45.10 -12.76
N ALA A 748 -28.99 -45.62 -12.62
CA ALA A 748 -27.95 -44.86 -11.93
C ALA A 748 -27.59 -43.61 -12.72
N LEU A 749 -27.58 -43.70 -14.05
CA LEU A 749 -27.27 -42.51 -14.83
C LEU A 749 -28.31 -41.42 -14.61
N ALA A 750 -29.59 -41.80 -14.47
CA ALA A 750 -30.62 -40.81 -14.21
C ALA A 750 -30.41 -40.09 -12.87
N VAL A 751 -29.98 -40.81 -11.85
CA VAL A 751 -29.69 -40.17 -10.57
C VAL A 751 -28.54 -39.17 -10.74
N ILE A 752 -27.46 -39.59 -11.42
CA ILE A 752 -26.29 -38.73 -11.61
C ILE A 752 -26.67 -37.45 -12.34
N GLN A 753 -27.42 -37.59 -13.43
CA GLN A 753 -27.79 -36.42 -14.21
C GLN A 753 -28.62 -35.45 -13.38
N THR A 754 -29.47 -35.98 -12.50
CA THR A 754 -30.27 -35.09 -11.67
C THR A 754 -29.38 -34.20 -10.80
N VAL A 755 -28.48 -34.81 -10.03
CA VAL A 755 -27.62 -34.03 -9.14
C VAL A 755 -26.63 -33.20 -9.94
N ARG A 756 -26.13 -33.75 -11.05
CA ARG A 756 -25.23 -32.99 -11.90
C ARG A 756 -25.89 -31.72 -12.39
N GLU A 757 -27.19 -31.77 -12.70
CA GLU A 757 -27.92 -30.57 -13.10
C GLU A 757 -28.02 -29.55 -11.97
N VAL A 758 -28.36 -30.00 -10.76
CA VAL A 758 -28.46 -29.06 -9.64
C VAL A 758 -27.11 -28.44 -9.32
N SER A 759 -26.04 -29.22 -9.42
CA SER A 759 -24.70 -28.71 -9.12
C SER A 759 -24.30 -27.58 -10.05
N LEU A 760 -24.58 -27.72 -11.35
CA LEU A 760 -24.22 -26.64 -12.27
C LEU A 760 -25.09 -25.41 -12.02
N ASN A 761 -26.36 -25.61 -11.70
CA ASN A 761 -27.27 -24.50 -11.45
C ASN A 761 -26.87 -23.68 -10.23
N ASN A 762 -26.16 -24.27 -9.28
CA ASN A 762 -25.72 -23.53 -8.10
C ASN A 762 -24.29 -23.04 -8.21
N VAL A 763 -23.68 -23.15 -9.38
CA VAL A 763 -22.40 -22.52 -9.61
C VAL A 763 -22.49 -21.42 -10.66
N ILE A 764 -23.39 -21.54 -11.63
CA ILE A 764 -23.52 -20.57 -12.71
C ILE A 764 -24.19 -19.31 -12.19
N GLU A 765 -23.55 -18.16 -12.40
CA GLU A 765 -24.05 -16.88 -11.89
C GLU A 765 -24.29 -16.91 -10.39
N GLU A 766 -23.48 -17.66 -9.65
CA GLU A 766 -23.61 -17.78 -8.20
C GLU A 766 -22.67 -16.79 -7.53
N VAL A 767 -23.20 -15.95 -6.63
CA VAL A 767 -22.39 -14.91 -6.01
C VAL A 767 -21.89 -15.28 -4.62
N GLU A 768 -22.29 -16.42 -4.08
CA GLU A 768 -21.78 -16.90 -2.80
C GLU A 768 -20.54 -17.74 -3.08
N THR A 769 -19.37 -17.26 -2.69
CA THR A 769 -18.17 -18.03 -3.00
C THR A 769 -18.11 -19.33 -2.21
N SER A 770 -18.67 -19.37 -1.00
CA SER A 770 -18.66 -20.65 -0.27
C SER A 770 -19.51 -21.69 -1.00
N VAL A 772 -19.82 -21.85 -4.39
CA VAL A 772 -19.03 -22.30 -5.53
C VAL A 772 -17.93 -23.26 -5.06
N ILE A 773 -17.28 -22.95 -3.93
CA ILE A 773 -16.24 -23.83 -3.41
C ILE A 773 -16.81 -25.22 -3.13
N SER A 774 -17.96 -25.27 -2.46
CA SER A 774 -18.57 -26.53 -2.09
C SER A 774 -18.92 -27.35 -3.32
N VAL A 775 -19.46 -26.69 -4.35
CA VAL A 775 -19.83 -27.44 -5.55
C VAL A 775 -18.57 -27.97 -6.24
N PHE A 776 -17.55 -27.14 -6.34
CA PHE A 776 -16.33 -27.59 -7.01
C PHE A 776 -15.69 -28.74 -6.23
N GLN A 777 -15.74 -28.70 -4.89
CA GLN A 777 -15.22 -29.82 -4.10
C GLN A 777 -16.03 -31.09 -4.34
N ASP A 778 -17.35 -30.99 -4.33
CA ASP A 778 -18.15 -32.19 -4.58
C ASP A 778 -17.89 -32.75 -5.95
N LEU A 779 -17.85 -31.90 -6.98
CA LEU A 779 -17.61 -32.40 -8.33
C LEU A 779 -16.22 -33.01 -8.47
N SER A 780 -15.20 -32.39 -7.86
CA SER A 780 -13.86 -32.96 -7.92
C SER A 780 -13.82 -34.34 -7.32
N GLU A 781 -14.42 -34.49 -6.13
CA GLU A 781 -14.36 -35.75 -5.42
C GLU A 781 -15.09 -36.84 -6.19
N LEU A 783 -15.76 -37.00 -9.48
CA LEU A 783 -15.05 -37.33 -10.72
C LEU A 783 -13.84 -38.22 -10.45
N ARG A 784 -13.07 -37.90 -9.40
CA ARG A 784 -11.91 -38.72 -9.06
C ARG A 784 -12.36 -40.12 -8.71
N LEU A 785 -13.47 -40.24 -7.99
CA LEU A 785 -13.94 -41.54 -7.53
C LEU A 785 -14.58 -42.35 -8.65
N PHE A 786 -15.38 -41.72 -9.50
CA PHE A 786 -16.18 -42.46 -10.47
C PHE A 786 -16.05 -41.99 -11.90
N GLY A 787 -15.14 -41.06 -12.19
CA GLY A 787 -14.81 -40.75 -13.57
C GLY A 787 -15.74 -39.76 -14.24
N PRO A 788 -15.51 -39.57 -15.56
CA PRO A 788 -16.21 -38.49 -16.29
C PRO A 788 -17.73 -38.68 -16.37
N ILE A 789 -18.25 -39.87 -16.07
CA ILE A 789 -19.70 -40.06 -16.05
C ILE A 789 -20.37 -39.10 -15.07
N ILE A 790 -19.64 -38.55 -14.10
CA ILE A 790 -20.22 -37.60 -13.17
C ILE A 790 -20.66 -36.34 -13.91
N ILE A 791 -19.84 -35.88 -14.87
CA ILE A 791 -20.08 -34.64 -15.59
C ILE A 791 -20.59 -34.86 -17.01
N ASP A 793 -22.07 -37.80 -20.30
CA ASP A 793 -22.50 -39.12 -20.74
C ASP A 793 -22.98 -39.03 -22.19
N ASN A 794 -22.95 -40.17 -22.89
CA ASN A 794 -23.54 -40.27 -24.22
C ASN A 794 -23.03 -39.18 -25.15
N GLY A 795 -21.72 -38.99 -25.17
CA GLY A 795 -21.10 -38.11 -26.14
C GLY A 795 -21.51 -36.65 -26.10
N ASP A 796 -22.37 -36.28 -25.15
CA ASP A 796 -22.87 -34.91 -24.99
C ASP A 796 -22.05 -34.22 -23.89
N SER A 797 -21.36 -33.15 -24.26
CA SER A 797 -20.45 -32.48 -23.34
C SER A 797 -20.98 -31.11 -22.92
N THR A 798 -22.29 -30.91 -23.01
CA THR A 798 -22.86 -29.62 -22.63
C THR A 798 -22.46 -29.25 -21.21
N HIS A 799 -22.64 -30.17 -20.25
CA HIS A 799 -22.33 -29.85 -18.87
C HIS A 799 -20.83 -29.76 -18.62
N LEU A 800 -20.03 -30.54 -19.34
CA LEU A 800 -18.58 -30.39 -19.21
C LEU A 800 -18.12 -29.00 -19.64
N ASP A 801 -18.63 -28.50 -20.76
CA ASP A 801 -18.21 -27.18 -21.22
C ASP A 801 -18.65 -26.10 -20.26
N GLN A 802 -19.84 -26.26 -19.69
CA GLN A 802 -20.32 -25.33 -18.68
C GLN A 802 -19.40 -25.34 -17.48
N LEU A 803 -19.03 -26.54 -17.02
CA LEU A 803 -18.20 -26.64 -15.84
C LEU A 803 -16.86 -25.95 -16.05
N CYS A 804 -16.19 -26.22 -17.18
CA CYS A 804 -14.93 -25.54 -17.49
C CYS A 804 -15.13 -24.05 -17.74
N ARG A 805 -16.19 -23.67 -18.44
CA ARG A 805 -16.47 -22.24 -18.57
C ARG A 805 -16.50 -21.57 -17.20
N GLU A 806 -17.19 -22.17 -16.23
CA GLU A 806 -17.22 -21.58 -14.89
C GLU A 806 -15.86 -21.63 -14.22
N ALA A 807 -15.22 -22.79 -14.24
CA ALA A 807 -13.93 -22.94 -13.56
C ALA A 807 -12.88 -22.01 -14.15
N LEU A 808 -12.82 -21.90 -15.48
CA LEU A 808 -11.92 -20.93 -16.08
C LEU A 808 -12.22 -19.51 -15.62
N SER A 809 -13.49 -19.18 -15.36
CA SER A 809 -13.84 -17.86 -14.85
C SER A 809 -13.19 -17.60 -13.48
N VAL A 810 -13.20 -18.59 -12.59
CA VAL A 810 -12.63 -18.42 -11.26
C VAL A 810 -11.12 -18.21 -11.32
N LEU A 811 -10.44 -18.92 -12.23
CA LEU A 811 -9.00 -18.72 -12.40
C LEU A 811 -8.68 -17.33 -12.88
N LYS A 812 -9.48 -16.80 -13.80
CA LYS A 812 -9.27 -15.47 -14.30
C LYS A 812 -9.65 -14.40 -13.30
N GLY A 813 -10.32 -14.79 -12.21
CA GLY A 813 -10.80 -13.84 -11.23
C GLY A 813 -12.07 -13.17 -11.66
N GLU A 814 -12.71 -13.69 -12.70
CA GLU A 814 -13.83 -13.04 -13.38
C GLU A 814 -15.19 -13.66 -13.05
N HIS A 815 -15.27 -14.56 -12.08
CA HIS A 815 -16.55 -15.20 -11.76
C HIS A 815 -17.45 -14.30 -10.90
N ALA A 816 -18.75 -14.57 -10.97
CA ALA A 816 -19.72 -13.72 -10.26
C ALA A 816 -19.43 -13.67 -8.77
N CYS A 817 -19.03 -14.80 -8.18
CA CYS A 817 -18.71 -14.83 -6.77
C CYS A 817 -17.46 -14.03 -6.47
N GLN A 818 -16.59 -13.85 -7.48
CA GLN A 818 -15.40 -13.02 -7.33
C GLN A 818 -15.69 -11.52 -7.54
N THR A 819 -16.48 -11.20 -8.57
CA THR A 819 -16.69 -9.81 -9.00
C THR A 819 -17.87 -9.21 -8.25
N ILE A 820 -17.61 -8.86 -6.99
CA ILE A 820 -18.55 -8.00 -6.25
C ILE A 820 -17.78 -6.85 -5.61
N GLU A 830 -5.72 -7.59 -10.97
CA GLU A 830 -5.41 -8.96 -11.36
C GLU A 830 -4.34 -9.62 -10.45
N ASP A 831 -3.31 -8.83 -10.10
CA ASP A 831 -2.27 -9.27 -9.18
C ASP A 831 -2.64 -9.08 -7.72
N LEU A 832 -3.85 -8.60 -7.44
CA LEU A 832 -4.26 -8.22 -6.09
C LEU A 832 -3.92 -9.31 -5.08
N ASP A 833 -3.60 -8.88 -3.85
CA ASP A 833 -3.35 -9.83 -2.77
C ASP A 833 -4.65 -10.51 -2.35
N ALA A 834 -4.61 -11.82 -2.11
CA ALA A 834 -5.82 -12.59 -1.93
C ALA A 834 -5.91 -13.18 -0.52
N SER A 835 -7.14 -13.26 -0.02
CA SER A 835 -7.38 -13.92 1.26
C SER A 835 -7.22 -15.43 1.09
N GLU A 836 -7.08 -16.13 2.22
CA GLU A 836 -6.94 -17.59 2.12
C GLU A 836 -8.19 -18.22 1.53
N THR A 837 -9.36 -17.65 1.83
CA THR A 837 -10.59 -18.11 1.18
C THR A 837 -10.53 -17.89 -0.32
N GLU A 838 -10.12 -16.69 -0.74
CA GLU A 838 -9.99 -16.44 -2.17
C GLU A 838 -9.00 -17.41 -2.81
N ALA A 839 -7.86 -17.66 -2.15
CA ALA A 839 -6.92 -18.62 -2.73
C ALA A 839 -7.50 -20.03 -2.77
N THR A 840 -8.20 -20.46 -1.71
CA THR A 840 -8.87 -21.76 -1.73
C THR A 840 -9.81 -21.85 -2.92
N LEU A 841 -10.56 -20.78 -3.21
CA LEU A 841 -11.40 -20.77 -4.39
C LEU A 841 -10.59 -21.04 -5.65
N LEU A 842 -9.42 -20.43 -5.76
CA LEU A 842 -8.55 -20.71 -6.89
C LEU A 842 -8.17 -22.20 -6.94
N ASP A 843 -7.75 -22.74 -5.80
CA ASP A 843 -7.27 -24.11 -5.77
C ASP A 843 -8.37 -25.11 -6.12
N VAL A 844 -9.60 -24.89 -5.65
CA VAL A 844 -10.65 -25.87 -5.95
C VAL A 844 -11.02 -25.87 -7.43
N ALA A 845 -10.95 -24.71 -8.09
CA ALA A 845 -11.15 -24.68 -9.54
C ALA A 845 -10.02 -25.40 -10.28
N LEU A 846 -8.77 -25.20 -9.85
CA LEU A 846 -7.68 -25.97 -10.42
C LEU A 846 -7.94 -27.46 -10.26
N ASP A 847 -8.49 -27.85 -9.10
CA ASP A 847 -8.77 -29.25 -8.81
C ASP A 847 -9.76 -29.86 -9.79
N ILE A 848 -10.64 -29.05 -10.38
CA ILE A 848 -11.50 -29.55 -11.44
C ILE A 848 -10.65 -30.00 -12.61
N TYR A 849 -9.67 -29.17 -12.98
CA TYR A 849 -8.79 -29.52 -14.09
C TYR A 849 -7.92 -30.72 -13.75
N VAL A 850 -7.38 -30.78 -12.53
CA VAL A 850 -6.57 -31.92 -12.13
C VAL A 850 -7.39 -33.20 -12.22
N ALA A 851 -8.65 -33.16 -11.81
CA ALA A 851 -9.45 -34.37 -11.82
C ALA A 851 -9.91 -34.72 -13.23
N LEU A 852 -10.27 -33.74 -14.05
CA LEU A 852 -10.64 -34.06 -15.43
C LEU A 852 -9.46 -34.63 -16.24
N SER A 853 -8.22 -34.22 -15.93
CA SER A 853 -7.06 -34.76 -16.64
C SER A 853 -6.83 -36.24 -16.33
N THR A 854 -6.97 -36.64 -15.07
CA THR A 854 -6.89 -38.07 -14.79
C THR A 854 -8.06 -38.81 -15.42
N ASN A 855 -9.24 -38.18 -15.51
CA ASN A 855 -10.41 -38.84 -16.08
C ASN A 855 -10.24 -39.12 -17.57
N LEU A 856 -9.77 -38.11 -18.31
CA LEU A 856 -9.83 -38.15 -19.77
C LEU A 856 -8.50 -38.45 -20.43
N VAL A 857 -7.39 -38.33 -19.69
CA VAL A 857 -6.06 -38.62 -20.23
C VAL A 857 -5.86 -37.77 -21.48
N GLY A 858 -5.42 -38.38 -22.57
CA GLY A 858 -5.21 -37.62 -23.79
C GLY A 858 -6.41 -36.79 -24.21
N GLY A 859 -7.62 -37.32 -23.99
CA GLY A 859 -8.87 -36.61 -24.27
C GLY A 859 -9.07 -35.28 -23.56
N PHE A 860 -8.28 -34.99 -22.54
CA PHE A 860 -8.33 -33.72 -21.80
C PHE A 860 -7.64 -32.55 -22.54
N ALA A 861 -6.77 -32.82 -23.51
CA ALA A 861 -5.97 -31.76 -24.13
C ALA A 861 -6.85 -30.65 -24.72
N GLN A 862 -7.97 -31.00 -25.34
CA GLN A 862 -8.85 -30.00 -25.94
C GLN A 862 -9.38 -29.05 -24.89
N VAL A 863 -9.89 -29.60 -23.80
CA VAL A 863 -10.44 -28.77 -22.72
C VAL A 863 -9.33 -27.95 -22.03
N PHE A 864 -8.12 -28.50 -21.93
CA PHE A 864 -7.04 -27.86 -21.19
C PHE A 864 -6.46 -26.65 -21.91
N THR A 865 -6.74 -26.52 -23.21
CA THR A 865 -6.14 -25.48 -24.04
C THR A 865 -6.49 -24.07 -23.58
N THR A 866 -7.74 -23.81 -23.20
CA THR A 866 -8.04 -22.48 -22.68
C THR A 866 -7.39 -22.23 -21.32
N ALA A 867 -7.44 -23.21 -20.41
CA ALA A 867 -6.94 -22.90 -19.07
C ALA A 867 -5.42 -22.82 -19.04
N LYS A 868 -4.75 -23.54 -19.94
CA LYS A 868 -3.30 -23.64 -19.87
C LYS A 868 -2.60 -22.29 -19.83
N PRO A 869 -2.87 -21.36 -20.74
CA PRO A 869 -2.20 -20.05 -20.65
C PRO A 869 -2.48 -19.37 -19.32
N VAL A 870 -3.73 -19.41 -18.83
CA VAL A 870 -4.06 -18.79 -17.54
C VAL A 870 -3.26 -19.44 -16.41
N ILE A 871 -3.22 -20.78 -16.37
CA ILE A 871 -2.53 -21.45 -15.28
C ILE A 871 -1.04 -21.18 -15.35
N LEU A 872 -0.45 -21.22 -16.55
CA LEU A 872 0.97 -20.90 -16.69
C LEU A 872 1.25 -19.48 -16.21
N GLN A 873 0.34 -18.55 -16.50
CA GLN A 873 0.50 -17.20 -16.00
C GLN A 873 0.45 -17.16 -14.48
N LEU A 874 -0.43 -17.98 -13.86
CA LEU A 874 -0.54 -17.99 -12.41
C LEU A 874 0.75 -18.50 -11.75
N CYS A 875 1.53 -19.34 -12.46
CA CYS A 875 2.82 -19.76 -11.94
C CYS A 875 3.74 -18.57 -11.68
N GLN A 876 3.41 -17.39 -12.22
CA GLN A 876 4.20 -16.16 -12.10
C GLN A 876 3.64 -15.18 -11.07
N SER A 877 2.59 -15.53 -10.36
CA SER A 877 1.91 -14.57 -9.48
C SER A 877 2.86 -13.97 -8.46
N LYS A 878 2.54 -12.77 -8.00
CA LYS A 878 3.24 -12.27 -6.83
C LYS A 878 2.92 -13.11 -5.60
N SER A 879 1.84 -13.90 -5.65
CA SER A 879 1.40 -14.70 -4.51
C SER A 879 2.16 -16.04 -4.43
N LYS A 880 2.70 -16.33 -3.24
CA LYS A 880 3.43 -17.59 -3.04
C LYS A 880 2.49 -18.80 -3.12
N ASN A 881 1.33 -18.71 -2.46
CA ASN A 881 0.37 -19.81 -2.52
C ASN A 881 -0.17 -20.00 -3.93
N LYS A 882 -0.42 -18.91 -4.66
CA LYS A 882 -0.93 -19.04 -6.02
C LYS A 882 0.10 -19.69 -6.94
N ARG A 883 1.38 -19.27 -6.84
CA ARG A 883 2.41 -19.95 -7.59
C ARG A 883 2.49 -21.41 -7.20
N SER A 884 2.33 -21.70 -5.90
CA SER A 884 2.34 -23.09 -5.45
C SER A 884 1.14 -23.86 -6.00
N PHE A 885 -0.05 -23.27 -5.97
CA PHE A 885 -1.22 -24.00 -6.45
C PHE A 885 -1.09 -24.33 -7.94
N ALA A 886 -0.70 -23.34 -8.74
CA ALA A 886 -0.61 -23.53 -10.18
C ALA A 886 0.45 -24.58 -10.54
N VAL A 887 1.66 -24.43 -10.01
CA VAL A 887 2.72 -25.39 -10.31
C VAL A 887 2.32 -26.79 -9.83
N GLY A 888 1.75 -26.88 -8.63
CA GLY A 888 1.30 -28.17 -8.14
C GLY A 888 0.22 -28.77 -9.02
N ALA A 889 -0.73 -27.94 -9.43
CA ALA A 889 -1.78 -28.41 -10.34
C ALA A 889 -1.20 -28.79 -11.73
N LEU A 890 -0.25 -28.00 -12.25
CA LEU A 890 0.37 -28.40 -13.52
C LEU A 890 1.07 -29.75 -13.37
N SER A 891 1.73 -29.99 -12.24
CA SER A 891 2.39 -31.28 -12.03
C SER A 891 1.36 -32.41 -11.99
N GLU A 892 0.26 -32.22 -11.26
CA GLU A 892 -0.76 -33.26 -11.19
C GLU A 892 -1.46 -33.47 -12.54
N ILE A 893 -1.67 -32.40 -13.30
CA ILE A 893 -2.23 -32.53 -14.64
C ILE A 893 -1.28 -33.33 -15.53
N ALA A 894 0.02 -33.07 -15.42
CA ALA A 894 0.98 -33.89 -16.15
C ALA A 894 0.77 -35.35 -15.83
N LEU A 895 0.58 -35.67 -14.54
CA LEU A 895 0.42 -37.06 -14.16
C LEU A 895 -0.85 -37.66 -14.74
N GLY A 896 -1.88 -36.85 -14.94
CA GLY A 896 -3.10 -37.40 -15.48
C GLY A 896 -3.03 -37.71 -16.96
N ARG A 898 -0.07 -38.17 -18.75
CA ARG A 898 1.01 -39.17 -18.99
C ARG A 898 1.64 -38.94 -20.36
N ASP A 899 1.90 -39.99 -21.14
CA ASP A 899 2.54 -39.90 -22.44
C ASP A 899 1.60 -39.43 -23.53
N GLU A 900 0.31 -39.29 -23.24
CA GLU A 900 -0.62 -38.77 -24.22
C GLU A 900 -0.77 -37.26 -24.13
N ASN A 901 0.19 -36.57 -23.50
CA ASN A 901 0.12 -35.13 -23.29
C ASN A 901 0.83 -34.40 -24.43
N PRO A 902 0.13 -33.63 -25.26
CA PRO A 902 0.77 -32.94 -26.38
C PRO A 902 1.47 -31.64 -26.02
N PHE A 903 1.62 -31.31 -24.72
CA PHE A 903 2.24 -30.05 -24.32
C PHE A 903 3.40 -30.26 -23.37
N ILE A 904 4.00 -31.46 -23.33
CA ILE A 904 5.06 -31.76 -22.37
C ILE A 904 6.22 -30.78 -22.50
N GLN A 905 6.67 -30.54 -23.73
CA GLN A 905 7.77 -29.59 -23.96
C GLN A 905 7.48 -28.23 -23.35
N GLU A 906 6.31 -27.66 -23.65
CA GLU A 906 5.95 -26.35 -23.12
C GLU A 906 5.82 -26.35 -21.60
N LEU A 907 5.16 -27.36 -21.04
CA LEU A 907 5.04 -27.41 -19.59
C LEU A 907 6.40 -27.64 -18.94
N LEU A 908 7.21 -28.54 -19.50
CA LEU A 908 8.52 -28.80 -18.94
C LEU A 908 9.37 -27.55 -18.89
N GLU A 909 9.26 -26.73 -19.94
CA GLU A 909 10.04 -25.51 -20.01
C GLU A 909 9.64 -24.54 -18.91
N ALA A 910 8.34 -24.46 -18.64
CA ALA A 910 7.86 -23.54 -17.60
C ALA A 910 8.29 -24.01 -16.22
N LEU A 911 8.09 -25.30 -15.93
CA LEU A 911 8.44 -25.81 -14.61
C LEU A 911 9.94 -25.75 -14.36
N ILE A 912 10.77 -25.87 -15.39
CA ILE A 912 12.21 -25.72 -15.15
C ILE A 912 12.53 -24.30 -14.70
N ILE A 913 11.85 -23.31 -15.28
CA ILE A 913 12.06 -21.93 -14.86
C ILE A 913 11.70 -21.78 -13.39
N SER A 914 10.56 -22.36 -12.98
CA SER A 914 10.17 -22.33 -11.58
C SER A 914 11.17 -23.09 -10.72
N LEU A 915 11.59 -24.26 -11.15
CA LEU A 915 12.57 -25.03 -10.40
C LEU A 915 13.86 -24.24 -10.24
N THR A 916 14.25 -23.52 -11.29
CA THR A 916 15.54 -22.84 -11.26
C THR A 916 15.48 -21.51 -10.52
N ASN A 917 14.44 -20.69 -10.75
CA ASN A 917 14.45 -19.29 -10.31
C ASN A 917 13.51 -18.93 -9.17
N ASP A 918 12.63 -19.81 -8.75
CA ASP A 918 11.68 -19.35 -7.76
C ASP A 918 12.38 -19.17 -6.42
N LYS A 919 11.88 -18.20 -5.64
CA LYS A 919 12.44 -17.92 -4.32
C LYS A 919 11.77 -18.72 -3.22
N SER A 920 10.68 -19.40 -3.52
CA SER A 920 9.99 -20.20 -2.52
C SER A 920 10.47 -21.65 -2.57
N LEU A 921 10.86 -22.16 -1.40
CA LEU A 921 11.20 -23.58 -1.31
C LEU A 921 9.99 -24.46 -1.60
N GLU A 922 8.81 -24.06 -1.13
CA GLU A 922 7.64 -24.87 -1.41
C GLU A 922 7.32 -24.91 -2.90
N VAL A 923 7.48 -23.80 -3.60
CA VAL A 923 7.19 -23.76 -5.02
C VAL A 923 8.20 -24.61 -5.79
N ARG A 924 9.49 -24.48 -5.45
CA ARG A 924 10.48 -25.34 -6.10
C ARG A 924 10.25 -26.80 -5.76
N CYS A 925 9.73 -27.09 -4.57
CA CYS A 925 9.38 -28.45 -4.20
C CYS A 925 8.37 -29.05 -5.16
N ASN A 926 7.23 -28.37 -5.34
CA ASN A 926 6.20 -28.86 -6.26
C ASN A 926 6.70 -28.85 -7.70
N ALA A 927 7.53 -27.88 -8.06
CA ALA A 927 8.09 -27.86 -9.40
C ALA A 927 8.91 -29.11 -9.70
N SER A 928 9.73 -29.56 -8.74
CA SER A 928 10.57 -30.71 -9.04
C SER A 928 9.75 -31.96 -9.31
N TYR A 929 8.60 -32.09 -8.65
CA TYR A 929 7.75 -33.24 -8.90
C TYR A 929 7.26 -33.24 -10.34
N GLY A 930 6.70 -32.11 -10.80
CA GLY A 930 6.26 -32.04 -12.18
C GLY A 930 7.38 -32.22 -13.18
N VAL A 931 8.59 -31.73 -12.86
CA VAL A 931 9.69 -31.82 -13.81
C VAL A 931 10.02 -33.29 -14.09
N GLY A 932 10.16 -34.10 -13.05
CA GLY A 932 10.41 -35.52 -13.26
C GLY A 932 9.27 -36.19 -14.00
N LEU A 933 8.03 -35.84 -13.67
CA LEU A 933 6.91 -36.46 -14.38
C LEU A 933 6.95 -36.12 -15.85
N LEU A 934 7.07 -34.82 -16.16
CA LEU A 934 7.19 -34.39 -17.56
C LEU A 934 8.36 -35.08 -18.26
N ILE A 935 9.53 -35.17 -17.61
CA ILE A 935 10.65 -35.83 -18.26
C ILE A 935 10.34 -37.30 -18.48
N GLU A 936 9.70 -37.94 -17.50
CA GLU A 936 9.41 -39.37 -17.62
C GLU A 936 8.50 -39.65 -18.80
N TYR A 937 7.52 -38.77 -19.05
CA TYR A 937 6.54 -38.92 -20.10
C TYR A 937 6.98 -38.31 -21.43
N SER A 938 8.06 -37.54 -21.44
CA SER A 938 8.54 -36.93 -22.68
C SER A 938 9.05 -38.00 -23.63
N SER A 939 8.80 -37.78 -24.92
CA SER A 939 9.28 -38.64 -26.00
C SER A 939 10.20 -37.92 -26.96
N PHE A 940 10.53 -36.67 -26.69
CA PHE A 940 11.45 -35.87 -27.47
C PHE A 940 12.79 -35.79 -26.73
N ASP A 941 13.76 -35.17 -27.39
CA ASP A 941 15.13 -35.12 -26.89
C ASP A 941 15.29 -34.10 -25.78
N VAL A 942 15.69 -34.56 -24.59
CA VAL A 942 15.84 -33.71 -23.41
C VAL A 942 17.31 -33.59 -22.97
N SER A 943 18.26 -33.98 -23.82
CA SER A 943 19.68 -33.96 -23.44
C SER A 943 20.19 -32.56 -23.11
N ALA A 944 19.63 -31.53 -23.73
CA ALA A 944 20.05 -30.17 -23.42
C ALA A 944 19.64 -29.73 -22.00
N ILE A 945 18.51 -30.22 -21.48
CA ILE A 945 18.07 -29.74 -20.16
C ILE A 945 18.53 -30.62 -18.99
N TYR A 946 19.08 -31.81 -19.22
CA TYR A 946 19.47 -32.63 -18.08
C TYR A 946 20.50 -31.93 -17.19
N SER A 947 21.55 -31.39 -17.79
CA SER A 947 22.60 -30.79 -16.97
C SER A 947 22.13 -29.60 -16.16
N PRO A 948 21.41 -28.62 -16.72
CA PRO A 948 20.94 -27.50 -15.89
C PRO A 948 19.98 -27.95 -14.81
N VAL A 949 19.05 -28.83 -15.16
CA VAL A 949 18.08 -29.34 -14.19
C VAL A 949 18.81 -30.05 -13.04
N LEU A 950 19.77 -30.93 -13.37
CA LEU A 950 20.50 -31.62 -12.31
C LEU A 950 21.28 -30.65 -11.41
N LYS A 951 21.82 -29.58 -11.98
CA LYS A 951 22.48 -28.59 -11.13
C LYS A 951 21.48 -27.90 -10.20
N SER A 952 20.31 -27.54 -10.70
CA SER A 952 19.27 -27.00 -9.83
C SER A 952 18.88 -28.01 -8.77
N LEU A 953 18.73 -29.28 -9.16
CA LEU A 953 18.35 -30.32 -8.21
C LEU A 953 19.39 -30.47 -7.09
N TYR A 954 20.68 -30.31 -7.40
CA TYR A 954 21.66 -30.35 -6.31
C TYR A 954 21.64 -29.07 -5.48
N GLU A 955 21.35 -27.91 -6.10
CA GLU A 955 21.25 -26.67 -5.33
C GLU A 955 20.05 -26.68 -4.39
N ILE A 956 18.91 -27.20 -4.83
CA ILE A 956 17.74 -27.30 -3.97
C ILE A 956 17.99 -28.26 -2.82
N LEU A 957 18.74 -29.33 -3.07
CA LEU A 957 19.22 -30.12 -1.95
C LEU A 957 20.05 -29.28 -0.99
N SER A 958 20.67 -28.20 -1.50
CA SER A 958 21.51 -27.34 -0.68
C SER A 958 20.69 -26.36 0.17
N VAL A 959 19.63 -25.76 -0.38
CA VAL A 959 18.81 -24.83 0.40
C VAL A 959 17.93 -25.58 1.41
N ALA A 960 17.52 -26.81 1.09
CA ALA A 960 16.83 -27.63 2.09
C ALA A 960 17.80 -28.20 3.12
N ASP A 961 19.08 -28.43 2.76
CA ASP A 961 20.06 -28.97 3.71
C ASP A 961 20.26 -28.03 4.91
N GLU A 962 20.50 -26.77 4.63
CA GLU A 962 20.75 -25.85 5.68
C GLU A 962 19.56 -25.72 6.53
N LYS A 963 18.41 -25.67 5.93
CA LYS A 963 17.19 -25.54 6.67
C LYS A 963 16.96 -26.73 7.58
N ASN A 964 17.31 -27.91 7.12
CA ASN A 964 17.18 -29.12 7.85
C ASN A 964 18.01 -29.07 9.12
N LEU A 965 19.21 -28.54 9.03
CA LEU A 965 20.10 -28.52 10.19
C LEU A 965 19.62 -27.73 11.36
N ALA A 966 19.04 -26.57 11.11
CA ALA A 966 18.61 -25.80 12.24
C ALA A 966 17.12 -25.82 12.34
N GLU A 971 7.84 -18.61 6.71
CA GLU A 971 7.28 -19.25 5.53
C GLU A 971 7.48 -20.77 5.42
N ALA A 972 8.71 -21.25 5.52
CA ALA A 972 9.03 -22.66 5.30
C ALA A 972 9.20 -23.61 6.47
N THR A 973 8.28 -24.55 6.54
CA THR A 973 8.20 -25.56 7.57
C THR A 973 9.10 -26.74 7.38
N LYS A 974 9.16 -27.62 8.35
CA LYS A 974 9.98 -28.80 8.23
C LYS A 974 9.34 -29.82 7.34
N GLU A 975 8.03 -29.80 7.29
CA GLU A 975 7.31 -30.68 6.43
C GLU A 975 7.62 -30.43 5.00
N ILE A 976 7.73 -29.17 4.63
CA ILE A 976 8.10 -28.76 3.32
C ILE A 976 9.48 -29.22 3.00
N VAL A 977 10.39 -29.04 3.91
CA VAL A 977 11.76 -29.44 3.69
C VAL A 977 11.89 -30.91 3.49
N ASP A 978 11.16 -31.70 4.24
CA ASP A 978 11.25 -33.11 4.07
C ASP A 978 10.61 -33.52 2.80
N ARG A 979 9.53 -32.90 2.42
CA ARG A 979 8.89 -33.19 1.15
C ARG A 979 9.79 -32.80 -0.01
N THR A 980 10.56 -31.73 0.13
CA THR A 980 11.48 -31.36 -0.95
C THR A 980 12.52 -32.45 -1.17
N PHE A 981 13.05 -33.02 -0.10
CA PHE A 981 13.98 -34.13 -0.27
C PHE A 981 13.31 -35.27 -1.03
N SER A 982 12.12 -35.68 -0.58
CA SER A 982 11.44 -36.78 -1.26
C SER A 982 11.19 -36.45 -2.73
N ASN A 983 10.66 -35.26 -3.02
CA ASN A 983 10.33 -34.94 -4.40
C ASN A 983 11.58 -34.79 -5.26
N VAL A 984 12.63 -34.15 -4.74
CA VAL A 984 13.86 -34.03 -5.52
C VAL A 984 14.41 -35.42 -5.84
N CYS A 985 14.52 -36.29 -4.84
CA CYS A 985 15.03 -37.65 -5.09
C CYS A 985 14.16 -38.42 -6.08
N GLY A 986 12.83 -38.34 -5.93
CA GLY A 986 11.95 -38.92 -6.94
C GLY A 986 12.24 -38.38 -8.32
N CYS A 987 12.42 -37.06 -8.46
CA CYS A 987 12.69 -36.48 -9.77
C CYS A 987 13.99 -37.01 -10.36
N VAL A 988 15.06 -37.02 -9.56
CA VAL A 988 16.34 -37.55 -10.01
C VAL A 988 16.21 -39.02 -10.43
N ALA A 989 15.51 -39.83 -9.62
CA ALA A 989 15.33 -41.23 -10.00
C ALA A 989 14.57 -41.35 -11.33
N ARG A 990 13.49 -40.60 -11.50
CA ARG A 990 12.75 -40.67 -12.75
C ARG A 990 13.62 -40.32 -13.95
N ILE A 992 17.12 -40.70 -14.08
CA ILE A 992 18.03 -41.84 -14.26
C ILE A 992 17.31 -42.96 -15.00
N LEU A 993 16.08 -43.27 -14.57
CA LEU A 993 15.28 -44.30 -15.25
C LEU A 993 15.06 -43.98 -16.72
N LYS A 994 14.86 -42.71 -17.06
CA LYS A 994 14.45 -42.33 -18.42
C LYS A 994 15.60 -42.40 -19.42
N HIS A 995 16.78 -41.91 -19.01
CA HIS A 995 17.97 -41.68 -19.78
C HIS A 995 19.19 -41.86 -18.90
N GLN A 996 19.42 -43.10 -18.48
CA GLN A 996 20.55 -43.42 -17.61
C GLN A 996 21.86 -42.85 -18.16
N ASN A 997 22.06 -42.91 -19.49
CA ASN A 997 23.32 -42.46 -20.07
C ASN A 997 23.60 -40.98 -19.82
N LEU A 998 22.56 -40.19 -19.54
CA LEU A 998 22.72 -38.74 -19.37
C LEU A 998 23.04 -38.33 -17.95
N VAL A 999 23.01 -39.25 -16.99
CA VAL A 999 23.16 -38.93 -15.57
C VAL A 999 24.41 -39.64 -15.08
N PRO A 1000 25.36 -38.94 -14.48
CA PRO A 1000 26.56 -39.59 -13.93
C PRO A 1000 26.29 -40.16 -12.55
N LEU A 1001 26.15 -41.48 -12.48
CA LEU A 1001 25.67 -42.14 -11.26
C LEU A 1001 26.64 -42.10 -10.10
N GLU A 1002 27.94 -42.04 -10.33
CA GLU A 1002 28.86 -42.23 -9.21
C GLU A 1002 28.63 -41.18 -8.12
N HIS A 1003 28.24 -39.96 -8.50
CA HIS A 1003 27.93 -38.94 -7.51
C HIS A 1003 26.45 -38.88 -7.14
N THR A 1004 25.56 -39.26 -8.07
CA THR A 1004 24.12 -39.13 -7.83
C THR A 1004 23.61 -40.20 -6.87
N ILE A 1005 24.05 -41.45 -7.01
CA ILE A 1005 23.54 -42.53 -6.16
C ILE A 1005 23.77 -42.20 -4.69
N PRO A 1006 24.96 -41.76 -4.27
CA PRO A 1006 25.13 -41.43 -2.84
C PRO A 1006 24.24 -40.30 -2.40
N ALA A 1007 24.08 -39.26 -3.24
CA ALA A 1007 23.18 -38.19 -2.87
C ALA A 1007 21.77 -38.71 -2.66
N LEU A 1008 21.37 -39.67 -3.49
CA LEU A 1008 20.08 -40.31 -3.31
C LEU A 1008 20.03 -41.07 -2.00
N LEU A 1009 21.05 -41.90 -1.77
CA LEU A 1009 21.06 -42.71 -0.57
C LEU A 1009 21.09 -41.84 0.67
N SER A 1010 21.82 -40.73 0.66
CA SER A 1010 21.99 -39.96 1.88
C SER A 1010 20.69 -39.36 2.37
N HIS A 1011 19.68 -39.25 1.53
CA HIS A 1011 18.39 -38.71 1.96
C HIS A 1011 17.34 -39.80 2.14
N LEU A 1012 17.74 -41.05 2.15
CA LEU A 1012 16.88 -42.19 2.37
C LEU A 1012 17.24 -42.85 3.69
N PRO A 1013 16.25 -43.43 4.41
CA PRO A 1013 14.80 -43.47 4.13
C PRO A 1013 14.12 -42.14 4.26
N PHE A 1014 12.93 -42.01 3.68
CA PHE A 1014 12.12 -40.80 3.74
C PHE A 1014 11.37 -40.67 5.07
N ASN A 1015 11.00 -39.42 5.40
CA ASN A 1015 10.12 -39.06 6.52
C ASN A 1015 8.68 -38.78 6.13
N THR A 1016 8.44 -38.48 4.85
CA THR A 1016 7.12 -38.10 4.35
C THR A 1016 7.14 -38.34 2.83
N ALA A 1017 5.99 -38.12 2.20
CA ALA A 1017 5.89 -38.20 0.75
C ALA A 1017 6.40 -39.55 0.22
N PHE A 1018 5.88 -40.62 0.79
CA PHE A 1018 6.34 -41.97 0.45
C PHE A 1018 5.91 -42.39 -0.95
N GLU A 1019 5.10 -41.59 -1.63
CA GLU A 1019 4.84 -41.88 -3.03
C GLU A 1019 6.14 -41.87 -3.85
N GLU A 1020 7.12 -41.08 -3.41
CA GLU A 1020 8.37 -40.92 -4.17
C GLU A 1020 9.29 -42.11 -4.02
N TYR A 1021 8.97 -43.06 -3.14
CA TYR A 1021 9.65 -44.35 -3.13
C TYR A 1021 9.43 -45.10 -4.44
N ASP A 1022 8.28 -44.90 -5.08
CA ASP A 1022 7.94 -45.74 -6.23
C ASP A 1022 9.04 -45.68 -7.30
N PRO A 1023 9.44 -44.52 -7.81
CA PRO A 1023 10.58 -44.49 -8.73
C PRO A 1023 11.87 -44.94 -8.09
N ILE A 1024 12.07 -44.69 -6.80
CA ILE A 1024 13.33 -45.09 -6.18
C ILE A 1024 13.42 -46.61 -6.09
N PHE A 1025 12.31 -47.27 -5.71
CA PHE A 1025 12.32 -48.72 -5.71
C PHE A 1025 12.61 -49.25 -7.10
N LYS A 1026 11.95 -48.67 -8.10
CA LYS A 1026 12.18 -49.06 -9.50
C LYS A 1026 13.64 -48.85 -9.90
N LEU A 1027 14.25 -47.74 -9.47
CA LEU A 1027 15.66 -47.53 -9.78
C LEU A 1027 16.53 -48.60 -9.13
N PHE A 1028 16.27 -48.91 -7.85
CA PHE A 1028 17.02 -49.96 -7.17
C PHE A 1028 16.87 -51.29 -7.89
N LEU A 1029 15.67 -51.60 -8.36
CA LEU A 1029 15.47 -52.86 -9.03
C LEU A 1029 16.37 -52.98 -10.25
N LYS A 1030 16.39 -51.93 -11.06
CA LYS A 1030 17.13 -51.92 -12.32
C LYS A 1030 18.63 -51.89 -12.09
N LEU A 1031 19.11 -51.05 -11.15
CA LEU A 1031 20.55 -51.02 -10.92
C LEU A 1031 21.07 -52.37 -10.42
N PHE A 1032 20.36 -53.01 -9.48
CA PHE A 1032 20.79 -54.30 -8.96
C PHE A 1032 20.67 -55.42 -9.99
N GLN A 1033 19.66 -55.36 -10.85
CA GLN A 1033 19.50 -56.34 -11.91
C GLN A 1033 20.66 -56.28 -12.90
N GLU A 1034 21.22 -55.09 -13.14
CA GLU A 1034 22.40 -54.90 -13.97
C GLU A 1034 23.70 -55.05 -13.20
N GLN A 1035 23.62 -55.41 -11.92
CA GLN A 1035 24.80 -55.59 -11.08
C GLN A 1035 25.68 -54.34 -11.19
N ASN A 1036 25.02 -53.20 -11.33
CA ASN A 1036 25.71 -51.93 -11.43
C ASN A 1036 26.58 -51.75 -10.20
N SER A 1037 27.85 -51.41 -10.44
CA SER A 1037 28.82 -51.34 -9.34
C SER A 1037 28.39 -50.31 -8.28
N THR A 1038 27.83 -49.19 -8.72
CA THR A 1038 27.56 -48.10 -7.80
C THR A 1038 26.58 -48.53 -6.70
N ILE A 1039 25.50 -49.22 -7.07
CA ILE A 1039 24.56 -49.72 -6.06
C ILE A 1039 25.13 -50.94 -5.35
N ILE A 1040 25.85 -51.81 -6.08
CA ILE A 1040 26.29 -53.06 -5.47
C ILE A 1040 27.16 -52.81 -4.26
N ASN A 1041 27.93 -51.73 -4.27
CA ASN A 1041 28.74 -51.42 -3.10
C ASN A 1041 27.89 -50.85 -1.98
N GLU A 1042 26.68 -50.42 -2.29
CA GLU A 1042 25.82 -49.75 -1.33
C GLU A 1042 24.79 -50.70 -0.73
N ALA A 1043 25.00 -52.02 -0.86
CA ALA A 1043 23.98 -52.96 -0.41
C ALA A 1043 23.62 -52.79 1.06
N PRO A 1044 24.56 -52.53 1.97
CA PRO A 1044 24.15 -52.36 3.38
C PRO A 1044 23.22 -51.17 3.60
N LYS A 1045 23.46 -50.02 2.98
CA LYS A 1045 22.51 -48.93 3.12
C LYS A 1045 21.16 -49.30 2.50
N VAL A 1046 21.18 -49.97 1.35
CA VAL A 1046 19.93 -50.39 0.71
C VAL A 1046 19.16 -51.33 1.64
N ILE A 1047 19.85 -52.30 2.24
CA ILE A 1047 19.18 -53.23 3.13
C ILE A 1047 18.58 -52.48 4.32
N ALA A 1048 19.31 -51.50 4.86
CA ALA A 1048 18.78 -50.76 6.01
C ALA A 1048 17.55 -49.95 5.63
N ILE A 1049 17.52 -49.39 4.41
CA ILE A 1049 16.38 -48.61 3.97
C ILE A 1049 15.14 -49.50 3.92
N PHE A 1050 15.28 -50.70 3.37
CA PHE A 1050 14.15 -51.61 3.30
C PHE A 1050 13.75 -52.09 4.69
N ALA A 1051 14.69 -52.20 5.62
CA ALA A 1051 14.30 -52.57 6.97
C ALA A 1051 13.33 -51.54 7.53
N THR A 1052 13.66 -50.26 7.39
CA THR A 1052 12.73 -49.21 7.80
C THR A 1052 11.43 -49.28 7.01
N VAL A 1053 11.51 -49.44 5.68
CA VAL A 1053 10.29 -49.46 4.88
C VAL A 1053 9.33 -50.54 5.39
N PHE A 1054 9.82 -51.76 5.58
CA PHE A 1054 8.95 -52.84 5.99
C PHE A 1054 8.52 -52.73 7.46
N GLU A 1055 9.36 -52.11 8.28
CA GLU A 1055 8.98 -51.81 9.65
C GLU A 1055 7.82 -50.84 9.68
N LYS A 1056 7.92 -49.78 8.88
CA LYS A 1056 6.85 -48.79 8.75
C LYS A 1056 5.59 -49.40 8.16
N GLU A 1057 5.74 -50.31 7.19
CA GLU A 1057 4.59 -50.94 6.55
C GLU A 1057 3.79 -51.80 7.52
N SER A 1058 4.47 -52.51 8.42
CA SER A 1058 3.75 -53.32 9.39
C SER A 1058 3.09 -52.44 10.46
N GLU A 1059 3.78 -51.40 10.91
CA GLU A 1059 3.14 -50.47 11.82
C GLU A 1059 1.86 -49.93 11.21
N ARG A 1060 1.89 -49.66 9.91
CA ARG A 1060 0.70 -49.18 9.22
C ARG A 1060 -0.41 -50.23 9.25
N ILE A 1061 -0.06 -51.50 9.05
CA ILE A 1061 -1.09 -52.53 9.01
C ILE A 1061 -1.73 -52.73 10.39
N GLU A 1062 -0.94 -52.63 11.45
CA GLU A 1062 -1.49 -52.73 12.80
C GLU A 1062 -2.44 -51.57 13.05
N LEU A 1063 -2.01 -50.36 12.70
CA LEU A 1063 -2.85 -49.19 12.87
C LEU A 1063 -4.14 -49.32 12.05
N GLU A 1064 -4.05 -49.94 10.88
CA GLU A 1064 -5.21 -50.08 10.00
C GLU A 1064 -6.33 -50.86 10.68
N THR A 1065 -5.97 -51.90 11.45
CA THR A 1065 -6.99 -52.75 12.05
C THR A 1065 -7.47 -52.19 13.40
N ASN A 1066 -6.59 -51.58 14.18
CA ASN A 1066 -6.98 -51.12 15.51
C ASN A 1066 -7.61 -49.73 15.53
N SER A 1067 -7.56 -48.99 14.43
CA SER A 1067 -7.98 -47.60 14.47
C SER A 1067 -9.50 -47.50 14.60
N THR A 1068 -9.98 -46.30 14.97
CA THR A 1068 -11.41 -46.08 15.03
C THR A 1068 -12.00 -46.11 13.64
N LEU A 1069 -13.21 -46.63 13.51
CA LEU A 1069 -13.84 -46.73 12.21
C LEU A 1069 -13.97 -45.35 11.58
N GLY A 1070 -13.55 -45.24 10.31
CA GLY A 1070 -13.79 -44.02 9.56
C GLY A 1070 -12.78 -42.90 9.76
N ARG A 1071 -11.63 -43.17 10.38
CA ARG A 1071 -10.57 -42.19 10.50
C ARG A 1071 -9.54 -42.35 9.36
N GLU A 1072 -9.98 -42.90 8.24
CA GLU A 1072 -9.09 -43.21 7.13
C GLU A 1072 -8.94 -42.00 6.19
N GLU A 1073 -8.43 -40.92 6.74
CA GLU A 1073 -8.13 -39.75 5.91
C GLU A 1073 -6.77 -39.88 5.23
N ASN A 1074 -5.73 -40.30 5.96
CA ASN A 1074 -4.38 -40.42 5.46
C ASN A 1074 -3.98 -41.88 5.19
N LEU A 1075 -4.96 -42.74 4.92
CA LEU A 1075 -4.67 -44.15 4.68
C LEU A 1075 -3.71 -44.33 3.50
N GLU A 1076 -3.94 -43.60 2.41
CA GLU A 1076 -3.07 -43.70 1.25
C GLU A 1076 -1.69 -43.07 1.50
N LYS A 1077 -1.64 -42.01 2.31
CA LYS A 1077 -0.39 -41.26 2.48
C LYS A 1077 0.65 -42.05 3.27
N ARG A 1078 0.23 -42.84 4.25
CA ARG A 1078 1.21 -43.62 4.98
C ARG A 1078 1.59 -44.94 4.27
N LYS A 1079 1.04 -45.19 3.08
CA LYS A 1079 1.43 -46.35 2.30
C LYS A 1079 2.90 -46.24 1.83
N GLN A 1080 3.68 -47.29 2.07
CA GLN A 1080 5.07 -47.34 1.61
C GLN A 1080 5.22 -47.81 0.16
N PHE A 1081 4.24 -48.54 -0.37
CA PHE A 1081 4.27 -49.10 -1.71
C PHE A 1081 3.07 -48.62 -2.48
N GLN A 1082 3.28 -48.22 -3.73
CA GLN A 1082 2.16 -47.71 -4.50
C GLN A 1082 1.34 -48.82 -5.12
N SER A 1083 1.84 -50.05 -5.07
CA SER A 1083 1.08 -51.17 -5.58
C SER A 1083 1.61 -52.45 -4.95
N GLU A 1084 0.77 -53.48 -4.98
CA GLU A 1084 1.21 -54.79 -4.52
C GLU A 1084 2.24 -55.40 -5.48
N GLU A 1085 2.20 -55.02 -6.77
CA GLU A 1085 3.16 -55.58 -7.71
C GLU A 1085 4.59 -55.14 -7.39
N ILE A 1086 4.78 -53.85 -7.09
CA ILE A 1086 6.11 -53.35 -6.78
C ILE A 1086 6.58 -53.89 -5.43
N LYS A 1087 5.65 -54.09 -4.48
CA LYS A 1087 5.99 -54.67 -3.18
C LYS A 1087 6.53 -56.09 -3.33
N GLN A 1088 5.96 -56.87 -4.26
CA GLN A 1088 6.46 -58.23 -4.48
C GLN A 1088 7.84 -58.22 -5.15
N GLN A 1089 8.04 -57.30 -6.11
CA GLN A 1089 9.34 -57.12 -6.73
C GLN A 1089 10.42 -56.79 -5.70
N VAL A 1090 10.11 -55.88 -4.78
CA VAL A 1090 11.06 -55.56 -3.71
C VAL A 1090 11.33 -56.78 -2.85
N ILE A 1091 10.30 -57.57 -2.53
CA ILE A 1091 10.54 -58.77 -1.75
C ILE A 1091 11.40 -59.72 -2.55
N GLU A 1092 11.03 -59.95 -3.81
CA GLU A 1092 11.84 -60.81 -4.67
C GLU A 1092 13.27 -60.28 -4.81
N LEU A 1093 13.44 -58.97 -4.90
CA LEU A 1093 14.79 -58.42 -4.92
C LEU A 1093 15.51 -58.68 -3.60
N LEU A 1094 14.80 -58.58 -2.47
CA LEU A 1094 15.40 -58.82 -1.17
C LEU A 1094 15.85 -60.26 -1.01
N LYS A 1095 15.09 -61.20 -1.57
CA LYS A 1095 15.53 -62.58 -1.54
C LYS A 1095 16.83 -62.76 -2.31
N HIS A 1096 16.92 -62.18 -3.52
CA HIS A 1096 18.16 -62.30 -4.29
C HIS A 1096 19.32 -61.75 -3.48
N LEU A 1097 19.08 -60.61 -2.83
CA LEU A 1097 20.12 -59.99 -2.04
C LEU A 1097 20.59 -60.89 -0.91
N ASN A 1098 19.75 -61.83 -0.47
CA ASN A 1098 20.14 -62.74 0.60
C ASN A 1098 21.22 -63.72 0.14
N GLN A 1099 21.05 -64.34 -1.04
CA GLN A 1099 22.07 -65.27 -1.52
C GLN A 1099 23.39 -64.53 -1.77
N GLN A 1100 23.38 -63.59 -2.71
CA GLN A 1100 24.50 -62.69 -2.86
C GLN A 1100 24.62 -61.93 -1.56
N PHE A 1101 25.84 -61.63 -1.11
CA PHE A 1101 26.02 -61.02 0.21
C PHE A 1101 25.66 -61.94 1.37
N ASN A 1102 25.53 -63.24 1.12
CA ASN A 1102 25.64 -64.28 2.16
C ASN A 1102 24.80 -63.94 3.39
N GLY A 1103 23.49 -63.83 3.18
CA GLY A 1103 22.55 -63.73 4.28
C GLY A 1103 22.52 -62.40 4.99
N ALA A 1104 23.03 -61.34 4.37
CA ALA A 1104 22.94 -60.02 4.98
C ALA A 1104 21.49 -59.66 5.29
N VAL A 1105 20.58 -60.00 4.36
CA VAL A 1105 19.18 -59.62 4.47
C VAL A 1105 18.55 -60.23 5.73
N ALA A 1106 18.78 -61.52 5.97
CA ALA A 1106 18.14 -62.18 7.10
C ALA A 1106 18.74 -61.79 8.44
N GLN A 1107 19.92 -61.16 8.45
CA GLN A 1107 20.49 -60.70 9.71
C GLN A 1107 19.57 -59.73 10.39
N ASN A 1108 18.74 -59.06 9.61
CA ASN A 1108 17.82 -58.08 10.13
C ASN A 1108 16.50 -58.76 10.48
N PRO A 1109 16.01 -58.66 11.73
CA PRO A 1109 14.79 -59.40 12.10
C PRO A 1109 13.58 -59.00 11.27
N VAL A 1110 13.47 -57.71 10.95
CA VAL A 1110 12.35 -57.23 10.14
C VAL A 1110 12.31 -57.93 8.79
N LEU A 1111 13.43 -57.91 8.06
CA LEU A 1111 13.41 -58.41 6.69
C LEU A 1111 13.44 -59.94 6.62
N ALA A 1112 14.02 -60.61 7.63
CA ALA A 1112 13.97 -62.06 7.68
C ALA A 1112 12.51 -62.55 7.71
N GLN A 1113 11.65 -61.81 8.38
CA GLN A 1113 10.24 -62.18 8.42
C GLN A 1113 9.60 -62.04 7.04
N VAL A 1114 9.91 -60.95 6.31
CA VAL A 1114 9.35 -60.71 4.98
C VAL A 1114 10.02 -61.58 3.91
N ILE A 1115 11.28 -61.92 4.11
CA ILE A 1115 11.98 -62.70 3.10
C ILE A 1115 11.42 -64.11 3.00
N ALA A 1116 11.23 -64.78 4.12
CA ALA A 1116 10.72 -66.14 4.09
C ALA A 1116 9.30 -66.12 3.53
N ALA B 43 65.64 -1.47 12.16
CA ALA B 43 64.68 -0.52 11.61
C ALA B 43 63.31 -0.72 12.24
N LEU B 44 62.36 -1.19 11.45
CA LEU B 44 60.98 -1.33 11.92
C LEU B 44 60.81 -2.14 13.20
N PRO B 45 61.54 -3.26 13.41
CA PRO B 45 61.27 -4.04 14.63
C PRO B 45 61.37 -3.22 15.90
N ALA B 46 62.16 -2.15 15.89
CA ALA B 46 62.31 -1.31 17.08
C ALA B 46 60.98 -0.82 17.61
N LEU B 47 60.05 -0.46 16.71
CA LEU B 47 58.74 0.03 17.16
C LEU B 47 57.92 -1.10 17.78
N ILE B 48 57.87 -2.25 17.12
CA ILE B 48 57.28 -3.44 17.74
C ILE B 48 58.08 -3.79 18.99
N HIS B 49 59.41 -3.91 18.84
CA HIS B 49 60.34 -3.99 19.96
C HIS B 49 59.91 -3.08 21.12
N ILE B 50 59.65 -1.79 20.83
CA ILE B 50 59.38 -0.83 21.89
C ILE B 50 57.98 -1.05 22.46
N LEU B 51 56.96 -1.04 21.60
CA LEU B 51 55.63 -1.49 22.02
C LEU B 51 55.70 -2.82 22.77
N GLN B 52 56.60 -3.71 22.32
CA GLN B 52 56.75 -5.01 22.97
C GLN B 52 57.23 -4.85 24.41
N ASN B 53 58.41 -4.31 24.61
CA ASN B 53 58.99 -4.12 25.93
C ASN B 53 59.02 -2.61 26.20
N SER B 54 58.07 -2.13 27.02
CA SER B 54 58.05 -0.73 27.42
C SER B 54 57.55 -0.61 28.85
N SER B 55 57.58 0.63 29.35
CA SER B 55 57.28 0.93 30.73
C SER B 55 56.17 1.96 30.89
N ASN B 56 55.66 2.53 29.79
CA ASN B 56 54.68 3.59 29.85
C ASN B 56 53.59 3.34 28.81
N ASP B 57 52.33 3.33 29.24
CA ASP B 57 51.24 3.03 28.32
C ASP B 57 51.12 4.07 27.21
N GLY B 58 51.44 5.32 27.49
CA GLY B 58 51.43 6.32 26.42
C GLY B 58 52.40 5.99 25.31
N ILE B 59 53.64 5.61 25.68
CA ILE B 59 54.67 5.33 24.69
C ILE B 59 54.35 4.05 23.92
N LYS B 60 53.97 2.99 24.64
CA LYS B 60 53.63 1.72 24.01
C LYS B 60 52.57 1.92 22.93
N GLN B 61 51.44 2.52 23.30
CA GLN B 61 50.33 2.70 22.37
C GLN B 61 50.80 3.44 21.12
N LEU B 62 51.47 4.58 21.31
CA LEU B 62 52.00 5.33 20.18
C LEU B 62 52.97 4.49 19.35
N ALA B 63 53.88 3.77 20.02
CA ALA B 63 54.76 2.87 19.30
C ALA B 63 53.99 1.93 18.38
N GLY B 64 52.85 1.43 18.85
CA GLY B 64 52.04 0.55 18.01
C GLY B 64 51.56 1.24 16.74
N VAL B 65 51.13 2.50 16.85
CA VAL B 65 50.70 3.25 15.67
C VAL B 65 51.86 3.49 14.71
N GLU B 66 53.04 3.82 15.25
CA GLU B 66 54.20 4.07 14.41
C GLU B 66 54.55 2.83 13.58
N ALA B 67 54.82 1.72 14.25
CA ALA B 67 55.21 0.49 13.56
C ALA B 67 54.17 0.08 12.52
N ARG B 68 52.89 0.24 12.84
CA ARG B 68 51.84 -0.13 11.91
C ARG B 68 51.98 0.63 10.58
N LYS B 69 52.36 1.92 10.63
CA LYS B 69 52.61 2.67 9.39
C LYS B 69 53.85 2.15 8.67
N GLN B 70 54.77 1.51 9.40
CA GLN B 70 56.04 1.06 8.86
C GLN B 70 55.99 -0.33 8.24
N VAL B 71 54.86 -1.04 8.28
CA VAL B 71 54.84 -2.42 7.81
C VAL B 71 55.15 -2.49 6.32
N SER B 72 54.48 -1.66 5.52
CA SER B 72 54.73 -1.71 4.08
C SER B 72 56.16 -1.29 3.75
N LYS B 73 56.65 -0.24 4.41
CA LYS B 73 58.00 0.25 4.15
C LYS B 73 59.08 -0.79 4.49
N HIS B 74 58.94 -1.48 5.63
CA HIS B 74 60.04 -2.27 6.19
C HIS B 74 59.76 -3.77 6.36
N TRP B 75 58.53 -4.25 6.17
CA TRP B 75 58.34 -5.70 6.08
C TRP B 75 58.83 -6.15 4.71
N GLY B 76 59.67 -7.18 4.69
CA GLY B 76 60.35 -7.62 3.49
C GLY B 76 61.80 -7.18 3.41
N SER B 77 62.18 -6.11 4.11
CA SER B 77 63.60 -5.84 4.33
C SER B 77 64.20 -6.86 5.28
N LEU B 78 63.38 -7.46 6.15
CA LEU B 78 63.87 -8.28 7.25
C LEU B 78 63.73 -9.78 6.95
N ASP B 79 64.53 -10.56 7.68
CA ASP B 79 64.77 -11.96 7.39
C ASP B 79 63.67 -12.85 7.97
N ALA B 80 63.49 -14.02 7.35
CA ALA B 80 62.36 -14.88 7.72
C ALA B 80 62.37 -15.24 9.20
N ALA B 81 63.56 -15.44 9.77
CA ALA B 81 63.67 -15.72 11.20
C ALA B 81 63.25 -14.52 12.04
N THR B 82 63.58 -13.30 11.58
CA THR B 82 63.12 -12.11 12.29
C THR B 82 61.62 -11.89 12.12
N GLN B 83 61.04 -12.32 10.98
CA GLN B 83 59.61 -12.11 10.76
C GLN B 83 58.76 -13.09 11.56
N THR B 84 59.19 -14.35 11.61
CA THR B 84 58.48 -15.34 12.41
C THR B 84 58.72 -15.09 13.91
N SER B 85 59.86 -14.50 14.25
CA SER B 85 60.13 -14.11 15.63
C SER B 85 59.15 -13.04 16.13
N VAL B 86 58.81 -12.08 15.26
CA VAL B 86 57.91 -11.00 15.65
C VAL B 86 56.45 -11.46 15.69
N LYS B 87 56.06 -12.38 14.79
CA LYS B 87 54.67 -12.83 14.76
C LYS B 87 54.25 -13.41 16.11
N GLN B 88 55.05 -14.33 16.65
CA GLN B 88 54.71 -14.93 17.94
C GLN B 88 54.63 -13.89 19.03
N SER B 89 55.51 -12.90 18.99
CA SER B 89 55.52 -11.89 20.05
C SER B 89 54.29 -10.99 19.95
N LEU B 90 53.91 -10.59 18.73
CA LEU B 90 52.72 -9.74 18.57
C LEU B 90 51.46 -10.45 19.04
N LEU B 91 51.26 -11.70 18.59
CA LEU B 91 50.11 -12.48 19.04
C LEU B 91 50.13 -12.67 20.55
N ASN B 92 51.33 -12.89 21.11
CA ASN B 92 51.48 -13.00 22.54
C ASN B 92 51.05 -11.71 23.24
N SER B 93 51.66 -10.59 22.87
CA SER B 93 51.23 -9.31 23.44
C SER B 93 49.79 -9.04 23.09
N ALA B 94 49.35 -9.55 21.96
CA ALA B 94 48.04 -9.27 21.41
C ALA B 94 46.95 -10.12 22.04
N PHE B 95 47.27 -11.09 22.90
CA PHE B 95 46.27 -11.78 23.71
C PHE B 95 46.39 -11.64 25.23
N ASN B 96 47.48 -11.06 25.76
CA ASN B 96 47.66 -10.87 27.19
C ASN B 96 47.62 -9.43 27.71
N GLU B 97 47.87 -8.41 26.88
CA GLU B 97 48.06 -7.06 27.42
C GLU B 97 46.86 -6.55 28.23
N GLY B 98 47.18 -5.75 29.24
CA GLY B 98 46.21 -5.24 30.18
C GLY B 98 45.19 -4.25 29.63
N LYS B 99 45.67 -3.04 29.28
CA LYS B 99 44.77 -1.99 28.83
C LYS B 99 44.30 -2.33 27.42
N ASP B 100 43.04 -1.99 27.13
CA ASP B 100 42.49 -2.37 25.83
C ASP B 100 43.19 -1.66 24.68
N ALA B 101 43.49 -0.36 24.85
CA ALA B 101 44.13 0.39 23.77
C ALA B 101 45.44 -0.28 23.35
N VAL B 102 46.22 -0.77 24.32
CA VAL B 102 47.44 -1.51 24.01
C VAL B 102 47.10 -2.82 23.30
N ARG B 103 45.96 -3.42 23.68
CA ARG B 103 45.46 -4.61 23.03
C ARG B 103 45.23 -4.40 21.55
N HIS B 104 44.50 -3.32 21.23
CA HIS B 104 44.16 -2.98 19.85
C HIS B 104 45.39 -2.61 19.05
N ALA B 105 46.34 -1.89 19.66
CA ALA B 105 47.56 -1.51 18.95
C ALA B 105 48.27 -2.74 18.40
N ASN B 106 48.44 -3.76 19.23
CA ASN B 106 49.08 -4.98 18.75
C ASN B 106 48.28 -5.63 17.64
N ALA B 107 46.96 -5.70 17.80
CA ALA B 107 46.13 -6.36 16.81
C ALA B 107 46.25 -5.68 15.45
N ARG B 108 46.29 -4.35 15.44
CA ARG B 108 46.41 -3.62 14.20
C ARG B 108 47.77 -3.85 13.53
N VAL B 109 48.84 -3.92 14.32
CA VAL B 109 50.15 -4.24 13.74
C VAL B 109 50.11 -5.64 13.13
N ILE B 110 49.45 -6.59 13.81
CA ILE B 110 49.31 -7.95 13.28
C ILE B 110 48.57 -7.92 11.95
N ALA B 111 47.54 -7.09 11.84
CA ALA B 111 46.75 -7.04 10.62
C ALA B 111 47.58 -6.55 9.44
N SER B 112 48.34 -5.46 9.63
CA SER B 112 49.14 -4.94 8.52
C SER B 112 50.17 -5.96 8.06
N ILE B 113 50.79 -6.68 9.00
CA ILE B 113 51.68 -7.77 8.65
C ILE B 113 50.93 -8.88 7.93
N GLY B 114 49.72 -9.22 8.42
CA GLY B 114 48.96 -10.30 7.83
C GLY B 114 48.63 -10.03 6.37
N SER B 115 48.32 -8.77 6.04
CA SER B 115 48.08 -8.40 4.66
C SER B 115 49.32 -8.60 3.80
N GLU B 116 50.49 -8.25 4.34
CA GLU B 116 51.75 -8.46 3.61
C GLU B 116 51.95 -9.94 3.32
N GLU B 117 51.79 -10.78 4.36
CA GLU B 117 52.02 -12.21 4.23
C GLU B 117 50.91 -12.90 3.43
N LEU B 118 49.68 -12.38 3.48
CA LEU B 118 48.64 -12.98 2.65
C LEU B 118 48.94 -12.76 1.17
N ASP B 119 49.40 -11.56 0.82
CA ASP B 119 49.82 -11.30 -0.56
C ASP B 119 50.92 -12.26 -0.99
N GLU B 120 51.90 -12.49 -0.12
CA GLU B 120 53.00 -13.41 -0.40
C GLU B 120 52.70 -14.85 0.00
N LYS B 121 51.54 -15.12 0.59
CA LYS B 121 51.09 -16.46 1.00
C LYS B 121 51.87 -17.01 2.19
N LYS B 122 52.64 -16.18 2.90
CA LYS B 122 53.68 -16.65 3.80
C LYS B 122 53.22 -16.86 5.24
N TRP B 123 51.96 -16.55 5.59
CA TRP B 123 51.48 -16.71 6.97
C TRP B 123 50.15 -17.46 6.99
N PRO B 124 50.13 -18.71 6.52
CA PRO B 124 48.86 -19.42 6.35
C PRO B 124 48.15 -19.78 7.65
N GLU B 125 48.88 -19.85 8.76
CA GLU B 125 48.27 -20.31 9.99
C GLU B 125 47.52 -19.20 10.74
N LEU B 126 47.66 -17.93 10.32
CA LEU B 126 47.04 -16.83 11.05
C LEU B 126 45.52 -16.96 11.08
N ILE B 127 44.89 -17.07 9.91
CA ILE B 127 43.43 -17.11 9.85
C ILE B 127 42.85 -18.39 10.45
N PRO B 128 43.43 -19.56 10.21
CA PRO B 128 42.90 -20.75 10.89
C PRO B 128 43.02 -20.63 12.39
N ASN B 129 44.11 -20.04 12.86
CA ASN B 129 44.29 -19.82 14.29
C ASN B 129 43.29 -18.80 14.82
N LEU B 130 43.06 -17.71 14.09
CA LEU B 130 42.12 -16.69 14.57
C LEU B 130 40.71 -17.24 14.67
N LEU B 131 40.27 -18.01 13.67
CA LEU B 131 38.95 -18.63 13.74
C LEU B 131 38.87 -19.59 14.91
N GLN B 132 39.96 -20.30 15.17
CA GLN B 132 40.04 -21.21 16.31
C GLN B 132 39.84 -20.43 17.61
N ALA B 133 40.64 -19.39 17.83
CA ALA B 133 40.57 -18.63 19.09
C ALA B 133 39.22 -17.96 19.27
N ALA B 134 38.56 -17.60 18.18
CA ALA B 134 37.25 -16.97 18.27
C ALA B 134 36.20 -17.92 18.83
N CYS B 135 36.51 -19.20 18.93
CA CYS B 135 35.62 -20.17 19.54
C CYS B 135 36.11 -20.63 20.91
N ASP B 136 37.11 -19.96 21.47
CA ASP B 136 37.65 -20.34 22.77
C ASP B 136 36.63 -20.21 23.89
N SER B 137 36.83 -21.02 24.95
CA SER B 137 35.97 -20.95 26.12
C SER B 137 36.11 -19.61 26.85
N ASN B 138 37.26 -18.95 26.74
CA ASN B 138 37.51 -17.69 27.41
C ASN B 138 36.92 -16.52 26.62
N PRO B 139 35.92 -15.81 27.17
CA PRO B 139 35.29 -14.73 26.38
C PRO B 139 36.23 -13.63 25.96
N LYS B 140 37.20 -13.27 26.79
CA LYS B 140 38.12 -12.23 26.34
C LYS B 140 38.96 -12.69 25.16
N ILE B 141 39.34 -13.97 25.14
CA ILE B 141 40.11 -14.49 24.03
C ILE B 141 39.32 -14.41 22.74
N ARG B 142 38.01 -14.66 22.83
CA ARG B 142 37.12 -14.54 21.67
C ARG B 142 37.04 -13.09 21.20
N GLU B 143 36.98 -12.15 22.15
CA GLU B 143 36.87 -10.74 21.80
C GLU B 143 38.10 -10.27 21.04
N THR B 144 39.29 -10.68 21.49
CA THR B 144 40.53 -10.29 20.84
C THR B 144 40.68 -10.96 19.48
N ALA B 145 40.25 -12.22 19.38
CA ALA B 145 40.30 -12.91 18.10
C ALA B 145 39.45 -12.18 17.08
N ILE B 146 38.21 -11.83 17.46
CA ILE B 146 37.33 -11.10 16.54
C ILE B 146 37.92 -9.74 16.21
N PHE B 147 38.53 -9.08 17.19
CA PHE B 147 39.10 -7.77 16.90
C PHE B 147 40.15 -7.86 15.78
N ILE B 148 41.02 -8.87 15.83
CA ILE B 148 42.07 -9.00 14.83
C ILE B 148 41.49 -9.35 13.46
N ILE B 149 40.49 -10.23 13.41
CA ILE B 149 39.85 -10.53 12.14
C ILE B 149 39.22 -9.27 11.56
N LEU B 150 38.61 -8.45 12.44
CA LEU B 150 37.98 -7.22 11.97
C LEU B 150 39.03 -6.28 11.40
N SER B 151 40.19 -6.20 12.07
CA SER B 151 41.28 -5.41 11.53
C SER B 151 41.81 -6.00 10.22
N LEU B 152 41.88 -7.33 10.13
CA LEU B 152 42.24 -7.93 8.84
C LEU B 152 41.25 -7.53 7.77
N LEU B 153 39.96 -7.62 8.07
CA LEU B 153 38.96 -7.22 7.09
C LEU B 153 39.13 -5.76 6.70
N GLU B 154 39.52 -4.91 7.66
CA GLU B 154 39.74 -3.50 7.35
C GLU B 154 40.89 -3.30 6.38
N SER B 155 41.77 -4.28 6.22
CA SER B 155 42.84 -4.15 5.23
C SER B 155 42.34 -4.33 3.80
N PHE B 156 41.16 -4.92 3.61
CA PHE B 156 40.60 -5.18 2.30
C PHE B 156 41.48 -6.10 1.47
N ASN B 157 42.34 -6.88 2.10
CA ASN B 157 43.26 -7.72 1.34
C ASN B 157 42.47 -8.70 0.48
N ALA B 158 42.79 -8.74 -0.82
CA ALA B 158 41.99 -9.53 -1.76
C ALA B 158 41.91 -11.00 -1.36
N ASN B 159 42.94 -11.49 -0.68
CA ASN B 159 43.00 -12.91 -0.34
C ASN B 159 41.90 -13.31 0.63
N LEU B 160 41.27 -12.36 1.32
CA LEU B 160 40.19 -12.66 2.25
C LEU B 160 38.95 -13.23 1.56
N ALA B 161 38.76 -12.98 0.27
CA ALA B 161 37.59 -13.52 -0.40
C ALA B 161 37.54 -15.04 -0.37
N LEU B 162 38.68 -15.69 -0.16
CA LEU B 162 38.74 -17.14 -0.03
C LEU B 162 38.07 -17.65 1.24
N HIS B 163 37.80 -16.79 2.20
CA HIS B 163 37.28 -17.20 3.48
C HIS B 163 35.86 -16.69 3.74
N ILE B 164 35.10 -16.35 2.69
CA ILE B 164 33.78 -15.77 2.89
C ILE B 164 32.91 -16.72 3.71
N ASP B 165 32.94 -18.01 3.39
CA ASP B 165 32.13 -18.96 4.15
C ASP B 165 32.68 -19.14 5.56
N ASP B 166 34.00 -19.10 5.71
CA ASP B 166 34.59 -19.16 7.05
C ASP B 166 34.06 -18.01 7.89
N PHE B 167 34.14 -16.79 7.37
CA PHE B 167 33.68 -15.63 8.11
C PHE B 167 32.18 -15.70 8.35
N LEU B 168 31.41 -16.10 7.33
CA LEU B 168 29.97 -16.20 7.54
C LEU B 168 29.62 -17.21 8.62
N ASN B 169 30.27 -18.37 8.59
CA ASN B 169 29.97 -19.41 9.59
C ASN B 169 30.40 -18.99 10.99
N LEU B 170 31.56 -18.33 11.12
CA LEU B 170 32.01 -17.89 12.43
C LEU B 170 31.12 -16.80 12.98
N PHE B 171 30.88 -15.75 12.19
CA PHE B 171 30.12 -14.59 12.68
C PHE B 171 28.68 -14.96 12.99
N ALA B 172 28.12 -15.96 12.31
CA ALA B 172 26.77 -16.43 12.65
C ALA B 172 26.70 -16.91 14.10
N GLN B 173 27.83 -17.29 14.69
CA GLN B 173 27.87 -17.61 16.10
C GLN B 173 28.25 -16.41 16.96
N THR B 174 29.39 -15.77 16.67
CA THR B 174 29.89 -14.76 17.60
C THR B 174 28.99 -13.55 17.70
N ILE B 175 28.12 -13.29 16.71
CA ILE B 175 27.20 -12.16 16.79
C ILE B 175 26.26 -12.33 17.96
N ASN B 176 26.01 -13.58 18.36
CA ASN B 176 25.14 -13.92 19.48
C ASN B 176 25.91 -14.26 20.74
N ASP B 177 27.17 -13.85 20.83
CA ASP B 177 28.02 -14.23 21.96
C ASP B 177 27.37 -13.82 23.27
N SER B 178 27.17 -14.80 24.13
CA SER B 178 26.40 -14.63 25.36
C SER B 178 27.19 -13.99 26.50
N ALA B 179 28.50 -13.85 26.33
CA ALA B 179 29.38 -13.33 27.37
C ALA B 179 29.78 -11.88 27.17
N SER B 180 29.95 -11.43 25.92
CA SER B 180 30.56 -10.13 25.64
C SER B 180 29.74 -9.33 24.63
N LEU B 181 29.16 -8.21 25.08
CA LEU B 181 28.49 -7.30 24.15
C LEU B 181 29.49 -6.71 23.15
N GLU B 182 30.72 -6.47 23.59
CA GLU B 182 31.73 -5.94 22.68
C GLU B 182 31.97 -6.90 21.52
N THR B 183 32.05 -8.21 21.81
CA THR B 183 32.26 -9.21 20.76
C THR B 183 31.11 -9.22 19.77
N ARG B 184 29.89 -8.98 20.25
CA ARG B 184 28.77 -8.92 19.33
C ARG B 184 28.89 -7.72 18.40
N SER B 185 29.26 -6.57 18.94
CA SER B 185 29.37 -5.38 18.09
C SER B 185 30.47 -5.53 17.06
N LEU B 186 31.62 -6.07 17.49
CA LEU B 186 32.71 -6.29 16.56
C LEU B 186 32.30 -7.22 15.43
N SER B 187 31.46 -8.21 15.76
CA SER B 187 31.00 -9.17 14.77
C SER B 187 30.09 -8.52 13.74
N ALA B 188 29.17 -7.67 14.17
CA ALA B 188 28.33 -6.92 13.23
C ALA B 188 29.19 -6.01 12.36
N GLN B 189 30.17 -5.35 12.97
CA GLN B 189 31.08 -4.51 12.22
C GLN B 189 31.80 -5.31 11.14
N ALA B 190 32.30 -6.50 11.49
CA ALA B 190 33.00 -7.33 10.51
C ALA B 190 32.08 -7.75 9.36
N LEU B 191 30.79 -7.93 9.66
CA LEU B 191 29.83 -8.36 8.65
C LEU B 191 29.71 -7.36 7.50
N SER B 192 29.98 -6.09 7.77
CA SER B 192 29.95 -5.10 6.70
C SER B 192 30.96 -5.44 5.62
N TYR B 193 32.17 -5.84 6.02
CA TYR B 193 33.21 -6.22 5.05
C TYR B 193 32.86 -7.52 4.34
N VAL B 194 32.29 -8.49 5.04
CA VAL B 194 31.95 -9.75 4.39
C VAL B 194 30.91 -9.54 3.30
N SER B 195 29.95 -8.62 3.53
CA SER B 195 28.93 -8.36 2.53
C SER B 195 29.55 -7.74 1.29
N SER B 196 30.44 -6.77 1.51
CA SER B 196 31.17 -6.19 0.39
C SER B 196 31.91 -7.27 -0.39
N LEU B 197 32.44 -8.28 0.32
CA LEU B 197 33.16 -9.39 -0.33
C LEU B 197 32.23 -10.25 -1.18
N ILE B 198 31.02 -10.52 -0.68
CA ILE B 198 30.11 -11.42 -1.40
C ILE B 198 29.74 -10.81 -2.75
N GLU B 199 29.52 -9.50 -2.76
CA GLU B 199 29.16 -8.80 -3.99
C GLU B 199 30.33 -8.69 -4.95
N GLU B 200 31.55 -8.76 -4.46
CA GLU B 200 32.68 -8.67 -5.34
C GLU B 200 32.91 -9.87 -6.21
N GLU B 201 32.25 -10.98 -5.91
CA GLU B 201 32.34 -12.15 -6.76
C GLU B 201 31.55 -11.88 -8.04
N GLY B 202 31.91 -12.49 -9.17
CA GLY B 202 31.16 -12.15 -10.37
C GLY B 202 29.69 -12.49 -10.32
N GLU B 203 29.38 -13.69 -9.93
CA GLU B 203 27.99 -14.02 -9.77
C GLU B 203 27.88 -14.05 -8.27
N ILE B 204 26.93 -13.32 -7.72
CA ILE B 204 26.82 -13.28 -6.30
C ILE B 204 26.48 -14.65 -5.86
N ASN B 205 27.30 -15.17 -4.98
CA ASN B 205 27.03 -16.54 -4.57
C ASN B 205 25.69 -16.57 -3.84
N PRO B 206 24.72 -17.37 -4.30
CA PRO B 206 23.42 -17.35 -3.62
C PRO B 206 23.47 -17.94 -2.23
N GLN B 207 24.23 -19.02 -2.03
CA GLN B 207 24.35 -19.60 -0.71
C GLN B 207 24.88 -18.58 0.27
N TYR B 208 25.86 -17.78 -0.18
CA TYR B 208 26.41 -16.72 0.65
C TYR B 208 25.33 -15.70 1.00
N ALA B 209 24.66 -15.16 -0.01
CA ALA B 209 23.70 -14.08 0.21
C ALA B 209 22.58 -14.52 1.13
N ALA B 210 22.14 -15.77 1.03
CA ALA B 210 21.12 -16.25 1.95
C ALA B 210 21.63 -16.27 3.38
N LYS B 211 22.87 -16.72 3.58
CA LYS B 211 23.45 -16.76 4.92
C LYS B 211 23.52 -15.37 5.53
N PHE B 212 24.00 -14.40 4.76
CA PHE B 212 24.13 -13.05 5.30
C PHE B 212 22.77 -12.49 5.69
N ALA B 213 21.75 -12.70 4.85
CA ALA B 213 20.42 -12.16 5.18
C ALA B 213 19.88 -12.73 6.48
N SER B 214 20.22 -13.98 6.80
CA SER B 214 19.78 -14.56 8.07
C SER B 214 20.40 -13.83 9.25
N LEU B 215 21.59 -13.23 9.08
CA LEU B 215 22.28 -12.59 10.18
C LEU B 215 21.73 -11.22 10.55
N ILE B 216 20.96 -10.60 9.66
CA ILE B 216 20.49 -9.23 9.92
C ILE B 216 19.60 -9.19 11.15
N PRO B 217 18.66 -10.12 11.37
CA PRO B 217 17.90 -10.08 12.63
C PRO B 217 18.77 -10.14 13.88
N SER B 218 19.92 -10.82 13.80
CA SER B 218 20.84 -10.84 14.95
C SER B 218 21.45 -9.47 15.18
N VAL B 219 21.79 -8.77 14.11
CA VAL B 219 22.32 -7.41 14.26
C VAL B 219 21.30 -6.51 14.94
N VAL B 220 20.01 -6.70 14.66
CA VAL B 220 18.98 -5.90 15.32
C VAL B 220 18.97 -6.15 16.83
N GLN B 221 19.11 -7.41 17.23
CA GLN B 221 19.16 -7.77 18.64
C GLN B 221 20.40 -7.20 19.32
N VAL B 222 21.52 -7.14 18.60
CA VAL B 222 22.71 -6.49 19.13
C VAL B 222 22.42 -5.01 19.39
N LEU B 223 21.75 -4.35 18.44
CA LEU B 223 21.41 -2.95 18.61
C LEU B 223 20.53 -2.75 19.84
N ASP B 224 19.51 -3.61 20.00
CA ASP B 224 18.70 -3.57 21.22
C ASP B 224 19.56 -3.74 22.45
N ALA B 225 20.53 -4.66 22.40
CA ALA B 225 21.38 -4.89 23.56
C ALA B 225 22.15 -3.63 23.91
N THR B 226 22.80 -3.02 22.91
CA THR B 226 23.59 -1.83 23.18
C THR B 226 22.72 -0.72 23.75
N ILE B 227 21.46 -0.63 23.31
CA ILE B 227 20.57 0.37 23.86
C ILE B 227 20.23 0.06 25.32
N ARG B 228 19.93 -1.20 25.64
CA ARG B 228 19.62 -1.54 27.03
C ARG B 228 20.80 -1.30 27.96
N GLU B 229 22.03 -1.55 27.47
CA GLU B 229 23.22 -1.42 28.31
C GLU B 229 23.72 0.01 28.46
N GLY B 230 23.19 0.96 27.71
CA GLY B 230 23.75 2.30 27.75
C GLY B 230 25.07 2.44 27.02
N ASP B 231 25.46 1.43 26.24
CA ASP B 231 26.71 1.43 25.47
C ASP B 231 26.49 2.23 24.20
N THR B 232 26.45 3.55 24.36
CA THR B 232 26.15 4.42 23.22
C THR B 232 27.22 4.28 22.13
N THR B 233 28.47 4.01 22.51
CA THR B 233 29.54 3.88 21.51
C THR B 233 29.28 2.73 20.54
N ASN B 234 28.83 1.58 21.04
CA ASN B 234 28.51 0.47 20.17
C ASN B 234 27.13 0.62 19.55
N THR B 235 26.25 1.35 20.21
CA THR B 235 24.94 1.63 19.62
C THR B 235 25.11 2.34 18.30
N LYS B 236 25.97 3.37 18.30
CA LYS B 236 26.26 4.08 17.07
C LYS B 236 26.93 3.17 16.04
N LEU B 237 27.91 2.36 16.47
CA LEU B 237 28.59 1.51 15.50
C LEU B 237 27.62 0.54 14.81
N ILE B 238 26.63 0.03 15.54
CA ILE B 238 25.64 -0.84 14.92
C ILE B 238 24.76 -0.07 13.95
N PHE B 239 24.43 1.20 14.26
CA PHE B 239 23.67 2.01 13.30
C PHE B 239 24.43 2.18 11.99
N ASN B 240 25.76 2.33 12.07
CA ASN B 240 26.57 2.38 10.86
C ASN B 240 26.44 1.09 10.07
N CYS B 241 26.43 -0.05 10.77
CA CYS B 241 26.24 -1.33 10.08
C CYS B 241 24.89 -1.36 9.38
N LEU B 242 23.87 -0.86 10.07
CA LEU B 242 22.55 -0.76 9.46
C LEU B 242 22.59 0.16 8.26
N ASN B 243 23.32 1.27 8.35
CA ASN B 243 23.39 2.17 7.20
C ASN B 243 24.00 1.45 6.01
N ASP B 244 25.05 0.67 6.25
CA ASP B 244 25.75 -0.01 5.15
C ASP B 244 24.85 -1.04 4.48
N PHE B 245 23.92 -1.63 5.22
CA PHE B 245 23.03 -2.61 4.61
C PHE B 245 22.18 -1.97 3.52
N LEU B 246 21.91 -0.66 3.65
CA LEU B 246 21.09 0.03 2.67
C LEU B 246 21.70 -0.05 1.28
N LEU B 247 23.03 0.12 1.20
CA LEU B 247 23.71 0.11 -0.09
C LEU B 247 23.82 -1.28 -0.72
N LEU B 248 23.53 -2.34 0.02
CA LEU B 248 23.76 -3.68 -0.49
C LEU B 248 22.74 -4.03 -1.58
N ASP B 249 23.10 -5.03 -2.38
CA ASP B 249 22.16 -5.61 -3.31
C ASP B 249 21.03 -6.30 -2.55
N SER B 250 19.82 -6.20 -3.09
CA SER B 250 18.65 -6.72 -2.38
C SER B 250 18.76 -8.21 -2.07
N GLN B 251 19.59 -8.95 -2.83
CA GLN B 251 19.75 -10.38 -2.58
C GLN B 251 20.36 -10.63 -1.20
N LEU B 252 21.28 -9.77 -0.77
CA LEU B 252 21.87 -9.90 0.55
C LEU B 252 20.91 -9.46 1.65
N THR B 253 20.19 -8.36 1.43
CA THR B 253 19.34 -7.81 2.49
C THR B 253 17.99 -8.50 2.59
N GLY B 254 17.52 -9.15 1.52
CA GLY B 254 16.21 -9.78 1.56
C GLY B 254 15.08 -8.77 1.73
N ASN B 255 14.21 -9.09 2.68
CA ASN B 255 13.05 -8.28 3.05
C ASN B 255 13.35 -7.36 4.22
N THR B 256 14.62 -7.06 4.46
CA THR B 256 15.00 -6.46 5.72
C THR B 256 14.62 -4.98 5.82
N ILE B 257 14.87 -4.21 4.76
CA ILE B 257 14.95 -2.76 4.92
C ILE B 257 13.69 -2.17 5.53
N ALA B 258 12.51 -2.61 5.06
CA ALA B 258 11.28 -2.03 5.59
C ALA B 258 11.18 -2.21 7.11
N ASP B 259 11.58 -3.36 7.63
CA ASP B 259 11.46 -3.59 9.06
C ASP B 259 12.52 -2.84 9.85
N LEU B 260 13.69 -2.64 9.25
CA LEU B 260 14.70 -1.77 9.85
C LEU B 260 14.20 -0.34 9.98
N VAL B 261 13.51 0.16 8.95
CA VAL B 261 12.97 1.51 9.04
C VAL B 261 11.95 1.58 10.16
N LYS B 262 11.02 0.61 10.20
CA LYS B 262 10.00 0.63 11.23
C LYS B 262 10.63 0.60 12.62
N LEU B 263 11.69 -0.18 12.81
CA LEU B 263 12.30 -0.29 14.12
C LEU B 263 12.96 1.02 14.55
N ALA B 264 13.63 1.70 13.62
CA ALA B 264 14.25 2.98 13.92
C ALA B 264 13.22 4.05 14.28
N LEU B 265 12.03 4.00 13.68
CA LEU B 265 10.99 4.92 14.12
C LEU B 265 10.62 4.66 15.57
N GLN B 266 10.57 3.37 15.95
CA GLN B 266 10.27 2.98 17.33
C GLN B 266 11.29 3.56 18.30
N ILE B 267 12.57 3.47 17.95
CA ILE B 267 13.60 4.09 18.77
C ILE B 267 13.42 5.59 18.82
N ALA B 268 13.12 6.21 17.67
CA ALA B 268 13.02 7.66 17.59
C ALA B 268 11.86 8.19 18.40
N VAL B 269 10.70 7.53 18.31
CA VAL B 269 9.51 8.04 19.00
C VAL B 269 9.64 7.84 20.51
N ASN B 270 10.45 6.89 20.93
CA ASN B 270 10.58 6.53 22.35
C ASN B 270 11.43 7.57 23.08
N SER B 271 10.79 8.39 23.91
CA SER B 271 11.51 9.48 24.58
C SER B 271 12.33 8.98 25.77
N ASP B 272 12.17 7.71 26.17
CA ASP B 272 13.06 7.13 27.16
C ASP B 272 14.48 7.04 26.63
N VAL B 273 14.63 6.66 25.36
CA VAL B 273 15.96 6.51 24.78
C VAL B 273 16.69 7.84 24.82
N ASP B 274 18.00 7.77 25.02
CA ASP B 274 18.80 8.99 25.12
C ASP B 274 18.70 9.73 23.81
N GLU B 275 18.84 11.05 23.87
CA GLU B 275 18.60 11.88 22.70
C GLU B 275 19.55 11.54 21.55
N ASP B 276 20.85 11.40 21.84
CA ASP B 276 21.79 11.14 20.74
C ASP B 276 21.46 9.83 20.02
N ILE B 277 20.94 8.83 20.73
CA ILE B 277 20.54 7.58 20.08
C ILE B 277 19.34 7.83 19.16
N ARG B 278 18.41 8.67 19.60
CA ARG B 278 17.22 8.93 18.80
C ARG B 278 17.58 9.67 17.52
N VAL B 279 18.54 10.59 17.58
CA VAL B 279 19.00 11.25 16.36
C VAL B 279 19.55 10.22 15.37
N PHE B 280 20.29 9.23 15.87
CA PHE B 280 20.78 8.17 14.99
C PHE B 280 19.62 7.52 14.25
N ALA B 281 18.53 7.26 14.97
CA ALA B 281 17.38 6.61 14.35
C ALA B 281 16.73 7.48 13.30
N VAL B 282 16.55 8.77 13.59
CA VAL B 282 15.94 9.66 12.60
C VAL B 282 16.85 9.79 11.39
N GLN B 283 18.16 9.91 11.61
CA GLN B 283 19.11 9.99 10.52
C GLN B 283 19.08 8.74 9.66
N PHE B 284 18.96 7.57 10.30
CA PHE B 284 18.94 6.34 9.53
C PHE B 284 17.76 6.30 8.56
N VAL B 285 16.56 6.69 9.05
CA VAL B 285 15.39 6.78 8.20
C VAL B 285 15.60 7.80 7.09
N THR B 286 16.23 8.93 7.42
CA THR B 286 16.54 9.90 6.38
C THR B 286 17.44 9.27 5.34
N SER B 287 18.37 8.42 5.78
CA SER B 287 19.27 7.72 4.86
C SER B 287 18.53 6.69 4.01
N ALA B 288 17.50 6.06 4.58
CA ALA B 288 16.74 5.09 3.81
C ALA B 288 15.92 5.76 2.71
N LEU B 289 15.41 6.97 2.98
CA LEU B 289 14.64 7.69 1.95
C LEU B 289 15.49 7.97 0.71
N VAL B 290 16.78 8.25 0.91
CA VAL B 290 17.67 8.48 -0.21
C VAL B 290 17.98 7.18 -0.95
N TYR B 291 18.40 6.14 -0.23
CA TYR B 291 19.02 5.01 -0.90
C TYR B 291 18.07 3.87 -1.20
N ARG B 292 16.93 3.79 -0.53
CA ARG B 292 15.99 2.70 -0.74
C ARG B 292 14.57 3.21 -0.66
N LYS B 293 14.28 4.27 -1.40
CA LYS B 293 12.92 4.78 -1.36
C LYS B 293 11.97 3.79 -2.02
N SER B 294 12.48 2.99 -2.97
CA SER B 294 11.67 1.95 -3.57
C SER B 294 11.13 0.99 -2.51
N LYS B 295 12.00 0.57 -1.58
CA LYS B 295 11.55 -0.30 -0.50
C LYS B 295 10.52 0.41 0.39
N ILE B 296 10.78 1.67 0.72
CA ILE B 296 9.85 2.43 1.55
C ILE B 296 8.50 2.55 0.85
N ASN B 297 8.50 2.84 -0.45
CA ASN B 297 7.24 2.95 -1.17
C ASN B 297 6.46 1.64 -1.14
N GLN B 298 7.13 0.53 -1.44
CA GLN B 298 6.47 -0.78 -1.45
C GLN B 298 5.89 -1.16 -0.09
N ALA B 299 6.53 -0.75 1.00
CA ALA B 299 5.98 -1.03 2.32
C ALA B 299 4.91 -0.04 2.73
N LYS B 300 4.70 1.03 1.95
CA LYS B 300 3.79 2.12 2.30
C LYS B 300 4.16 2.69 3.68
N LEU B 301 5.46 2.92 3.87
CA LEU B 301 6.03 3.42 5.11
C LEU B 301 6.04 4.94 5.20
N GLY B 302 5.70 5.64 4.12
CA GLY B 302 5.76 7.09 4.11
C GLY B 302 4.92 7.73 5.20
N PRO B 303 3.62 7.41 5.24
CA PRO B 303 2.78 8.03 6.27
C PRO B 303 3.25 7.71 7.67
N GLU B 304 3.74 6.49 7.90
CA GLU B 304 4.25 6.14 9.22
C GLU B 304 5.48 6.96 9.56
N ILE B 305 6.37 7.19 8.58
CA ILE B 305 7.55 8.02 8.77
C ILE B 305 7.14 9.45 9.13
N THR B 306 6.23 10.00 8.33
CA THR B 306 5.81 11.38 8.55
C THR B 306 5.23 11.55 9.94
N LEU B 307 4.31 10.65 10.33
CA LEU B 307 3.64 10.76 11.62
C LEU B 307 4.63 10.59 12.78
N ALA B 308 5.59 9.69 12.63
CA ALA B 308 6.61 9.56 13.66
C ALA B 308 7.34 10.88 13.85
N ALA B 309 7.85 11.45 12.75
CA ALA B 309 8.57 12.71 12.81
C ALA B 309 7.68 13.81 13.37
N LEU B 310 6.39 13.75 13.05
CA LEU B 310 5.46 14.72 13.59
C LEU B 310 5.43 14.63 15.12
N LYS B 311 5.47 13.41 15.68
CA LYS B 311 5.44 13.33 17.14
C LYS B 311 6.75 13.80 17.76
N VAL B 312 7.89 13.38 17.21
CA VAL B 312 9.16 13.84 17.75
C VAL B 312 9.26 15.36 17.65
N ALA B 313 8.71 15.94 16.59
CA ALA B 313 8.71 17.39 16.45
C ALA B 313 7.80 18.07 17.47
N SER B 314 6.81 17.37 18.01
CA SER B 314 5.96 17.96 19.04
C SER B 314 6.60 17.95 20.41
N GLU B 315 7.79 17.37 20.54
CA GLU B 315 8.40 17.31 21.85
C GLU B 315 8.87 18.69 22.30
N GLU B 316 8.84 18.90 23.60
CA GLU B 316 9.13 20.20 24.17
C GLU B 316 10.57 20.64 23.88
N ILE B 317 10.76 21.91 23.55
CA ILE B 317 12.08 22.46 23.28
C ILE B 317 12.27 23.66 24.17
N ASP B 318 13.50 24.19 24.16
CA ASP B 318 13.82 25.33 25.02
C ASP B 318 13.22 26.58 24.42
N VAL B 319 12.12 27.07 25.02
CA VAL B 319 11.41 28.22 24.47
C VAL B 319 12.31 29.44 24.46
N GLU B 320 13.03 29.69 25.56
CA GLU B 320 13.89 30.87 25.64
C GLU B 320 14.99 30.83 24.60
N ASP B 321 15.58 29.70 24.40
CA ASP B 321 16.63 29.67 23.45
C ASP B 321 16.11 30.03 22.07
N GLU B 322 14.98 29.49 21.72
CA GLU B 322 14.41 29.73 20.42
C GLU B 322 14.05 31.15 20.15
N LEU B 323 13.42 31.79 21.11
CA LEU B 323 13.01 33.14 20.96
C LEU B 323 14.05 34.22 20.93
N THR B 324 15.16 33.98 21.58
CA THR B 324 16.19 34.96 21.71
C THR B 324 17.52 34.67 21.13
N ASN B 325 17.84 33.42 20.92
CA ASN B 325 19.15 33.15 20.42
C ASN B 325 19.17 33.32 18.95
N GLU B 326 20.03 34.23 18.54
CA GLU B 326 20.16 34.65 17.18
C GLU B 326 21.19 33.87 16.41
N ASP B 327 21.72 32.82 17.01
CA ASP B 327 22.72 32.02 16.37
C ASP B 327 22.13 30.68 15.99
N GLU B 333 18.25 20.54 10.89
CA GLU B 333 19.38 19.68 10.70
C GLU B 333 20.16 19.69 11.99
N GLU B 334 19.49 19.58 13.13
CA GLU B 334 20.23 19.67 14.38
C GLU B 334 20.73 18.41 14.98
N ASN B 335 21.24 18.60 16.17
CA ASN B 335 21.70 17.57 17.02
C ASN B 335 20.61 17.28 18.04
N THR B 336 19.42 17.84 17.89
CA THR B 336 18.35 17.49 18.80
C THR B 336 17.32 16.77 18.02
N PRO B 337 16.62 15.92 18.68
CA PRO B 337 15.64 15.13 17.98
C PRO B 337 14.57 15.92 17.34
N ALA B 338 14.11 16.98 17.92
CA ALA B 338 13.03 17.66 17.28
C ALA B 338 13.49 18.23 15.97
N LEU B 339 14.62 18.89 15.95
CA LEU B 339 15.11 19.42 14.72
C LEU B 339 15.44 18.37 13.74
N THR B 340 16.10 17.33 14.16
CA THR B 340 16.38 16.24 13.23
C THR B 340 15.09 15.76 12.62
N ALA B 341 14.03 15.74 13.41
CA ALA B 341 12.73 15.32 12.93
C ALA B 341 12.22 16.21 11.79
N LEU B 342 12.41 17.53 11.90
CA LEU B 342 11.97 18.41 10.83
C LEU B 342 12.71 18.13 9.54
N ARG B 343 14.02 17.92 9.65
CA ARG B 343 14.81 17.57 8.48
C ARG B 343 14.33 16.26 7.86
N LEU B 344 13.81 15.34 8.67
CA LEU B 344 13.22 14.13 8.09
C LEU B 344 11.96 14.45 7.30
N ILE B 345 11.09 15.32 7.83
CA ILE B 345 9.90 15.72 7.10
C ILE B 345 10.30 16.39 5.79
N SER B 346 11.31 17.25 5.84
CA SER B 346 11.78 17.91 4.63
C SER B 346 12.26 16.90 3.59
N ASN B 347 13.09 15.94 3.99
CA ASN B 347 13.58 14.95 3.02
C ASN B 347 12.46 14.03 2.54
N ALA B 348 11.59 13.58 3.44
CA ALA B 348 10.46 12.76 3.03
C ALA B 348 9.60 13.49 1.99
N SER B 349 9.34 14.79 2.22
CA SER B 349 8.56 15.59 1.29
C SER B 349 9.22 15.70 -0.07
N GLY B 350 10.55 15.74 -0.11
CA GLY B 350 11.25 15.78 -1.39
C GLY B 350 11.27 14.45 -2.13
N GLU B 351 11.44 13.33 -1.39
CA GLU B 351 11.62 12.00 -1.99
C GLU B 351 10.32 11.30 -2.37
N LEU B 352 9.24 11.50 -1.63
CA LEU B 352 8.05 10.68 -1.79
C LEU B 352 6.88 11.49 -2.34
N SER B 353 5.84 10.78 -2.78
CA SER B 353 4.67 11.43 -3.33
C SER B 353 3.91 12.20 -2.26
N PRO B 354 3.26 13.31 -2.63
CA PRO B 354 2.53 14.09 -1.64
C PRO B 354 1.47 13.28 -0.92
N SER B 355 0.93 12.24 -1.54
CA SER B 355 -0.04 11.41 -0.83
C SER B 355 0.58 10.77 0.40
N GLN B 356 1.87 10.39 0.32
CA GLN B 356 2.59 9.69 1.40
C GLN B 356 3.07 10.62 2.51
N VAL B 357 3.28 11.91 2.24
CA VAL B 357 3.79 12.84 3.24
C VAL B 357 2.85 14.03 3.44
N GLY B 358 2.53 14.72 2.34
CA GLY B 358 1.74 15.93 2.47
C GLY B 358 0.34 15.68 3.00
N VAL B 359 -0.34 14.65 2.50
CA VAL B 359 -1.71 14.38 2.95
C VAL B 359 -1.73 14.04 4.44
N PRO B 360 -0.87 13.18 4.96
CA PRO B 360 -0.89 12.94 6.42
C PRO B 360 -0.69 14.21 7.23
N ILE B 361 0.20 15.11 6.80
CA ILE B 361 0.41 16.35 7.55
C ILE B 361 -0.87 17.16 7.58
N ILE B 362 -1.52 17.31 6.42
CA ILE B 362 -2.74 18.11 6.34
C ILE B 362 -3.89 17.43 7.05
N GLU B 363 -3.93 16.10 7.07
CA GLU B 363 -4.98 15.41 7.81
C GLU B 363 -4.91 15.69 9.31
N HIS B 364 -3.71 15.87 9.85
CA HIS B 364 -3.50 16.14 11.26
C HIS B 364 -3.47 17.62 11.60
N LEU B 365 -3.59 18.50 10.61
CA LEU B 365 -3.53 19.93 10.90
C LEU B 365 -4.68 20.40 11.80
N PRO B 366 -5.93 19.99 11.59
CA PRO B 366 -7.01 20.51 12.48
C PRO B 366 -6.79 20.20 13.94
N THR B 367 -6.51 18.95 14.29
CA THR B 367 -6.36 18.63 15.71
C THR B 367 -5.12 19.30 16.28
N LEU B 369 -3.45 21.96 15.35
CA LEU B 369 -3.53 23.41 15.40
C LEU B 369 -4.42 23.92 16.52
N SER B 370 -5.42 23.13 16.93
CA SER B 370 -6.32 23.52 18.01
C SER B 370 -5.96 22.88 19.35
N SER B 371 -4.87 22.12 19.40
CA SER B 371 -4.43 21.50 20.63
C SER B 371 -4.08 22.54 21.68
N SER B 372 -4.27 22.16 22.94
CA SER B 372 -3.89 22.99 24.07
C SER B 372 -2.41 22.83 24.39
N ASN B 373 -1.70 21.96 23.67
CA ASN B 373 -0.26 21.82 23.80
C ASN B 373 0.46 22.75 22.82
N PRO B 374 1.09 23.84 23.27
CA PRO B 374 1.67 24.80 22.32
C PRO B 374 2.72 24.19 21.43
N PHE B 375 3.44 23.17 21.92
CA PHE B 375 4.47 22.52 21.11
C PHE B 375 3.85 21.74 19.96
N GLU B 376 2.62 21.25 20.10
CA GLU B 376 1.96 20.63 18.95
C GLU B 376 1.51 21.69 17.94
N ARG B 377 1.05 22.84 18.44
CA ARG B 377 0.69 23.93 17.54
C ARG B 377 1.93 24.44 16.80
N ARG B 378 3.06 24.55 17.52
CA ARG B 378 4.31 24.91 16.89
C ARG B 378 4.72 23.86 15.85
N SER B 379 4.57 22.58 16.22
CA SER B 379 5.03 21.47 15.38
C SER B 379 4.38 21.49 14.00
N ILE B 380 3.05 21.51 13.95
CA ILE B 380 2.33 21.38 12.69
C ILE B 380 2.63 22.55 11.74
N LEU B 381 2.88 23.74 12.28
CA LEU B 381 3.28 24.87 11.45
C LEU B 381 4.66 24.64 10.81
N LEU B 382 5.63 24.16 11.62
CA LEU B 382 6.96 23.86 11.09
C LEU B 382 6.94 22.70 10.12
N ALA B 383 6.03 21.73 10.31
CA ALA B 383 5.89 20.65 9.35
C ALA B 383 5.44 21.15 7.98
N ILE B 384 4.52 22.12 7.95
CA ILE B 384 4.10 22.70 6.69
C ILE B 384 5.26 23.48 6.07
N SER B 385 6.05 24.17 6.89
CA SER B 385 7.11 25.03 6.38
C SER B 385 8.23 24.24 5.70
N VAL B 386 8.48 23.00 6.12
CA VAL B 386 9.44 22.17 5.40
C VAL B 386 8.81 21.31 4.32
N LEU B 387 7.49 21.16 4.32
CA LEU B 387 6.82 20.37 3.30
C LEU B 387 6.82 21.08 1.96
N VAL B 388 6.76 22.41 1.96
CA VAL B 388 6.54 23.18 0.74
C VAL B 388 7.73 23.11 -0.21
N THR B 389 8.95 23.00 0.32
CA THR B 389 10.10 22.97 -0.57
C THR B 389 10.09 21.73 -1.47
N GLY B 390 9.79 20.56 -0.93
CA GLY B 390 9.80 19.36 -1.75
C GLY B 390 8.46 19.10 -2.42
N SER B 391 7.38 19.69 -1.92
CA SER B 391 6.03 19.44 -2.44
C SER B 391 5.26 20.75 -2.62
N PRO B 392 5.77 21.64 -3.45
CA PRO B 392 5.15 22.97 -3.59
C PRO B 392 3.77 22.94 -4.18
N ASP B 393 3.58 22.15 -5.22
CA ASP B 393 2.30 22.13 -5.87
C ASP B 393 1.20 21.61 -4.94
N TYR B 394 1.49 20.54 -4.21
CA TYR B 394 0.50 20.02 -3.26
C TYR B 394 0.20 21.03 -2.17
N THR B 395 1.24 21.65 -1.60
CA THR B 395 1.02 22.65 -0.57
C THR B 395 0.09 23.75 -1.09
N LEU B 396 0.29 24.18 -2.34
CA LEU B 396 -0.55 25.24 -2.91
C LEU B 396 -2.00 24.82 -3.00
N SER B 397 -2.26 23.57 -3.35
CA SER B 397 -3.64 23.08 -3.43
C SER B 397 -4.31 23.01 -2.05
N GLN B 398 -3.55 23.13 -0.97
CA GLN B 398 -4.10 23.09 0.37
C GLN B 398 -4.12 24.46 1.03
N PHE B 399 -3.94 25.54 0.25
CA PHE B 399 -4.00 26.90 0.82
C PHE B 399 -5.33 27.19 1.49
N ASP B 400 -6.43 26.61 1.01
CA ASP B 400 -7.72 26.86 1.64
C ASP B 400 -7.69 26.44 3.09
N LYS B 401 -6.82 25.49 3.44
CA LYS B 401 -6.59 25.06 4.82
C LYS B 401 -5.34 25.70 5.42
N ILE B 402 -4.26 25.85 4.64
CA ILE B 402 -2.98 26.31 5.19
C ILE B 402 -2.98 27.80 5.52
N ILE B 403 -3.52 28.65 4.63
CA ILE B 403 -3.52 30.10 4.92
C ILE B 403 -4.30 30.36 6.21
N PRO B 404 -5.49 29.80 6.41
CA PRO B 404 -6.16 29.98 7.74
C PRO B 404 -5.33 29.47 8.91
N ALA B 405 -4.60 28.37 8.74
CA ALA B 405 -3.79 27.88 9.85
C ALA B 405 -2.69 28.87 10.21
N THR B 406 -2.03 29.45 9.21
CA THR B 406 -1.00 30.44 9.53
C THR B 406 -1.58 31.67 10.23
N VAL B 407 -2.76 32.11 9.79
CA VAL B 407 -3.39 33.26 10.43
C VAL B 407 -3.74 32.92 11.88
N THR B 408 -4.20 31.68 12.11
CA THR B 408 -4.46 31.26 13.48
C THR B 408 -3.19 31.29 14.31
N GLY B 409 -2.07 30.84 13.72
CA GLY B 409 -0.83 30.80 14.45
C GLY B 409 -0.36 32.17 14.88
N LEU B 410 -0.52 33.17 14.00
CA LEU B 410 -0.13 34.54 14.32
C LEU B 410 -0.96 35.11 15.47
N LYS B 411 -2.17 34.60 15.66
CA LYS B 411 -3.05 35.07 16.71
C LYS B 411 -2.80 34.40 18.05
N ASP B 412 -1.88 33.44 18.10
CA ASP B 412 -1.67 32.63 19.29
C ASP B 412 -1.10 33.44 20.45
N SER B 413 -1.40 32.99 21.66
CA SER B 413 -0.81 33.63 22.83
C SER B 413 0.67 33.30 22.96
N GLU B 414 1.08 32.11 22.55
CA GLU B 414 2.44 31.64 22.79
C GLU B 414 3.35 32.09 21.65
N ALA B 415 4.43 32.80 22.01
CA ALA B 415 5.29 33.42 21.00
C ALA B 415 5.92 32.37 20.09
N VAL B 416 6.25 31.20 20.63
CA VAL B 416 6.78 30.11 19.81
C VAL B 416 5.82 29.78 18.68
N VAL B 417 4.51 29.78 18.98
CA VAL B 417 3.54 29.49 17.93
C VAL B 417 3.55 30.59 16.90
N GLN B 418 3.62 31.84 17.33
CA GLN B 418 3.70 32.94 16.38
C GLN B 418 4.97 32.84 15.54
N LEU B 419 6.10 32.52 16.21
CA LEU B 419 7.33 32.34 15.47
C LEU B 419 7.21 31.19 14.48
N ALA B 420 6.58 30.09 14.89
CA ALA B 420 6.33 29.02 13.94
C ALA B 420 5.48 29.52 12.78
N ALA B 421 4.38 30.21 13.09
CA ALA B 421 3.55 30.73 12.01
C ALA B 421 4.35 31.62 11.08
N LEU B 422 5.22 32.48 11.61
CA LEU B 422 6.01 33.34 10.73
C LEU B 422 6.99 32.54 9.86
N LYS B 423 7.72 31.60 10.45
CA LYS B 423 8.59 30.77 9.65
C LYS B 423 7.82 30.02 8.57
N CYS B 424 6.60 29.61 8.86
CA CYS B 424 5.79 29.00 7.81
C CYS B 424 5.55 29.98 6.67
N ILE B 425 5.11 31.20 7.00
CA ILE B 425 4.79 32.21 5.97
C ILE B 425 6.04 32.54 5.16
N VAL B 426 7.17 32.66 5.78
CA VAL B 426 8.35 32.98 5.07
C VAL B 426 8.68 31.93 4.10
N GLN B 427 8.56 30.71 4.49
CA GLN B 427 8.84 29.60 3.66
C GLN B 427 7.86 29.47 2.48
N LEU B 428 6.60 29.72 2.70
CA LEU B 428 5.66 29.71 1.65
C LEU B 428 5.92 30.81 0.67
N SER B 429 6.32 31.97 1.10
CA SER B 429 6.63 33.04 0.20
C SER B 429 7.81 32.75 -0.67
N THR B 430 8.79 32.11 -0.13
CA THR B 430 9.95 31.77 -0.88
C THR B 430 9.68 30.82 -1.99
N ASN B 431 8.85 29.86 -1.76
CA ASN B 431 8.56 28.89 -2.74
C ASN B 431 7.35 29.20 -3.53
N LEU B 432 6.35 29.78 -2.91
CA LEU B 432 5.15 30.07 -3.63
C LEU B 432 4.92 31.47 -4.08
N GLN B 433 5.80 32.38 -3.74
CA GLN B 433 5.78 33.73 -4.27
C GLN B 433 4.48 34.43 -4.18
N ASP B 434 4.02 34.93 -5.30
CA ASP B 434 2.78 35.65 -5.40
C ASP B 434 1.52 35.03 -4.94
N GLU B 435 1.49 33.72 -4.84
CA GLU B 435 0.37 33.03 -4.34
C GLU B 435 0.11 33.36 -2.92
N VAL B 436 1.15 33.48 -2.12
CA VAL B 436 1.09 33.89 -0.75
C VAL B 436 0.74 35.33 -0.61
N ALA B 437 1.24 36.17 -1.47
CA ALA B 437 0.98 37.59 -1.43
C ALA B 437 -0.40 38.07 -1.69
N ARG B 438 -1.21 37.24 -2.31
CA ARG B 438 -2.55 37.44 -2.61
C ARG B 438 -3.29 37.70 -1.30
N TYR B 439 -2.88 37.11 -0.19
CA TYR B 439 -3.51 37.27 1.06
C TYR B 439 -2.92 38.33 1.91
N HIS B 440 -2.33 39.34 1.33
CA HIS B 440 -1.75 40.41 2.10
C HIS B 440 -2.69 41.20 2.96
N GLU B 441 -3.91 41.35 2.56
CA GLU B 441 -4.88 42.10 3.30
C GLU B 441 -5.05 41.54 4.69
N GLN B 442 -5.00 40.24 4.84
CA GLN B 442 -5.03 39.62 6.17
C GLN B 442 -3.70 39.72 6.90
N TYR B 443 -2.61 39.48 6.18
CA TYR B 443 -1.31 39.28 6.82
C TYR B 443 -0.73 40.58 7.35
N LEU B 444 -0.71 41.62 6.51
CA LEU B 444 0.05 42.81 6.86
C LEU B 444 -0.42 43.43 8.18
N PRO B 445 -1.72 43.58 8.44
CA PRO B 445 -2.12 44.11 9.75
C PRO B 445 -1.64 43.23 10.88
N LEU B 446 -1.75 41.92 10.73
CA LEU B 446 -1.30 41.01 11.77
C LEU B 446 0.21 41.10 11.95
N VAL B 447 0.95 41.10 10.84
CA VAL B 447 2.41 41.09 10.89
C VAL B 447 2.96 42.43 11.39
N ILE B 448 2.33 43.54 10.98
CA ILE B 448 2.81 44.84 11.46
C ILE B 448 2.66 44.91 12.97
N ASP B 449 1.53 44.42 13.48
CA ASP B 449 1.32 44.43 14.91
C ASP B 449 2.31 43.53 15.64
N ILE B 450 2.66 42.38 15.06
CA ILE B 450 3.66 41.53 15.73
C ILE B 450 4.98 42.29 15.85
N ILE B 451 5.35 43.04 14.80
CA ILE B 451 6.55 43.86 14.86
C ILE B 451 6.45 44.88 15.99
N ASP B 452 5.34 45.60 16.07
CA ASP B 452 5.22 46.68 17.04
C ASP B 452 5.21 46.17 18.47
N SER B 453 4.71 44.97 18.69
CA SER B 453 4.56 44.46 20.04
C SER B 453 5.56 43.37 20.38
N ALA B 454 6.60 43.24 19.56
CA ALA B 454 7.56 42.15 19.72
C ALA B 454 8.39 42.30 20.99
N LYS B 455 8.57 41.20 21.71
CA LYS B 455 9.42 41.20 22.89
C LYS B 455 10.75 40.49 22.68
N HIS B 456 10.93 39.76 21.59
CA HIS B 456 12.15 39.03 21.35
C HIS B 456 12.74 39.37 19.98
N VAL B 457 14.07 39.33 19.87
CA VAL B 457 14.70 39.70 18.60
C VAL B 457 14.30 38.74 17.50
N VAL B 458 14.15 37.45 17.82
CA VAL B 458 13.86 36.50 16.77
C VAL B 458 12.46 36.73 16.19
N ILE B 459 11.49 37.14 17.02
CA ILE B 459 10.17 37.45 16.52
C ILE B 459 10.23 38.66 15.63
N TYR B 460 11.02 39.66 16.01
CA TYR B 460 11.21 40.83 15.14
C TYR B 460 11.85 40.43 13.81
N LYS B 461 12.86 39.55 13.82
CA LYS B 461 13.52 39.16 12.57
C LYS B 461 12.55 38.50 11.63
N TYR B 462 11.81 37.48 12.11
CA TYR B 462 10.91 36.75 11.21
C TYR B 462 9.67 37.54 10.87
N ALA B 463 9.26 38.49 11.73
CA ALA B 463 8.16 39.36 11.34
C ALA B 463 8.57 40.27 10.18
N THR B 464 9.76 40.84 10.24
CA THR B 464 10.22 41.65 9.12
C THR B 464 10.46 40.78 7.89
N LEU B 465 11.05 39.60 8.09
CA LEU B 465 11.34 38.73 6.98
C LEU B 465 10.06 38.30 6.28
N ALA B 466 9.00 38.06 7.06
CA ALA B 466 7.68 37.74 6.51
C ALA B 466 7.08 38.92 5.75
N LEU B 467 7.20 40.13 6.31
CA LEU B 467 6.73 41.33 5.61
C LEU B 467 7.49 41.52 4.30
N ASP B 468 8.81 41.29 4.34
CA ASP B 468 9.65 41.42 3.14
C ASP B 468 9.19 40.47 2.03
N GLY B 469 8.97 39.19 2.36
CA GLY B 469 8.57 38.23 1.36
C GLY B 469 7.18 38.49 0.82
N LEU B 470 6.33 39.07 1.65
CA LEU B 470 4.99 39.43 1.20
C LEU B 470 5.04 40.60 0.25
N LEU B 471 5.74 41.68 0.64
CA LEU B 471 5.79 42.88 -0.18
C LEU B 471 6.48 42.61 -1.53
N GLU B 472 7.52 41.77 -1.52
CA GLU B 472 8.26 41.53 -2.75
C GLU B 472 7.35 41.12 -3.88
N PHE B 473 6.27 40.38 -3.57
CA PHE B 473 5.39 39.82 -4.59
C PHE B 473 3.98 40.40 -4.59
N ILE B 474 3.74 41.51 -3.89
CA ILE B 474 2.42 42.10 -3.92
C ILE B 474 2.16 42.67 -5.32
N ALA B 475 0.95 42.46 -5.84
CA ALA B 475 0.59 43.02 -7.12
C ALA B 475 0.76 44.54 -7.11
N HIS B 476 1.24 45.08 -8.24
CA HIS B 476 1.63 46.49 -8.32
C HIS B 476 0.50 47.42 -7.88
N ASN B 477 -0.75 47.14 -8.30
CA ASN B 477 -1.84 48.04 -7.94
C ASN B 477 -2.07 48.05 -6.43
N ASP B 478 -1.89 46.90 -5.76
CA ASP B 478 -2.11 46.81 -4.33
C ASP B 478 -1.01 47.52 -3.55
N ILE B 479 0.25 47.40 -3.99
CA ILE B 479 1.32 48.06 -3.24
C ILE B 479 1.19 49.59 -3.28
N ILE B 480 0.68 50.17 -4.37
CA ILE B 480 0.62 51.63 -4.43
C ILE B 480 -0.30 52.18 -3.34
N LYS B 481 -1.38 51.46 -3.02
CA LYS B 481 -2.24 51.89 -1.92
C LYS B 481 -1.47 51.97 -0.60
N TYR B 482 -0.60 51.00 -0.32
CA TYR B 482 0.11 50.94 0.95
C TYR B 482 1.44 51.68 0.98
N LEU B 483 1.95 52.12 -0.17
CA LEU B 483 3.37 52.47 -0.30
C LEU B 483 3.82 53.55 0.70
N ASP B 484 3.04 54.61 0.86
CA ASP B 484 3.49 55.70 1.73
C ASP B 484 3.49 55.35 3.21
N PRO B 485 2.44 54.69 3.72
CA PRO B 485 2.50 54.24 5.10
C PRO B 485 3.61 53.22 5.33
N LEU B 486 3.81 52.30 4.38
CA LEU B 486 4.87 51.30 4.52
C LEU B 486 6.25 51.94 4.57
N ASN B 488 7.06 54.96 5.38
CA ASN B 488 7.24 55.67 6.64
C ASN B 488 7.45 54.73 7.80
N LYS B 489 6.75 53.58 7.81
CA LYS B 489 6.96 52.60 8.87
C LYS B 489 8.34 51.96 8.80
N LEU B 490 8.75 51.51 7.62
CA LEU B 490 10.04 50.83 7.49
C LEU B 490 11.19 51.75 7.88
N PHE B 491 11.13 53.02 7.51
CA PHE B 491 12.21 53.92 7.91
C PHE B 491 12.09 54.28 9.38
N GLN B 492 10.89 54.26 9.93
CA GLN B 492 10.80 54.40 11.37
C GLN B 492 11.53 53.24 12.03
N LEU B 494 13.88 51.35 10.92
CA LEU B 494 15.30 51.44 10.68
C LEU B 494 15.99 52.39 11.67
N GLU B 495 15.32 53.49 12.03
CA GLU B 495 15.90 54.40 13.02
C GLU B 495 15.90 53.79 14.41
N THR B 496 14.76 53.20 14.81
CA THR B 496 14.59 52.70 16.17
C THR B 496 15.52 51.55 16.46
N GLN B 497 15.63 50.60 15.53
CA GLN B 497 16.38 49.38 15.79
C GLN B 497 17.83 49.65 15.47
N GLN B 498 18.71 49.37 16.42
CA GLN B 498 20.13 49.59 16.23
C GLN B 498 20.89 48.31 15.91
N SER B 499 20.27 47.14 16.08
CA SER B 499 20.89 45.87 15.76
C SER B 499 21.13 45.71 14.26
N PRO B 500 22.36 45.48 13.82
CA PRO B 500 22.58 45.30 12.37
C PRO B 500 21.89 44.07 11.84
N LYS B 501 21.69 43.06 12.69
CA LYS B 501 20.92 41.90 12.29
C LYS B 501 19.50 42.29 11.91
N LEU B 502 18.88 43.17 12.72
CA LEU B 502 17.52 43.62 12.43
C LEU B 502 17.48 44.60 11.28
N ARG B 503 18.49 45.46 11.18
CA ARG B 503 18.50 46.46 10.12
C ARG B 503 18.60 45.82 8.75
N ALA B 504 19.38 44.75 8.59
CA ALA B 504 19.46 44.15 7.26
C ALA B 504 18.10 43.64 6.82
N ALA B 505 17.33 43.06 7.74
CA ALA B 505 16.01 42.57 7.39
C ALA B 505 15.10 43.70 6.93
N ILE B 506 15.20 44.85 7.61
CA ILE B 506 14.43 46.03 7.22
C ILE B 506 14.86 46.54 5.83
N VAL B 507 16.17 46.60 5.58
CA VAL B 507 16.64 47.09 4.29
C VAL B 507 16.08 46.21 3.18
N SER B 508 16.06 44.91 3.39
CA SER B 508 15.48 44.03 2.39
C SER B 508 14.00 44.35 2.16
N ALA B 509 13.23 44.57 3.23
CA ALA B 509 11.82 44.94 3.08
C ALA B 509 11.64 46.22 2.28
N ILE B 510 12.50 47.22 2.50
CA ILE B 510 12.40 48.45 1.72
C ILE B 510 12.67 48.17 0.24
N GLY B 511 13.68 47.35 -0.04
CA GLY B 511 13.94 47.01 -1.42
C GLY B 511 12.81 46.23 -2.05
N SER B 512 12.14 45.40 -1.26
CA SER B 512 10.99 44.67 -1.77
C SER B 512 9.81 45.60 -2.05
N CYS B 513 9.70 46.71 -1.32
CA CYS B 513 8.71 47.73 -1.66
C CYS B 513 8.99 48.30 -3.03
N ALA B 514 10.26 48.64 -3.28
CA ALA B 514 10.67 49.23 -4.54
C ALA B 514 10.46 48.24 -5.69
N PHE B 515 10.80 46.98 -5.47
CA PHE B 515 10.61 45.99 -6.50
C PHE B 515 9.14 45.93 -6.93
N ALA B 516 8.24 45.94 -5.97
CA ALA B 516 6.82 45.88 -6.30
C ALA B 516 6.30 47.18 -6.90
N ALA B 517 6.81 48.33 -6.46
CA ALA B 517 6.21 49.61 -6.84
C ALA B 517 6.67 50.14 -8.21
N GLY B 518 7.82 49.69 -8.72
CA GLY B 518 8.31 50.12 -10.02
C GLY B 518 8.47 51.62 -10.12
N SER B 519 7.82 52.20 -11.12
CA SER B 519 7.88 53.65 -11.30
C SER B 519 7.26 54.39 -10.12
N GLY B 520 6.31 53.77 -9.42
CA GLY B 520 5.74 54.41 -8.26
C GLY B 520 6.70 54.63 -7.13
N PHE B 521 7.90 54.08 -7.20
CA PHE B 521 8.91 54.25 -6.17
C PHE B 521 9.76 55.50 -6.38
N VAL B 522 9.57 56.22 -7.49
CA VAL B 522 10.44 57.36 -7.79
C VAL B 522 10.38 58.42 -6.70
N PRO B 523 9.22 58.78 -6.14
CA PRO B 523 9.23 59.81 -5.09
C PRO B 523 10.05 59.44 -3.84
N TYR B 524 10.28 58.15 -3.58
CA TYR B 524 11.03 57.75 -2.40
C TYR B 524 12.50 57.50 -2.69
N PHE B 525 12.90 57.48 -3.96
CA PHE B 525 14.24 57.04 -4.30
C PHE B 525 15.30 57.88 -3.61
N LYS B 526 15.34 59.18 -3.89
CA LYS B 526 16.38 60.06 -3.35
C LYS B 526 16.47 59.97 -1.82
N THR B 527 15.34 60.13 -1.13
CA THR B 527 15.43 60.10 0.32
C THR B 527 15.87 58.73 0.82
N SER B 528 15.46 57.66 0.13
CA SER B 528 15.91 56.31 0.54
C SER B 528 17.41 56.15 0.35
N VAL B 529 17.94 56.57 -0.81
CA VAL B 529 19.36 56.41 -1.09
C VAL B 529 20.18 57.25 -0.12
N GLN B 530 19.72 58.46 0.17
CA GLN B 530 20.36 59.32 1.17
C GLN B 530 20.48 58.60 2.50
N TYR B 531 19.38 58.02 2.98
CA TYR B 531 19.43 57.26 4.22
C TYR B 531 20.31 56.03 4.09
N LEU B 532 20.08 55.21 3.06
CA LEU B 532 20.79 53.94 2.97
C LEU B 532 22.29 54.05 2.70
N GLN B 533 22.76 55.18 2.15
CA GLN B 533 24.20 55.31 1.88
C GLN B 533 25.04 55.20 3.12
N GLN B 534 24.45 55.42 4.30
CA GLN B 534 25.21 55.32 5.55
C GLN B 534 25.73 53.91 5.76
N PHE B 535 25.01 52.90 5.26
CA PHE B 535 25.39 51.50 5.43
C PHE B 535 26.44 51.00 4.42
N ILE B 536 26.88 51.81 3.44
CA ILE B 536 27.90 51.36 2.49
C ILE B 536 29.08 52.31 2.48
N GLN B 537 29.55 52.70 3.66
CA GLN B 537 30.76 53.51 3.79
C GLN B 537 31.91 52.55 4.12
N ASN B 538 33.14 52.98 3.83
CA ASN B 538 34.32 52.21 4.18
C ASN B 538 34.20 50.76 3.71
N VAL B 539 33.84 50.59 2.46
CA VAL B 539 33.56 49.28 1.97
C VAL B 539 34.67 48.31 2.03
N SER B 540 35.86 48.72 1.74
CA SER B 540 37.01 47.83 1.75
C SER B 540 37.43 47.29 3.08
N GLN B 541 37.08 47.97 4.14
CA GLN B 541 37.45 47.58 5.46
C GLN B 541 36.64 46.44 5.89
N ILE B 542 37.31 45.32 6.06
CA ILE B 542 36.67 44.09 6.41
C ILE B 542 37.02 43.64 7.76
N GLU B 543 38.05 44.19 8.35
CA GLU B 543 38.47 43.67 9.60
C GLU B 543 37.78 44.15 10.78
N GLY B 544 37.38 43.19 11.59
CA GLY B 544 36.69 43.47 12.79
C GLY B 544 35.23 43.63 12.64
N LEU B 545 34.72 43.32 11.46
CA LEU B 545 33.32 43.41 11.22
C LEU B 545 32.76 42.08 11.42
N SER B 546 31.58 42.03 12.00
CA SER B 546 30.89 40.78 12.18
C SER B 546 30.15 40.43 10.94
N GLU B 547 29.62 39.23 10.91
CA GLU B 547 28.82 38.76 9.82
C GLU B 547 27.60 39.59 9.64
N ASP B 548 26.98 40.03 10.71
CA ASP B 548 25.88 40.91 10.64
C ASP B 548 26.25 42.22 10.05
N ASP B 549 27.41 42.73 10.36
CA ASP B 549 27.87 43.95 9.78
C ASP B 549 28.08 43.85 8.32
N ILE B 550 28.64 42.75 7.87
CA ILE B 550 28.84 42.56 6.43
C ILE B 550 27.52 42.44 5.71
N GLU B 551 26.59 41.67 6.29
CA GLU B 551 25.33 41.42 5.60
C GLU B 551 24.54 42.71 5.44
N LEU B 552 24.68 43.64 6.38
CA LEU B 552 23.96 44.91 6.27
C LEU B 552 24.49 45.73 5.09
N LYS B 553 25.81 45.70 4.87
CA LYS B 553 26.38 46.34 3.69
C LYS B 553 25.96 45.60 2.42
N ALA B 554 26.03 44.27 2.45
CA ALA B 554 25.72 43.49 1.26
C ALA B 554 24.26 43.70 0.84
N LEU B 555 23.34 43.59 1.79
CA LEU B 555 21.93 43.77 1.47
C LEU B 555 21.65 45.19 0.96
N THR B 556 22.38 46.20 1.46
CA THR B 556 22.17 47.56 0.97
C THR B 556 22.61 47.72 -0.48
N PHE B 557 23.74 47.14 -0.86
CA PHE B 557 24.14 47.18 -2.26
C PHE B 557 23.06 46.54 -3.13
N GLU B 558 22.57 45.40 -2.69
CA GLU B 558 21.61 44.65 -3.48
C GLU B 558 20.28 45.39 -3.59
N ASN B 559 19.77 45.95 -2.49
CA ASN B 559 18.47 46.62 -2.54
C ASN B 559 18.52 48.01 -3.15
N ILE B 560 19.64 48.72 -3.06
CA ILE B 560 19.73 49.93 -3.84
C ILE B 560 19.70 49.62 -5.34
N SER B 561 20.37 48.54 -5.77
CA SER B 561 20.32 48.21 -7.20
C SER B 561 18.93 47.74 -7.60
N THR B 562 18.21 47.11 -6.70
CA THR B 562 16.84 46.77 -7.02
C THR B 562 16.02 48.03 -7.25
N GLY B 564 17.22 50.72 -8.63
CA GLY B 564 17.52 51.09 -10.00
C GLY B 564 16.62 50.36 -11.00
N ARG B 565 16.29 49.11 -10.73
CA ARG B 565 15.39 48.42 -11.64
C ARG B 565 14.01 49.03 -11.59
N ALA B 566 13.61 49.53 -10.41
CA ALA B 566 12.26 50.07 -10.21
C ALA B 566 12.10 51.42 -10.85
N VAL B 567 13.01 52.32 -10.53
CA VAL B 567 13.07 53.66 -11.08
C VAL B 567 14.18 53.57 -12.10
N LYS B 568 13.93 53.94 -13.36
CA LYS B 568 14.96 53.47 -14.27
C LYS B 568 16.18 54.38 -14.34
N SER B 569 16.92 54.33 -15.46
CA SER B 569 18.20 55.03 -15.56
C SER B 569 18.07 56.54 -15.32
N ALA B 570 17.04 57.19 -15.86
CA ALA B 570 16.97 58.65 -15.72
C ALA B 570 16.83 59.04 -14.24
N ALA B 571 15.96 58.35 -13.51
CA ALA B 571 15.79 58.61 -12.10
C ALA B 571 16.95 58.07 -11.26
N PHE B 572 17.86 57.31 -11.86
CA PHE B 572 18.98 56.77 -11.11
C PHE B 572 20.22 57.65 -11.16
N ALA B 573 20.22 58.66 -12.03
CA ALA B 573 21.45 59.32 -12.42
C ALA B 573 22.13 60.07 -11.28
N GLU B 574 21.37 60.65 -10.36
CA GLU B 574 21.97 61.48 -9.32
C GLU B 574 23.04 60.71 -8.55
N TYR B 575 22.80 59.43 -8.25
CA TYR B 575 23.72 58.66 -7.43
C TYR B 575 24.39 57.51 -8.18
N ALA B 576 24.12 57.37 -9.49
CA ALA B 576 24.63 56.22 -10.23
C ALA B 576 26.14 56.10 -10.14
N GLU B 577 26.85 57.19 -10.35
CA GLU B 577 28.32 57.09 -10.40
C GLU B 577 28.92 56.72 -9.05
N PRO B 578 28.58 57.39 -7.94
CA PRO B 578 29.18 56.96 -6.67
C PRO B 578 28.78 55.54 -6.30
N LEU B 579 27.53 55.14 -6.59
CA LEU B 579 27.11 53.78 -6.28
C LEU B 579 27.84 52.71 -7.11
N VAL B 580 28.04 52.97 -8.40
CA VAL B 580 28.75 51.97 -9.19
C VAL B 580 30.18 51.83 -8.71
N ASN B 581 30.81 52.94 -8.36
CA ASN B 581 32.17 52.86 -7.83
C ASN B 581 32.22 52.07 -6.52
N ALA B 582 31.22 52.25 -5.65
CA ALA B 582 31.18 51.45 -4.42
C ALA B 582 31.02 49.96 -4.73
N ALA B 583 30.21 49.63 -5.76
CA ALA B 583 30.08 48.23 -6.15
C ALA B 583 31.42 47.66 -6.59
N TYR B 584 32.19 48.42 -7.36
CA TYR B 584 33.54 47.97 -7.70
C TYR B 584 34.34 47.72 -6.44
N GLU B 585 34.45 48.74 -5.60
CA GLU B 585 35.20 48.57 -4.36
C GLU B 585 34.82 47.25 -3.69
N ALA B 586 33.52 46.92 -3.70
CA ALA B 586 33.01 45.70 -3.06
C ALA B 586 33.51 44.43 -3.75
N ILE B 587 33.46 44.40 -5.08
CA ILE B 587 33.94 43.27 -5.86
C ILE B 587 35.44 43.04 -5.69
N LYS B 588 36.19 44.04 -5.23
CA LYS B 588 37.61 43.89 -4.95
C LYS B 588 37.88 43.53 -3.50
N THR B 589 36.82 43.39 -2.72
CA THR B 589 36.86 43.18 -1.29
C THR B 589 37.31 41.77 -0.92
N ASP B 590 37.74 41.61 0.34
CA ASP B 590 38.17 40.33 0.85
C ASP B 590 37.02 39.45 1.35
N SER B 591 35.79 39.95 1.34
CA SER B 591 34.59 39.22 1.74
C SER B 591 33.90 38.56 0.54
N ALA B 592 33.72 37.24 0.57
CA ALA B 592 32.97 36.60 -0.49
C ALA B 592 31.53 37.12 -0.53
N ARG B 593 30.92 37.28 0.66
CA ARG B 593 29.57 37.84 0.73
C ARG B 593 29.52 39.26 0.16
N LEU B 594 30.53 40.07 0.47
CA LEU B 594 30.54 41.44 -0.04
C LEU B 594 30.75 41.50 -1.56
N ARG B 595 31.67 40.68 -2.10
CA ARG B 595 31.81 40.66 -3.55
C ARG B 595 30.52 40.19 -4.21
N GLU B 596 29.89 39.17 -3.64
CA GLU B 596 28.63 38.69 -4.21
C GLU B 596 27.61 39.81 -4.35
N SER B 597 27.48 40.64 -3.32
CA SER B 597 26.56 41.76 -3.40
C SER B 597 26.96 42.72 -4.50
N GLY B 598 28.28 42.89 -4.71
CA GLY B 598 28.73 43.73 -5.82
C GLY B 598 28.27 43.17 -7.16
N TYR B 599 28.39 41.86 -7.35
CA TYR B 599 27.95 41.26 -8.60
C TYR B 599 26.44 41.39 -8.77
N ALA B 600 25.69 41.29 -7.66
CA ALA B 600 24.24 41.43 -7.74
C ALA B 600 23.90 42.84 -8.18
N PHE B 601 24.64 43.82 -7.66
CA PHE B 601 24.47 45.21 -8.05
C PHE B 601 24.75 45.40 -9.54
N ILE B 602 25.86 44.81 -10.03
CA ILE B 602 26.21 44.93 -11.44
C ILE B 602 25.18 44.25 -12.32
N ALA B 603 24.70 43.08 -11.94
CA ALA B 603 23.72 42.41 -12.79
C ALA B 603 22.50 43.29 -13.04
N ASN B 604 22.00 43.92 -11.97
CA ASN B 604 20.87 44.84 -12.11
C ASN B 604 21.22 46.08 -12.93
N ALA B 606 23.31 46.12 -15.59
CA ALA B 606 23.13 45.67 -16.96
C ALA B 606 21.67 45.79 -17.40
N LYS B 607 20.74 45.44 -16.50
CA LYS B 607 19.32 45.62 -16.82
C LYS B 607 18.96 47.09 -16.97
N VAL B 608 19.57 47.97 -16.15
CA VAL B 608 19.20 49.37 -16.15
C VAL B 608 19.75 50.08 -17.37
N TYR B 609 21.00 49.81 -17.73
CA TYR B 609 21.68 50.63 -18.74
C TYR B 609 21.81 49.98 -20.12
N GLY B 610 21.60 48.67 -20.25
CA GLY B 610 21.73 48.02 -21.54
C GLY B 610 23.11 48.21 -22.15
N LYS B 611 23.16 48.66 -23.41
CA LYS B 611 24.44 48.80 -24.09
C LYS B 611 25.30 49.88 -23.45
N ASP B 612 24.67 50.85 -22.82
CA ASP B 612 25.35 51.97 -22.18
C ASP B 612 26.25 51.53 -21.04
N PHE B 613 26.07 50.32 -20.54
CA PHE B 613 26.95 49.88 -19.47
C PHE B 613 28.20 49.22 -20.04
N ALA B 614 28.31 49.18 -21.37
CA ALA B 614 29.43 48.48 -22.00
C ALA B 614 30.80 48.99 -21.59
N PRO B 615 31.01 50.27 -21.29
CA PRO B 615 32.37 50.71 -20.90
C PRO B 615 32.91 50.06 -19.64
N PHE B 616 32.10 49.32 -18.87
CA PHE B 616 32.60 48.67 -17.66
C PHE B 616 33.05 47.23 -17.88
N LEU B 617 32.84 46.69 -19.08
CA LEU B 617 33.18 45.30 -19.35
C LEU B 617 34.65 45.02 -19.11
N GLN B 618 35.51 45.88 -19.65
CA GLN B 618 36.94 45.65 -19.56
C GLN B 618 37.38 45.51 -18.10
N THR B 619 36.81 46.32 -17.23
CA THR B 619 37.13 46.29 -15.80
C THR B 619 36.48 45.10 -15.08
N ILE B 620 35.21 44.79 -15.39
CA ILE B 620 34.44 43.85 -14.60
C ILE B 620 34.66 42.39 -15.00
N ILE B 621 34.75 42.10 -16.31
CA ILE B 621 34.85 40.70 -16.75
C ILE B 621 36.06 40.00 -16.15
N PRO B 622 37.21 40.63 -15.97
CA PRO B 622 38.30 39.88 -15.31
C PRO B 622 37.99 39.54 -13.87
N GLU B 623 37.31 40.44 -13.12
CA GLU B 623 36.96 40.14 -11.75
C GLU B 623 35.96 38.99 -11.68
N ILE B 624 35.00 38.97 -12.60
CA ILE B 624 34.05 37.87 -12.66
C ILE B 624 34.78 36.56 -12.90
N PHE B 625 35.74 36.54 -13.84
CA PHE B 625 36.46 35.32 -14.16
C PHE B 625 37.25 34.83 -12.96
N LYS B 626 37.94 35.74 -12.26
CA LYS B 626 38.63 35.37 -11.03
C LYS B 626 37.66 34.71 -10.06
N THR B 627 36.49 35.32 -9.88
CA THR B 627 35.51 34.76 -8.94
C THR B 627 35.13 33.34 -9.35
N LEU B 628 34.86 33.12 -10.64
CA LEU B 628 34.38 31.81 -11.09
C LEU B 628 35.45 30.73 -11.04
N GLU B 629 36.73 31.09 -11.07
CA GLU B 629 37.78 30.07 -11.06
C GLU B 629 38.27 29.74 -9.65
N GLN B 630 37.68 30.39 -8.63
CA GLN B 630 38.10 30.17 -7.25
C GLN B 630 38.01 28.70 -6.85
N GLU B 631 38.92 28.30 -5.96
CA GLU B 631 38.81 27.00 -5.33
C GLU B 631 37.63 26.98 -4.37
N GLU B 632 36.88 25.88 -4.35
CA GLU B 632 35.62 25.86 -3.63
C GLU B 632 35.69 25.18 -2.26
N TYR B 633 36.86 24.72 -1.82
CA TYR B 633 36.97 23.99 -0.56
C TYR B 633 37.92 24.69 0.40
N GLN B 634 37.76 24.40 1.70
CA GLN B 634 38.69 24.94 2.68
C GLN B 634 38.77 24.06 3.92
N PHE B 635 39.84 24.29 4.69
CA PHE B 635 40.26 23.48 5.84
C PHE B 635 40.43 22.01 5.48
N THR B 660 33.91 21.96 5.19
CA THR B 660 35.02 22.03 4.26
C THR B 660 34.56 22.76 2.99
N VAL B 661 33.26 22.65 2.68
CA VAL B 661 32.69 23.40 1.56
C VAL B 661 32.63 24.88 1.92
N ASN B 662 33.11 25.73 1.02
CA ASN B 662 33.08 27.16 1.25
C ASN B 662 31.81 27.72 0.62
N THR B 663 30.73 27.78 1.41
CA THR B 663 29.45 28.20 0.86
C THR B 663 29.45 29.67 0.43
N GLY B 664 30.23 30.52 1.09
CA GLY B 664 30.31 31.89 0.63
C GLY B 664 30.79 31.99 -0.81
N ILE B 665 31.80 31.19 -1.17
CA ILE B 665 32.32 31.17 -2.52
C ILE B 665 31.27 30.65 -3.49
N ALA B 666 30.54 29.61 -3.09
CA ALA B 666 29.53 29.08 -3.98
C ALA B 666 28.47 30.12 -4.28
N TYR B 667 27.99 30.81 -3.25
CA TYR B 667 26.98 31.85 -3.44
C TYR B 667 27.52 32.98 -4.29
N GLU B 668 28.77 33.35 -4.06
CA GLU B 668 29.41 34.35 -4.91
C GLU B 668 29.47 33.88 -6.36
N LYS B 669 29.77 32.59 -6.59
CA LYS B 669 29.86 32.09 -7.96
C LYS B 669 28.51 32.14 -8.66
N GLU B 670 27.44 31.84 -7.95
CA GLU B 670 26.11 31.87 -8.55
C GLU B 670 25.80 33.24 -9.13
N VAL B 671 26.08 34.29 -8.35
CA VAL B 671 25.74 35.66 -8.70
C VAL B 671 26.70 36.21 -9.76
N ALA B 672 27.98 35.87 -9.67
CA ALA B 672 28.90 36.30 -10.72
C ALA B 672 28.47 35.74 -12.07
N ALA B 673 27.99 34.51 -12.08
CA ALA B 673 27.50 33.92 -13.33
C ALA B 673 26.24 34.62 -13.81
N ALA B 674 25.37 35.00 -12.87
CA ALA B 674 24.20 35.80 -13.22
C ALA B 674 24.61 37.15 -13.78
N ALA B 675 25.59 37.80 -13.16
CA ALA B 675 26.06 39.09 -13.65
C ALA B 675 26.62 38.96 -15.06
N LEU B 676 27.47 37.95 -15.29
CA LEU B 676 28.05 37.75 -16.61
C LEU B 676 26.97 37.51 -17.65
N SER B 677 25.92 36.77 -17.28
CA SER B 677 24.84 36.51 -18.23
C SER B 677 24.07 37.78 -18.55
N GLU B 678 23.78 38.55 -17.57
CA GLU B 678 23.07 39.71 -17.76
C GLU B 678 23.81 40.65 -18.56
N LEU B 679 25.09 40.72 -18.30
CA LEU B 679 25.95 41.61 -19.00
C LEU B 679 26.06 41.30 -20.46
N ALA B 680 26.09 40.04 -20.78
CA ALA B 680 26.16 39.63 -22.12
C ALA B 680 24.96 40.03 -22.87
N ILE B 681 23.81 39.82 -22.30
CA ILE B 681 22.60 40.17 -22.95
C ILE B 681 22.46 41.64 -23.17
N ALA B 682 22.85 42.42 -22.22
CA ALA B 682 22.80 43.84 -22.35
C ALA B 682 23.78 44.44 -23.30
N SER B 683 24.99 43.96 -23.27
CA SER B 683 26.03 44.45 -24.12
C SER B 683 25.88 44.18 -25.56
N LYS B 684 25.35 43.02 -25.89
CA LYS B 684 25.12 42.65 -27.26
C LYS B 684 26.41 42.76 -27.99
N GLU B 685 26.45 43.43 -29.12
CA GLU B 685 27.67 43.56 -29.89
C GLU B 685 28.90 43.90 -29.14
N HIS B 686 28.83 44.72 -28.11
CA HIS B 686 29.94 45.03 -27.26
C HIS B 686 30.52 43.88 -26.45
N PHE B 687 29.83 42.76 -26.29
CA PHE B 687 30.29 41.60 -25.56
C PHE B 687 31.03 40.53 -26.35
N LEU B 688 31.16 40.67 -27.65
CA LEU B 688 31.76 39.63 -28.49
C LEU B 688 33.18 39.22 -28.20
N GLU B 689 34.03 40.13 -27.86
CA GLU B 689 35.37 39.75 -27.56
C GLU B 689 35.36 38.95 -26.32
N TYR B 690 34.25 38.96 -25.62
CA TYR B 690 34.18 38.21 -24.38
C TYR B 690 33.51 36.84 -24.55
N VAL B 691 32.90 36.55 -25.69
CA VAL B 691 32.13 35.32 -25.84
C VAL B 691 33.02 34.10 -25.67
N GLU B 692 34.10 34.02 -26.47
CA GLU B 692 35.06 32.92 -26.32
C GLU B 692 35.60 32.78 -24.91
N PRO B 693 36.19 33.80 -24.29
CA PRO B 693 36.70 33.62 -22.92
C PRO B 693 35.65 33.17 -21.93
N SER B 694 34.44 33.72 -21.97
CA SER B 694 33.39 33.39 -21.00
C SER B 694 32.97 31.92 -21.11
N LEU B 695 32.73 31.43 -22.33
CA LEU B 695 32.42 30.01 -22.50
C LEU B 695 33.60 29.15 -22.06
N LYS B 696 34.83 29.66 -22.23
CA LYS B 696 36.00 28.95 -21.74
C LYS B 696 35.92 28.73 -20.23
N VAL B 697 35.71 29.83 -19.48
CA VAL B 697 35.70 29.76 -18.02
C VAL B 697 34.52 28.94 -17.55
N LEU B 698 33.35 29.15 -18.18
CA LEU B 698 32.13 28.46 -17.81
C LEU B 698 32.22 26.97 -18.14
N ALA B 699 32.77 26.64 -19.26
CA ALA B 699 32.87 25.29 -19.61
C ALA B 699 33.71 24.59 -18.59
N GLU B 700 34.75 25.23 -18.12
CA GLU B 700 35.58 24.61 -17.13
C GLU B 700 34.88 24.35 -15.87
N GLN B 701 34.07 25.28 -15.47
CA GLN B 701 33.31 25.15 -14.28
C GLN B 701 32.34 24.03 -14.31
N VAL B 702 31.71 23.77 -15.44
CA VAL B 702 30.80 22.67 -15.49
C VAL B 702 31.52 21.39 -15.22
N ASN B 703 32.69 21.17 -15.79
CA ASN B 703 33.41 19.96 -15.53
C ASN B 703 33.89 19.81 -14.10
N GLU B 704 34.37 20.89 -13.51
CA GLU B 704 34.89 20.76 -12.18
C GLU B 704 34.17 21.31 -11.00
N SER B 705 33.23 22.23 -11.15
CA SER B 705 32.62 22.77 -9.95
C SER B 705 31.77 21.81 -9.18
N TYR B 706 31.84 21.88 -7.87
CA TYR B 706 31.01 21.05 -7.04
C TYR B 706 29.56 21.36 -7.04
N GLY B 707 29.22 22.64 -7.01
CA GLY B 707 27.85 23.05 -7.00
C GLY B 707 27.42 23.98 -8.06
N LEU B 708 28.32 24.38 -8.93
CA LEU B 708 27.99 25.34 -9.95
C LEU B 708 27.74 24.84 -11.35
N LYS B 709 27.62 23.55 -11.55
CA LYS B 709 27.41 23.06 -12.86
C LYS B 709 26.17 23.48 -13.53
N GLU B 710 25.07 23.44 -12.84
CA GLU B 710 23.85 23.82 -13.44
C GLU B 710 23.79 25.25 -13.78
N THR B 711 24.26 26.10 -12.91
CA THR B 711 24.28 27.54 -13.16
C THR B 711 25.24 27.88 -14.30
N ALA B 712 26.40 27.23 -14.31
CA ALA B 712 27.38 27.51 -15.37
C ALA B 712 26.85 27.11 -16.72
N LEU B 713 26.20 25.94 -16.81
CA LEU B 713 25.64 25.54 -18.09
C LEU B 713 24.55 26.52 -18.50
N HIS B 714 23.78 27.00 -17.53
CA HIS B 714 22.72 27.96 -17.79
C HIS B 714 23.29 29.29 -18.30
N SER B 715 24.37 29.76 -17.70
CA SER B 715 24.95 31.02 -18.15
C SER B 715 25.48 30.92 -19.58
N TRP B 717 24.10 29.19 -22.05
CA TRP B 717 22.95 29.41 -22.92
C TRP B 717 22.55 30.87 -22.92
N ALA B 718 22.80 31.59 -21.83
CA ALA B 718 22.53 33.02 -21.79
C ALA B 718 23.42 33.77 -22.78
N ILE B 719 24.69 33.39 -22.85
CA ILE B 719 25.60 33.97 -23.81
C ILE B 719 25.19 33.62 -25.24
N VAL B 720 24.71 32.38 -25.47
CA VAL B 720 24.20 32.05 -26.81
C VAL B 720 23.03 32.96 -27.15
N LYS B 721 22.12 33.12 -26.18
CA LYS B 721 20.96 33.99 -26.33
C LYS B 721 21.41 35.39 -26.67
N ALA B 722 22.48 35.87 -26.02
CA ALA B 722 23.01 37.18 -26.33
C ALA B 722 23.58 37.22 -27.74
N VAL B 723 24.32 36.18 -28.14
CA VAL B 723 24.86 36.15 -29.51
C VAL B 723 23.73 36.15 -30.52
N LEU B 724 22.71 35.30 -30.31
CA LEU B 724 21.64 35.20 -31.30
C LEU B 724 20.86 36.50 -31.43
N LEU B 725 20.59 37.17 -30.30
CA LEU B 725 19.90 38.46 -30.33
C LEU B 725 20.76 39.55 -30.98
N THR B 726 22.09 39.47 -30.80
CA THR B 726 22.98 40.41 -31.45
C THR B 726 23.03 40.24 -32.97
N ALA B 727 22.81 39.02 -33.46
CA ALA B 727 22.68 38.76 -34.88
C ALA B 727 21.28 39.08 -35.41
N ASN B 728 20.46 39.76 -34.61
CA ASN B 728 19.13 40.22 -35.04
C ASN B 728 18.21 39.05 -35.32
N LEU B 729 18.46 37.94 -34.66
CA LEU B 729 17.51 36.85 -34.59
C LEU B 729 16.52 37.15 -33.49
N LYS B 730 15.24 37.28 -33.85
CA LYS B 730 14.21 37.72 -32.93
C LYS B 730 13.47 36.53 -32.33
N GLU B 731 13.09 36.65 -31.06
CA GLU B 731 12.54 35.51 -30.34
C GLU B 731 11.30 34.98 -31.04
N GLY B 732 11.27 33.66 -31.29
CA GLY B 732 10.16 32.99 -31.95
C GLY B 732 10.04 33.19 -33.45
N GLU B 733 10.96 33.93 -34.08
CA GLU B 733 10.83 34.25 -35.49
C GLU B 733 11.87 33.47 -36.30
N TYR B 734 11.94 32.16 -36.11
CA TYR B 734 12.87 31.30 -36.80
C TYR B 734 12.19 30.52 -37.93
N PRO B 735 12.95 30.03 -38.90
CA PRO B 735 12.35 29.22 -39.98
C PRO B 735 12.09 27.79 -39.52
N LYS B 736 10.85 27.32 -39.70
CA LYS B 736 10.45 26.00 -39.22
C LYS B 736 11.05 24.90 -40.08
N GLY B 737 11.18 23.71 -39.51
CA GLY B 737 11.59 22.54 -40.25
C GLY B 737 13.01 22.10 -39.91
N VAL B 738 13.31 20.86 -40.30
CA VAL B 738 14.62 20.27 -40.06
C VAL B 738 15.70 21.12 -40.73
N PRO B 739 16.76 21.51 -40.02
CA PRO B 739 17.80 22.35 -40.65
C PRO B 739 18.69 21.54 -41.59
N SER B 740 18.65 21.87 -42.87
CA SER B 740 19.60 21.26 -43.78
C SER B 740 20.98 21.92 -43.65
N GLY B 741 20.98 23.23 -43.38
CA GLY B 741 22.20 24.01 -43.21
C GLY B 741 22.15 24.86 -41.95
N SER B 742 22.11 26.18 -42.10
CA SER B 742 22.14 27.03 -40.93
C SER B 742 21.49 28.37 -41.24
N TYR B 743 20.49 28.79 -40.46
CA TYR B 743 19.88 30.09 -40.66
C TYR B 743 20.51 31.16 -39.78
N VAL B 744 21.67 30.87 -39.17
CA VAL B 744 22.49 31.83 -38.46
C VAL B 744 23.91 31.73 -39.02
N ASP B 745 24.66 32.83 -38.95
CA ASP B 745 25.99 32.89 -39.53
C ASP B 745 26.96 31.96 -38.79
N ALA B 746 28.16 31.80 -39.38
CA ALA B 746 29.11 30.79 -38.91
C ALA B 746 29.57 31.06 -37.49
N SER B 747 29.82 32.33 -37.16
CA SER B 747 30.30 32.64 -35.82
C SER B 747 29.27 32.25 -34.75
N ALA B 748 27.99 32.55 -35.01
CA ALA B 748 26.92 32.17 -34.08
C ALA B 748 26.75 30.66 -34.00
N LEU B 749 26.84 29.98 -35.14
CA LEU B 749 26.65 28.53 -35.17
C LEU B 749 27.73 27.82 -34.36
N ALA B 750 28.98 28.29 -34.44
CA ALA B 750 30.02 27.68 -33.63
C ALA B 750 29.73 27.87 -32.14
N VAL B 751 29.23 29.04 -31.76
CA VAL B 751 28.84 29.26 -30.37
C VAL B 751 27.75 28.27 -29.96
N ILE B 752 26.72 28.12 -30.80
CA ILE B 752 25.64 27.21 -30.48
C ILE B 752 26.18 25.80 -30.28
N GLN B 753 27.00 25.32 -31.23
CA GLN B 753 27.48 23.95 -31.19
C GLN B 753 28.32 23.67 -29.96
N THR B 754 29.09 24.67 -29.52
CA THR B 754 29.89 24.53 -28.32
C THR B 754 28.99 24.20 -27.12
N VAL B 755 27.94 25.01 -26.92
CA VAL B 755 27.04 24.80 -25.79
C VAL B 755 26.18 23.55 -26.00
N ARG B 756 25.68 23.34 -27.21
CA ARG B 756 24.87 22.16 -27.48
C ARG B 756 25.66 20.88 -27.15
N GLU B 757 26.96 20.90 -27.44
CA GLU B 757 27.82 19.75 -27.14
C GLU B 757 27.89 19.51 -25.64
N VAL B 758 28.14 20.57 -24.88
CA VAL B 758 28.26 20.43 -23.43
C VAL B 758 26.93 19.98 -22.81
N SER B 759 25.80 20.43 -23.37
CA SER B 759 24.50 20.04 -22.85
C SER B 759 24.29 18.53 -22.95
N LEU B 760 24.52 17.97 -24.15
CA LEU B 760 24.30 16.53 -24.33
C LEU B 760 25.25 15.71 -23.47
N ASN B 761 26.50 16.17 -23.35
CA ASN B 761 27.47 15.45 -22.52
C ASN B 761 27.06 15.44 -21.04
N ASN B 762 26.25 16.40 -20.58
CA ASN B 762 25.80 16.43 -19.19
C ASN B 762 24.39 15.88 -18.99
N VAL B 763 23.78 15.29 -20.00
CA VAL B 763 22.55 14.56 -19.81
C VAL B 763 22.72 13.07 -20.10
N ILE B 764 23.63 12.70 -21.02
CA ILE B 764 23.86 11.31 -21.34
C ILE B 764 24.59 10.65 -20.17
N GLU B 765 24.02 9.56 -19.67
CA GLU B 765 24.56 8.88 -18.49
C GLU B 765 24.66 9.81 -17.27
N GLU B 766 23.75 10.75 -17.13
CA GLU B 766 23.79 11.65 -15.99
C GLU B 766 22.87 11.09 -14.92
N VAL B 767 23.38 10.99 -13.68
CA VAL B 767 22.61 10.36 -12.61
C VAL B 767 21.97 11.35 -11.63
N GLU B 768 22.33 12.63 -11.70
CA GLU B 768 21.70 13.65 -10.86
C GLU B 768 20.49 14.18 -11.62
N THR B 769 19.28 13.91 -11.12
CA THR B 769 18.10 14.32 -11.86
C THR B 769 17.97 15.84 -11.89
N SER B 770 18.50 16.54 -10.88
CA SER B 770 18.45 17.99 -10.94
C SER B 770 19.24 18.49 -12.15
N VAL B 772 19.64 16.76 -15.04
CA VAL B 772 18.85 16.48 -16.23
C VAL B 772 17.75 17.53 -16.39
N ILE B 773 17.09 17.88 -15.30
CA ILE B 773 16.01 18.87 -15.35
C ILE B 773 16.54 20.20 -15.88
N SER B 774 17.70 20.63 -15.38
CA SER B 774 18.25 21.92 -15.80
C SER B 774 18.61 21.90 -17.29
N VAL B 775 19.25 20.83 -17.76
CA VAL B 775 19.60 20.75 -19.17
C VAL B 775 18.34 20.74 -20.03
N PHE B 776 17.33 19.95 -19.65
CA PHE B 776 16.13 19.90 -20.47
C PHE B 776 15.43 21.24 -20.46
N GLN B 777 15.40 21.92 -19.32
CA GLN B 777 14.77 23.24 -19.27
C GLN B 777 15.46 24.24 -20.18
N ASP B 778 16.79 24.28 -20.17
CA ASP B 778 17.51 25.24 -20.99
C ASP B 778 17.28 24.98 -22.47
N LEU B 779 17.35 23.71 -22.88
CA LEU B 779 17.15 23.35 -24.29
C LEU B 779 15.73 23.68 -24.75
N SER B 780 14.73 23.41 -23.90
CA SER B 780 13.35 23.74 -24.24
C SER B 780 13.21 25.24 -24.46
N GLU B 781 13.76 26.03 -23.54
CA GLU B 781 13.60 27.46 -23.66
C GLU B 781 14.23 27.95 -24.97
N LEU B 783 15.20 26.18 -27.78
CA LEU B 783 14.43 25.69 -28.92
C LEU B 783 13.22 26.57 -29.19
N ARG B 784 12.48 26.93 -28.13
CA ARG B 784 11.31 27.78 -28.30
C ARG B 784 11.69 29.17 -28.78
N LEU B 785 12.76 29.75 -28.24
CA LEU B 785 13.13 31.13 -28.55
C LEU B 785 13.78 31.28 -29.92
N PHE B 786 14.66 30.34 -30.31
CA PHE B 786 15.48 30.51 -31.50
C PHE B 786 15.39 29.39 -32.52
N GLY B 787 14.53 28.39 -32.30
CA GLY B 787 14.25 27.39 -33.31
C GLY B 787 15.21 26.21 -33.30
N PRO B 788 15.03 25.30 -34.27
CA PRO B 788 15.76 24.02 -34.24
C PRO B 788 17.26 24.15 -34.44
N ILE B 789 17.76 25.30 -34.91
CA ILE B 789 19.21 25.49 -35.06
C ILE B 789 19.91 25.27 -33.74
N ILE B 790 19.19 25.33 -32.62
CA ILE B 790 19.77 25.10 -31.31
C ILE B 790 20.27 23.66 -31.20
N ILE B 791 19.52 22.69 -31.75
CA ILE B 791 19.89 21.29 -31.62
C ILE B 791 20.41 20.69 -32.93
N ASP B 793 22.04 21.27 -36.94
CA ASP B 793 22.50 22.03 -38.09
C ASP B 793 23.02 21.06 -39.15
N ASN B 794 22.95 21.51 -40.39
CA ASN B 794 23.59 20.83 -41.53
C ASN B 794 23.23 19.34 -41.61
N GLY B 795 21.93 19.05 -41.46
CA GLY B 795 21.42 17.73 -41.76
C GLY B 795 22.00 16.62 -40.90
N ASP B 796 22.85 17.00 -39.94
CA ASP B 796 23.49 16.05 -39.03
C ASP B 796 22.67 16.01 -37.75
N SER B 797 22.00 14.92 -37.47
CA SER B 797 21.09 14.89 -36.39
C SER B 797 21.54 14.04 -35.30
N THR B 798 22.80 13.97 -35.12
CA THR B 798 23.36 13.16 -34.09
C THR B 798 22.88 13.63 -32.74
N HIS B 799 22.92 14.92 -32.50
CA HIS B 799 22.47 15.46 -31.25
C HIS B 799 20.97 15.41 -31.02
N LEU B 800 20.24 15.71 -32.07
CA LEU B 800 18.82 15.67 -31.99
C LEU B 800 18.36 14.29 -31.68
N ASP B 801 18.91 13.28 -32.30
CA ASP B 801 18.52 11.92 -32.04
C ASP B 801 18.88 11.52 -30.66
N GLN B 802 20.00 11.98 -30.19
CA GLN B 802 20.42 11.77 -28.84
C GLN B 802 19.47 12.44 -27.86
N LEU B 803 18.98 13.62 -28.16
CA LEU B 803 18.10 14.28 -27.22
C LEU B 803 16.82 13.55 -27.01
N CYS B 804 16.23 13.10 -28.10
CA CYS B 804 15.03 12.31 -28.07
C CYS B 804 15.22 11.00 -27.46
N ARG B 805 16.35 10.40 -27.68
CA ARG B 805 16.59 9.14 -27.07
C ARG B 805 16.66 9.31 -25.60
N GLU B 806 17.34 10.33 -25.13
CA GLU B 806 17.41 10.58 -23.71
C GLU B 806 16.09 10.96 -23.14
N ALA B 807 15.37 11.79 -23.85
CA ALA B 807 14.08 12.19 -23.40
C ALA B 807 13.14 11.02 -23.33
N LEU B 808 13.14 10.17 -24.33
CA LEU B 808 12.25 9.03 -24.34
C LEU B 808 12.59 8.17 -23.21
N SER B 809 13.84 8.07 -22.94
CA SER B 809 14.25 7.26 -21.82
C SER B 809 13.62 7.77 -20.51
N VAL B 810 13.60 9.09 -20.32
CA VAL B 810 13.04 9.68 -19.12
C VAL B 810 11.54 9.42 -19.04
N LEU B 811 10.86 9.45 -20.20
CA LEU B 811 9.43 9.17 -20.20
C LEU B 811 9.14 7.76 -19.73
N LYS B 812 9.97 6.81 -20.16
CA LYS B 812 9.88 5.42 -19.79
C LYS B 812 10.36 5.14 -18.37
N GLY B 813 11.01 6.09 -17.72
CA GLY B 813 11.48 5.82 -16.38
C GLY B 813 12.78 5.06 -16.34
N GLU B 814 13.50 4.98 -17.46
CA GLU B 814 14.66 4.14 -17.61
C GLU B 814 15.99 4.89 -17.63
N HIS B 815 16.00 6.20 -17.42
CA HIS B 815 17.24 6.97 -17.53
C HIS B 815 18.10 6.77 -16.29
N ALA B 816 19.41 7.02 -16.45
CA ALA B 816 20.35 6.78 -15.36
C ALA B 816 19.97 7.55 -14.09
N CYS B 817 19.49 8.78 -14.23
CA CYS B 817 19.11 9.52 -13.03
C CYS B 817 17.91 8.90 -12.36
N GLN B 818 17.10 8.15 -13.13
CA GLN B 818 15.93 7.49 -12.57
C GLN B 818 16.30 6.18 -11.85
N THR B 819 17.23 5.37 -12.39
CA THR B 819 17.54 4.05 -11.86
C THR B 819 18.63 4.16 -10.78
N ILE B 820 18.34 3.68 -9.58
CA ILE B 820 19.34 3.58 -8.51
C ILE B 820 19.35 2.20 -7.86
N ASP B 831 3.72 0.32 -11.05
CA ASP B 831 4.10 1.71 -11.37
C ASP B 831 3.41 2.71 -10.46
N LEU B 832 4.19 3.22 -9.50
CA LEU B 832 3.67 3.90 -8.32
C LEU B 832 3.55 5.40 -8.55
N ASP B 833 3.14 6.10 -7.50
CA ASP B 833 3.05 7.55 -7.53
C ASP B 833 4.41 8.16 -7.24
N ALA B 834 4.70 9.25 -7.94
CA ALA B 834 6.01 9.90 -7.97
C ALA B 834 6.04 11.15 -7.10
N SER B 835 7.25 11.47 -6.64
CA SER B 835 7.49 12.73 -5.97
C SER B 835 7.27 13.89 -6.94
N GLU B 836 7.13 15.09 -6.40
CA GLU B 836 6.92 16.23 -7.30
C GLU B 836 8.14 16.47 -8.18
N THR B 837 9.35 16.25 -7.65
CA THR B 837 10.55 16.34 -8.50
C THR B 837 10.51 15.33 -9.63
N GLU B 838 10.17 14.08 -9.31
CA GLU B 838 10.11 13.07 -10.33
C GLU B 838 9.13 13.44 -11.44
N ALA B 839 7.98 14.01 -11.08
CA ALA B 839 7.02 14.44 -12.08
C ALA B 839 7.52 15.65 -12.87
N THR B 840 8.21 16.57 -12.21
CA THR B 840 8.83 17.67 -12.95
C THR B 840 9.74 17.12 -14.04
N LEU B 841 10.58 16.14 -13.69
CA LEU B 841 11.45 15.49 -14.65
C LEU B 841 10.69 14.97 -15.85
N LEU B 842 9.53 14.35 -15.61
CA LEU B 842 8.67 13.95 -16.71
C LEU B 842 8.26 15.15 -17.57
N ASP B 843 7.81 16.21 -16.91
CA ASP B 843 7.28 17.36 -17.64
C ASP B 843 8.35 18.04 -18.50
N VAL B 844 9.58 18.17 -17.99
CA VAL B 844 10.61 18.82 -18.79
C VAL B 844 10.99 17.96 -20.01
N ALA B 845 10.95 16.63 -19.89
CA ALA B 845 11.16 15.80 -21.06
C ALA B 845 10.02 15.95 -22.06
N LEU B 846 8.78 15.96 -21.57
CA LEU B 846 7.67 16.25 -22.47
C LEU B 846 7.84 17.62 -23.14
N ASP B 847 8.36 18.61 -22.41
CA ASP B 847 8.51 19.95 -22.96
C ASP B 847 9.51 19.99 -24.11
N ILE B 848 10.49 19.09 -24.10
CA ILE B 848 11.38 18.92 -25.25
C ILE B 848 10.57 18.53 -26.49
N TYR B 849 9.68 17.56 -26.35
CA TYR B 849 8.86 17.16 -27.48
C TYR B 849 7.90 18.26 -27.88
N VAL B 850 7.36 18.98 -26.89
CA VAL B 850 6.44 20.07 -27.22
C VAL B 850 7.15 21.14 -28.04
N ALA B 851 8.38 21.48 -27.66
CA ALA B 851 9.06 22.56 -28.37
C ALA B 851 9.53 22.08 -29.76
N LEU B 852 10.01 20.84 -29.83
CA LEU B 852 10.41 20.29 -31.12
C LEU B 852 9.23 20.20 -32.08
N SER B 853 8.02 19.97 -31.59
CA SER B 853 6.89 19.91 -32.50
C SER B 853 6.61 21.28 -33.11
N THR B 854 6.74 22.35 -32.31
CA THR B 854 6.61 23.70 -32.86
C THR B 854 7.78 24.03 -33.77
N ASN B 855 8.95 23.46 -33.50
CA ASN B 855 10.12 23.70 -34.34
C ASN B 855 9.96 23.07 -35.71
N LEU B 856 9.54 21.79 -35.77
CA LEU B 856 9.57 21.05 -37.02
C LEU B 856 8.21 20.93 -37.73
N VAL B 857 7.08 21.05 -37.03
CA VAL B 857 5.79 21.09 -37.69
C VAL B 857 5.52 19.90 -38.60
N GLY B 858 5.65 18.68 -38.11
CA GLY B 858 5.40 17.61 -39.07
C GLY B 858 6.69 16.96 -39.55
N GLY B 859 7.73 17.76 -39.73
CA GLY B 859 9.05 17.17 -39.66
C GLY B 859 9.29 16.52 -38.30
N PHE B 860 8.43 16.84 -37.33
CA PHE B 860 8.44 16.24 -36.01
C PHE B 860 7.78 14.86 -36.02
N ALA B 861 6.91 14.59 -36.98
CA ALA B 861 6.18 13.32 -36.99
C ALA B 861 7.12 12.13 -36.96
N GLN B 862 8.26 12.24 -37.63
CA GLN B 862 9.15 11.09 -37.67
C GLN B 862 9.70 10.77 -36.28
N VAL B 863 10.29 11.77 -35.61
CA VAL B 863 10.83 11.56 -34.27
C VAL B 863 9.72 11.26 -33.24
N PHE B 864 8.51 11.74 -33.47
CA PHE B 864 7.42 11.57 -32.52
C PHE B 864 6.93 10.12 -32.43
N THR B 865 7.27 9.28 -33.43
CA THR B 865 6.69 7.94 -33.54
C THR B 865 7.05 7.05 -32.35
N THR B 866 8.30 7.12 -31.88
CA THR B 866 8.69 6.33 -30.72
C THR B 866 7.96 6.79 -29.47
N ALA B 867 7.87 8.12 -29.26
CA ALA B 867 7.30 8.65 -28.04
C ALA B 867 5.77 8.56 -28.00
N LYS B 868 5.10 8.60 -29.16
CA LYS B 868 3.64 8.66 -29.18
C LYS B 868 2.99 7.53 -28.39
N PRO B 869 3.35 6.26 -28.57
CA PRO B 869 2.74 5.22 -27.74
C PRO B 869 2.96 5.46 -26.25
N VAL B 870 4.18 5.83 -25.85
CA VAL B 870 4.48 6.05 -24.44
C VAL B 870 3.62 7.16 -23.86
N ILE B 871 3.54 8.29 -24.55
CA ILE B 871 2.79 9.40 -24.01
C ILE B 871 1.31 9.05 -23.93
N LEU B 872 0.78 8.37 -24.95
CA LEU B 872 -0.61 7.94 -24.91
C LEU B 872 -0.88 7.03 -23.71
N GLN B 873 0.09 6.15 -23.38
CA GLN B 873 -0.02 5.32 -22.19
C GLN B 873 -0.04 6.16 -20.92
N LEU B 874 0.78 7.20 -20.85
CA LEU B 874 0.80 8.02 -19.64
C LEU B 874 -0.50 8.79 -19.45
N CYS B 875 -1.22 9.06 -20.54
CA CYS B 875 -2.55 9.67 -20.39
C CYS B 875 -3.48 8.77 -19.58
N GLN B 876 -3.12 7.49 -19.44
CA GLN B 876 -3.88 6.50 -18.70
C GLN B 876 -3.29 6.29 -17.32
N SER B 877 -2.24 7.01 -16.97
CA SER B 877 -1.51 6.71 -15.75
C SER B 877 -2.46 6.76 -14.55
N LYS B 878 -2.20 5.89 -13.60
CA LYS B 878 -2.96 5.97 -12.36
C LYS B 878 -2.69 7.28 -11.65
N SER B 879 -1.60 7.98 -12.00
CA SER B 879 -1.27 9.28 -11.41
C SER B 879 -1.97 10.41 -12.15
N LYS B 880 -2.68 11.26 -11.38
CA LYS B 880 -3.42 12.36 -11.97
C LYS B 880 -2.48 13.37 -12.60
N ASN B 881 -1.39 13.69 -11.91
CA ASN B 881 -0.47 14.69 -12.42
C ASN B 881 0.21 14.23 -13.71
N LYS B 882 0.56 12.95 -13.80
CA LYS B 882 1.13 12.46 -15.05
C LYS B 882 0.12 12.53 -16.18
N ARG B 883 -1.14 12.12 -15.92
CA ARG B 883 -2.19 12.25 -16.93
C ARG B 883 -2.39 13.71 -17.32
N SER B 884 -2.27 14.62 -16.37
CA SER B 884 -2.40 16.03 -16.71
C SER B 884 -1.28 16.44 -17.65
N PHE B 885 -0.04 16.09 -17.32
CA PHE B 885 1.10 16.47 -18.14
C PHE B 885 0.96 15.87 -19.54
N ALA B 886 0.62 14.57 -19.61
CA ALA B 886 0.51 13.91 -20.91
C ALA B 886 -0.57 14.54 -21.78
N VAL B 887 -1.79 14.67 -21.23
CA VAL B 887 -2.87 15.27 -22.01
C VAL B 887 -2.52 16.69 -22.40
N GLY B 888 -1.92 17.44 -21.49
CA GLY B 888 -1.49 18.79 -21.83
C GLY B 888 -0.41 18.83 -22.90
N ALA B 889 0.59 17.95 -22.77
CA ALA B 889 1.64 17.89 -23.79
C ALA B 889 1.10 17.40 -25.13
N LEU B 890 0.16 16.46 -25.15
CA LEU B 890 -0.43 16.05 -26.43
C LEU B 890 -1.14 17.22 -27.08
N SER B 891 -1.82 18.05 -26.30
CA SER B 891 -2.49 19.22 -26.84
C SER B 891 -1.49 20.21 -27.43
N GLU B 892 -0.42 20.53 -26.69
CA GLU B 892 0.55 21.48 -27.19
C GLU B 892 1.24 20.94 -28.44
N ILE B 893 1.51 19.64 -28.46
CA ILE B 893 2.08 19.03 -29.65
C ILE B 893 1.11 19.16 -30.81
N ALA B 894 -0.18 18.90 -30.56
CA ALA B 894 -1.15 19.09 -31.63
C ALA B 894 -1.05 20.50 -32.22
N LEU B 895 -0.85 21.49 -31.42
CA LEU B 895 -0.73 22.85 -31.88
C LEU B 895 0.48 23.06 -32.75
N GLY B 896 1.56 22.43 -32.41
CA GLY B 896 2.74 22.58 -33.19
C GLY B 896 2.70 22.04 -34.59
N ARG B 898 0.00 21.45 -36.29
CA ARG B 898 -1.07 22.06 -37.03
C ARG B 898 -1.71 21.09 -37.98
N ASP B 899 -1.88 21.52 -39.21
CA ASP B 899 -2.51 20.75 -40.26
C ASP B 899 -1.64 19.67 -40.86
N GLU B 900 -0.37 19.63 -40.53
CA GLU B 900 0.53 18.65 -41.03
C GLU B 900 0.71 17.50 -40.12
N ASN B 901 -0.23 17.29 -39.22
CA ASN B 901 -0.17 16.24 -38.26
C ASN B 901 -0.74 15.00 -38.86
N PRO B 902 0.02 13.95 -38.90
CA PRO B 902 -0.44 12.67 -39.47
C PRO B 902 -1.10 11.71 -38.50
N PHE B 903 -1.37 12.13 -37.24
CA PHE B 903 -2.00 11.27 -36.25
C PHE B 903 -3.23 11.94 -35.61
N ILE B 904 -3.83 12.94 -36.27
CA ILE B 904 -4.93 13.66 -35.64
C ILE B 904 -6.04 12.70 -35.20
N GLN B 905 -6.37 11.73 -36.06
CA GLN B 905 -7.42 10.76 -35.73
C GLN B 905 -7.10 10.00 -34.45
N GLU B 906 -5.88 9.44 -34.36
CA GLU B 906 -5.50 8.65 -33.20
C GLU B 906 -5.49 9.50 -31.93
N LEU B 907 -4.95 10.72 -32.02
CA LEU B 907 -4.89 11.63 -30.88
C LEU B 907 -6.29 12.17 -30.52
N LEU B 908 -7.08 12.57 -31.51
CA LEU B 908 -8.42 13.04 -31.21
C LEU B 908 -9.20 11.98 -30.44
N GLU B 909 -9.08 10.74 -30.88
CA GLU B 909 -9.82 9.64 -30.27
C GLU B 909 -9.37 9.39 -28.84
N ALA B 910 -8.06 9.54 -28.57
CA ALA B 910 -7.54 9.36 -27.22
C ALA B 910 -7.95 10.50 -26.31
N LEU B 911 -7.79 11.75 -26.77
CA LEU B 911 -8.13 12.89 -25.91
C LEU B 911 -9.63 12.98 -25.63
N ILE B 912 -10.49 12.56 -26.58
CA ILE B 912 -11.92 12.52 -26.31
C ILE B 912 -12.23 11.52 -25.21
N ILE B 913 -11.53 10.39 -25.17
CA ILE B 913 -11.72 9.45 -24.08
C ILE B 913 -11.38 10.11 -22.76
N SER B 914 -10.27 10.88 -22.72
CA SER B 914 -9.93 11.64 -21.53
C SER B 914 -11.01 12.68 -21.22
N LEU B 915 -11.46 13.37 -22.26
CA LEU B 915 -12.50 14.37 -22.07
C LEU B 915 -13.74 13.75 -21.47
N THR B 916 -14.12 12.55 -21.92
CA THR B 916 -15.39 11.94 -21.55
C THR B 916 -15.33 11.22 -20.21
N ASN B 917 -14.28 10.44 -19.95
CA ASN B 917 -14.30 9.54 -18.81
C ASN B 917 -13.38 9.90 -17.67
N ASP B 918 -12.53 10.91 -17.80
CA ASP B 918 -11.57 11.15 -16.73
C ASP B 918 -12.25 11.77 -15.52
N LYS B 919 -11.77 11.43 -14.32
CA LYS B 919 -12.37 11.92 -13.09
C LYS B 919 -11.74 13.24 -12.63
N SER B 920 -10.63 13.63 -13.22
CA SER B 920 -9.98 14.87 -12.84
C SER B 920 -10.49 16.00 -13.72
N LEU B 921 -10.93 17.08 -13.10
CA LEU B 921 -11.33 18.25 -13.86
C LEU B 921 -10.15 18.86 -14.58
N GLU B 922 -8.97 18.87 -13.94
CA GLU B 922 -7.78 19.44 -14.58
C GLU B 922 -7.40 18.66 -15.85
N VAL B 923 -7.48 17.33 -15.82
CA VAL B 923 -7.20 16.55 -17.01
C VAL B 923 -8.24 16.83 -18.07
N ARG B 924 -9.51 16.84 -17.68
CA ARG B 924 -10.56 17.18 -18.63
C ARG B 924 -10.39 18.60 -19.13
N CYS B 925 -9.84 19.49 -18.29
CA CYS B 925 -9.57 20.86 -18.72
C CYS B 925 -8.60 20.85 -19.90
N ASN B 926 -7.43 20.24 -19.71
CA ASN B 926 -6.44 20.20 -20.77
C ASN B 926 -6.94 19.39 -21.98
N ALA B 927 -7.65 18.30 -21.75
CA ALA B 927 -8.14 17.51 -22.86
C ALA B 927 -9.00 18.35 -23.79
N SER B 928 -9.83 19.24 -23.23
CA SER B 928 -10.71 20.04 -24.07
C SER B 928 -9.91 21.01 -24.96
N TYR B 929 -8.75 21.47 -24.50
CA TYR B 929 -7.93 22.30 -25.36
C TYR B 929 -7.45 21.50 -26.57
N GLY B 930 -6.87 20.32 -26.32
CA GLY B 930 -6.41 19.48 -27.41
C GLY B 930 -7.53 19.03 -28.33
N VAL B 931 -8.72 18.77 -27.78
CA VAL B 931 -9.84 18.28 -28.59
C VAL B 931 -10.23 19.30 -29.64
N GLY B 932 -10.41 20.57 -29.22
CA GLY B 932 -10.70 21.61 -30.19
C GLY B 932 -9.59 21.81 -31.20
N LEU B 933 -8.33 21.80 -30.74
CA LEU B 933 -7.21 21.97 -31.65
C LEU B 933 -7.18 20.86 -32.68
N LEU B 934 -7.24 19.61 -32.22
CA LEU B 934 -7.27 18.49 -33.14
C LEU B 934 -8.40 18.61 -34.15
N ILE B 935 -9.59 19.00 -33.69
CA ILE B 935 -10.70 19.12 -34.63
C ILE B 935 -10.44 20.26 -35.62
N GLU B 936 -9.88 21.37 -35.16
CA GLU B 936 -9.61 22.48 -36.08
C GLU B 936 -8.64 22.08 -37.17
N TYR B 937 -7.68 21.22 -36.85
CA TYR B 937 -6.67 20.76 -37.80
C TYR B 937 -7.03 19.46 -38.53
N SER B 938 -8.10 18.78 -38.11
CA SER B 938 -8.53 17.55 -38.76
C SER B 938 -9.04 17.81 -40.17
N SER B 939 -8.78 16.88 -41.09
CA SER B 939 -9.23 17.00 -42.46
C SER B 939 -10.23 15.93 -42.88
N PHE B 940 -10.61 15.05 -41.97
CA PHE B 940 -11.57 13.98 -42.17
C PHE B 940 -12.93 14.33 -41.55
N ASP B 941 -13.88 13.42 -41.70
CA ASP B 941 -15.24 13.60 -41.21
C ASP B 941 -15.31 13.38 -39.70
N VAL B 942 -15.68 14.42 -38.96
CA VAL B 942 -15.81 14.32 -37.51
C VAL B 942 -17.25 14.47 -37.07
N SER B 943 -18.21 14.36 -38.00
CA SER B 943 -19.61 14.48 -37.66
C SER B 943 -20.04 13.39 -36.68
N ALA B 944 -19.40 12.24 -36.71
CA ALA B 944 -19.77 11.18 -35.79
C ALA B 944 -19.51 11.59 -34.35
N ILE B 945 -18.41 12.31 -34.10
CA ILE B 945 -18.01 12.66 -32.74
C ILE B 945 -18.51 14.03 -32.27
N TYR B 946 -19.04 14.87 -33.16
CA TYR B 946 -19.47 16.19 -32.71
C TYR B 946 -20.49 16.09 -31.59
N SER B 947 -21.50 15.26 -31.77
CA SER B 947 -22.56 15.20 -30.77
C SER B 947 -22.05 14.69 -29.42
N PRO B 948 -21.31 13.58 -29.32
CA PRO B 948 -20.85 13.14 -28.00
C PRO B 948 -19.91 14.14 -27.35
N VAL B 949 -18.99 14.71 -28.11
CA VAL B 949 -18.06 15.68 -27.56
C VAL B 949 -18.82 16.85 -26.95
N LEU B 950 -19.78 17.36 -27.66
CA LEU B 950 -20.53 18.47 -27.16
C LEU B 950 -21.27 18.15 -25.93
N LYS B 951 -21.70 16.92 -25.77
CA LYS B 951 -22.40 16.56 -24.58
C LYS B 951 -21.47 16.63 -23.44
N SER B 952 -20.29 16.09 -23.62
CA SER B 952 -19.30 16.06 -22.58
C SER B 952 -18.86 17.44 -22.18
N LEU B 953 -18.71 18.31 -23.14
CA LEU B 953 -18.34 19.65 -22.86
C LEU B 953 -19.39 20.34 -22.05
N TYR B 954 -20.66 20.12 -22.34
CA TYR B 954 -21.76 20.68 -21.60
C TYR B 954 -21.75 20.13 -20.20
N GLU B 955 -21.49 18.86 -20.05
CA GLU B 955 -21.38 18.28 -18.73
C GLU B 955 -20.15 18.84 -18.05
N ILE B 956 -19.06 19.04 -18.77
CA ILE B 956 -17.88 19.59 -18.12
C ILE B 956 -18.13 20.96 -17.57
N LEU B 957 -18.87 21.79 -18.26
CA LEU B 957 -19.26 23.08 -17.75
C LEU B 957 -20.11 22.89 -16.54
N SER B 958 -20.98 21.90 -16.53
CA SER B 958 -21.79 21.60 -15.37
C SER B 958 -20.99 21.16 -14.16
N VAL B 959 -19.98 20.33 -14.32
CA VAL B 959 -19.18 19.91 -13.20
C VAL B 959 -18.43 21.06 -12.58
N ALA B 960 -17.93 21.93 -13.42
CA ALA B 960 -17.23 23.12 -13.02
C ALA B 960 -18.17 24.07 -12.31
N ASP B 961 -19.43 24.14 -12.78
CA ASP B 961 -20.46 24.98 -12.21
C ASP B 961 -20.80 24.61 -10.77
N GLU B 962 -20.94 23.33 -10.47
CA GLU B 962 -21.23 22.96 -9.10
C GLU B 962 -20.08 23.34 -8.23
N LYS B 963 -18.86 23.09 -8.69
CA LYS B 963 -17.69 23.41 -7.95
C LYS B 963 -17.63 24.87 -7.76
N ASN B 964 -17.91 25.63 -8.79
CA ASN B 964 -17.91 27.05 -8.67
C ASN B 964 -18.95 27.45 -7.63
N ASP B 970 -10.42 28.44 -2.04
CA ASP B 970 -9.08 28.09 -2.54
C ASP B 970 -8.87 28.45 -4.02
N GLU B 971 -7.87 29.30 -4.29
CA GLU B 971 -7.64 29.75 -5.66
C GLU B 971 -7.06 28.67 -6.55
N ALA B 972 -6.68 27.53 -5.98
CA ALA B 972 -6.07 26.46 -6.77
C ALA B 972 -7.15 25.73 -7.55
N THR B 973 -8.21 25.35 -6.85
CA THR B 973 -9.33 24.76 -7.58
C THR B 973 -10.13 25.84 -8.30
N LYS B 974 -10.05 27.10 -7.83
CA LYS B 974 -10.68 28.18 -8.59
C LYS B 974 -9.94 28.47 -9.91
N GLU B 975 -8.60 28.46 -9.88
CA GLU B 975 -7.87 28.64 -11.13
C GLU B 975 -8.17 27.50 -12.10
N ILE B 976 -8.31 26.29 -11.56
CA ILE B 976 -8.68 25.15 -12.41
C ILE B 976 -10.06 25.35 -12.99
N VAL B 977 -10.99 25.80 -12.16
CA VAL B 977 -12.37 25.97 -12.60
C VAL B 977 -12.47 27.06 -13.66
N ASP B 978 -11.78 28.18 -13.45
CA ASP B 978 -11.81 29.26 -14.43
C ASP B 978 -11.13 28.87 -15.74
N ARG B 979 -10.01 28.13 -15.66
CA ARG B 979 -9.36 27.65 -16.87
C ARG B 979 -10.25 26.65 -17.63
N THR B 980 -11.06 25.87 -16.90
CA THR B 980 -11.99 24.96 -17.59
C THR B 980 -13.02 25.72 -18.39
N PHE B 981 -13.57 26.81 -17.83
CA PHE B 981 -14.50 27.63 -18.60
C PHE B 981 -13.84 28.19 -19.86
N SER B 982 -12.65 28.79 -19.72
CA SER B 982 -11.95 29.29 -20.89
C SER B 982 -11.72 28.16 -21.90
N ASN B 983 -11.19 27.03 -21.46
CA ASN B 983 -10.86 25.98 -22.42
C ASN B 983 -12.11 25.40 -23.08
N VAL B 984 -13.15 25.12 -22.31
CA VAL B 984 -14.36 24.58 -22.91
C VAL B 984 -14.96 25.58 -23.90
N CYS B 985 -15.06 26.85 -23.49
CA CYS B 985 -15.56 27.87 -24.41
C CYS B 985 -14.68 27.99 -25.64
N GLY B 986 -13.35 27.99 -25.46
CA GLY B 986 -12.48 27.95 -26.63
C GLY B 986 -12.74 26.74 -27.51
N CYS B 987 -12.87 25.57 -26.88
CA CYS B 987 -13.03 24.34 -27.64
C CYS B 987 -14.31 24.40 -28.49
N VAL B 988 -15.42 24.82 -27.88
CA VAL B 988 -16.69 24.94 -28.60
C VAL B 988 -16.56 25.95 -29.74
N ALA B 989 -15.85 27.06 -29.51
CA ALA B 989 -15.66 28.03 -30.58
C ALA B 989 -14.94 27.43 -31.78
N ARG B 990 -13.84 26.72 -31.53
CA ARG B 990 -13.10 26.09 -32.62
C ARG B 990 -14.00 25.17 -33.44
N ILE B 992 -17.50 25.31 -33.81
CA ILE B 992 -18.43 26.11 -34.61
C ILE B 992 -17.72 26.65 -35.84
N LEU B 993 -16.53 27.21 -35.66
CA LEU B 993 -15.73 27.66 -36.79
C LEU B 993 -15.46 26.53 -37.77
N LYS B 994 -15.22 25.32 -37.28
CA LYS B 994 -14.79 24.23 -38.15
C LYS B 994 -15.94 23.68 -38.96
N HIS B 995 -17.11 23.50 -38.32
CA HIS B 995 -18.29 22.86 -38.91
C HIS B 995 -19.51 23.54 -38.28
N GLN B 996 -19.72 24.80 -38.65
CA GLN B 996 -20.87 25.54 -38.13
C GLN B 996 -22.16 24.75 -38.33
N ASN B 997 -22.26 24.05 -39.47
CA ASN B 997 -23.46 23.25 -39.76
C ASN B 997 -23.73 22.21 -38.68
N LEU B 998 -22.70 21.80 -37.92
CA LEU B 998 -22.85 20.75 -36.92
C LEU B 998 -23.20 21.24 -35.50
N VAL B 999 -23.23 22.55 -35.24
CA VAL B 999 -23.47 23.08 -33.90
C VAL B 999 -24.78 23.84 -33.91
N PRO B 1000 -25.69 23.58 -32.96
CA PRO B 1000 -26.91 24.39 -32.88
C PRO B 1000 -26.65 25.66 -32.10
N LEU B 1001 -26.48 26.78 -32.82
CA LEU B 1001 -26.06 28.03 -32.19
C LEU B 1001 -27.13 28.61 -31.29
N GLU B 1002 -28.39 28.29 -31.54
CA GLU B 1002 -29.48 28.93 -30.84
C GLU B 1002 -29.36 28.77 -29.32
N HIS B 1003 -29.01 27.58 -28.84
CA HIS B 1003 -28.79 27.38 -27.42
C HIS B 1003 -27.31 27.38 -27.03
N THR B 1004 -26.42 27.08 -27.98
CA THR B 1004 -24.98 26.99 -27.68
C THR B 1004 -24.37 28.36 -27.42
N ILE B 1005 -24.72 29.37 -28.21
CA ILE B 1005 -24.11 30.69 -28.02
C ILE B 1005 -24.42 31.28 -26.66
N PRO B 1006 -25.66 31.22 -26.16
CA PRO B 1006 -25.92 31.79 -24.83
C PRO B 1006 -25.09 31.13 -23.74
N ALA B 1007 -24.85 29.82 -23.83
CA ALA B 1007 -23.98 29.18 -22.87
C ALA B 1007 -22.58 29.78 -22.93
N LEU B 1008 -22.11 30.04 -24.14
CA LEU B 1008 -20.82 30.67 -24.33
C LEU B 1008 -20.82 32.08 -23.77
N LEU B 1009 -21.86 32.86 -24.07
CA LEU B 1009 -21.91 34.24 -23.60
C LEU B 1009 -21.90 34.29 -22.08
N SER B 1010 -22.57 33.34 -21.43
CA SER B 1010 -22.68 33.38 -19.98
C SER B 1010 -21.34 33.13 -19.28
N HIS B 1011 -20.33 32.61 -19.96
CA HIS B 1011 -19.04 32.38 -19.31
C HIS B 1011 -17.96 33.39 -19.71
N LEU B 1012 -18.34 34.44 -20.43
CA LEU B 1012 -17.50 35.56 -20.84
C LEU B 1012 -17.96 36.83 -20.12
N PRO B 1013 -17.06 37.76 -19.81
CA PRO B 1013 -15.61 37.66 -20.04
C PRO B 1013 -14.93 36.64 -19.11
N PHE B 1014 -13.75 36.18 -19.53
CA PHE B 1014 -12.94 35.22 -18.79
C PHE B 1014 -12.23 35.88 -17.61
N ASN B 1015 -11.88 35.05 -16.63
CA ASN B 1015 -11.06 35.48 -15.49
C ASN B 1015 -9.60 35.12 -15.65
N THR B 1016 -9.29 34.13 -16.50
CA THR B 1016 -7.95 33.63 -16.70
C THR B 1016 -7.91 33.00 -18.10
N ALA B 1017 -6.74 32.51 -18.50
CA ALA B 1017 -6.63 31.76 -19.75
C ALA B 1017 -7.16 32.56 -20.95
N PHE B 1018 -6.57 33.75 -21.14
CA PHE B 1018 -7.04 34.65 -22.18
C PHE B 1018 -6.67 34.23 -23.58
N GLU B 1019 -5.80 33.24 -23.75
CA GLU B 1019 -5.53 32.70 -25.08
C GLU B 1019 -6.79 32.19 -25.75
N GLU B 1020 -7.80 31.82 -24.98
CA GLU B 1020 -9.01 31.25 -25.56
C GLU B 1020 -9.96 32.30 -26.12
N TYR B 1021 -9.69 33.58 -25.87
CA TYR B 1021 -10.41 34.64 -26.57
C TYR B 1021 -10.19 34.53 -28.08
N ASP B 1022 -9.04 34.00 -28.48
CA ASP B 1022 -8.67 33.98 -29.89
C ASP B 1022 -9.70 33.26 -30.74
N PRO B 1023 -10.02 32.00 -30.48
CA PRO B 1023 -11.08 31.35 -31.28
C PRO B 1023 -12.43 32.02 -31.14
N ILE B 1024 -12.71 32.61 -29.99
CA ILE B 1024 -14.00 33.24 -29.76
C ILE B 1024 -14.12 34.55 -30.53
N PHE B 1025 -13.06 35.37 -30.53
CA PHE B 1025 -13.07 36.60 -31.33
C PHE B 1025 -13.27 36.27 -32.80
N LYS B 1026 -12.55 35.27 -33.30
CA LYS B 1026 -12.74 34.87 -34.68
C LYS B 1026 -14.19 34.49 -34.93
N LEU B 1027 -14.80 33.76 -33.99
CA LEU B 1027 -16.20 33.36 -34.13
C LEU B 1027 -17.12 34.58 -34.16
N PHE B 1028 -16.89 35.54 -33.26
CA PHE B 1028 -17.69 36.76 -33.28
C PHE B 1028 -17.54 37.46 -34.63
N LEU B 1029 -16.31 37.50 -35.15
CA LEU B 1029 -16.08 38.11 -36.46
C LEU B 1029 -16.89 37.41 -37.54
N LYS B 1030 -16.87 36.08 -37.52
CA LYS B 1030 -17.54 35.33 -38.59
C LYS B 1030 -19.05 35.51 -38.53
N LEU B 1031 -19.63 35.38 -37.33
CA LEU B 1031 -21.07 35.46 -37.18
C LEU B 1031 -21.61 36.85 -37.54
N PHE B 1032 -20.90 37.91 -37.16
CA PHE B 1032 -21.33 39.26 -37.53
C PHE B 1032 -21.14 39.53 -39.02
N GLN B 1033 -20.03 39.07 -39.61
CA GLN B 1033 -19.83 39.28 -41.04
C GLN B 1033 -20.85 38.52 -41.84
N GLU B 1034 -21.24 37.33 -41.38
CA GLU B 1034 -22.30 36.56 -42.02
C GLU B 1034 -23.67 36.95 -41.49
N GLN B 1035 -23.75 38.01 -40.69
CA GLN B 1035 -25.01 38.57 -40.18
C GLN B 1035 -25.90 37.53 -39.49
N ASN B 1036 -25.27 36.59 -38.81
CA ASN B 1036 -26.04 35.61 -38.05
C ASN B 1036 -26.99 36.30 -37.09
N SER B 1037 -28.24 35.86 -37.07
CA SER B 1037 -29.23 36.51 -36.23
C SER B 1037 -28.90 36.37 -34.74
N THR B 1038 -28.57 35.16 -34.27
CA THR B 1038 -28.44 34.93 -32.82
C THR B 1038 -27.36 35.79 -32.19
N ILE B 1039 -26.23 35.99 -32.88
CA ILE B 1039 -25.21 36.89 -32.35
C ILE B 1039 -25.72 38.33 -32.38
N ILE B 1040 -26.47 38.68 -33.43
CA ILE B 1040 -27.00 40.04 -33.49
C ILE B 1040 -27.99 40.31 -32.37
N ASN B 1041 -28.74 39.29 -31.94
CA ASN B 1041 -29.69 39.49 -30.84
C ASN B 1041 -29.03 39.50 -29.47
N GLU B 1042 -27.78 39.06 -29.37
CA GLU B 1042 -27.00 39.11 -28.13
C GLU B 1042 -25.99 40.25 -28.14
N ALA B 1043 -26.17 41.22 -29.03
CA ALA B 1043 -25.17 42.29 -29.19
C ALA B 1043 -24.89 43.06 -27.91
N PRO B 1044 -25.86 43.37 -27.06
CA PRO B 1044 -25.54 44.16 -25.85
C PRO B 1044 -24.52 43.48 -24.98
N LYS B 1045 -24.66 42.16 -24.79
CA LYS B 1045 -23.67 41.41 -24.03
C LYS B 1045 -22.31 41.41 -24.72
N VAL B 1046 -22.29 41.31 -26.05
CA VAL B 1046 -21.03 41.28 -26.79
C VAL B 1046 -20.26 42.58 -26.61
N ILE B 1047 -20.95 43.72 -26.79
CA ILE B 1047 -20.26 44.98 -26.58
C ILE B 1047 -19.80 45.09 -25.14
N ALA B 1048 -20.59 44.58 -24.21
CA ALA B 1048 -20.17 44.61 -22.82
C ALA B 1048 -18.91 43.78 -22.61
N ILE B 1049 -18.82 42.60 -23.24
CA ILE B 1049 -17.64 41.76 -23.06
C ILE B 1049 -16.39 42.47 -23.58
N PHE B 1050 -16.50 43.11 -24.74
CA PHE B 1050 -15.36 43.85 -25.29
C PHE B 1050 -15.00 45.07 -24.45
N ALA B 1051 -15.96 45.65 -23.74
CA ALA B 1051 -15.61 46.73 -22.83
C ALA B 1051 -14.66 46.21 -21.75
N THR B 1052 -14.98 45.05 -21.17
CA THR B 1052 -14.07 44.45 -20.19
C THR B 1052 -12.72 44.14 -20.80
N VAL B 1053 -12.70 43.55 -22.01
CA VAL B 1053 -11.45 43.17 -22.66
C VAL B 1053 -10.55 44.40 -22.86
N PHE B 1054 -11.07 45.43 -23.47
CA PHE B 1054 -10.32 46.62 -23.73
C PHE B 1054 -9.91 47.35 -22.52
N GLU B 1055 -10.68 47.26 -21.47
CA GLU B 1055 -10.28 47.89 -20.24
C GLU B 1055 -9.03 47.24 -19.66
N LYS B 1056 -9.00 45.93 -19.67
CA LYS B 1056 -7.90 45.17 -19.17
C LYS B 1056 -6.66 45.33 -19.93
N GLU B 1057 -6.82 45.48 -21.21
CA GLU B 1057 -5.74 45.69 -22.11
C GLU B 1057 -5.08 47.01 -21.82
N SER B 1058 -5.84 48.01 -21.50
CA SER B 1058 -5.25 49.28 -21.20
C SER B 1058 -4.51 49.19 -19.92
N GLU B 1059 -5.09 48.46 -18.99
CA GLU B 1059 -4.53 48.23 -17.69
C GLU B 1059 -3.28 47.47 -17.79
N ARG B 1060 -3.24 46.50 -18.66
CA ARG B 1060 -2.07 45.75 -18.88
C ARG B 1060 -0.98 46.59 -19.44
N ILE B 1061 -1.29 47.45 -20.34
CA ILE B 1061 -0.31 48.32 -20.94
C ILE B 1061 0.26 49.28 -19.94
N GLU B 1062 -0.56 49.76 -19.06
CA GLU B 1062 -0.05 50.64 -18.05
C GLU B 1062 0.89 49.93 -17.12
N LEU B 1063 0.56 48.71 -16.76
CA LEU B 1063 1.37 47.92 -15.90
C LEU B 1063 2.69 47.65 -16.48
N GLU B 1064 2.76 47.36 -17.75
CA GLU B 1064 3.98 47.07 -18.40
C GLU B 1064 4.96 48.23 -18.35
N THR B 1065 4.50 49.44 -18.54
CA THR B 1065 5.39 50.56 -18.44
C THR B 1065 5.88 50.97 -17.07
N ASN B 1066 5.05 50.86 -16.06
CA ASN B 1066 5.35 51.25 -14.72
C ASN B 1066 6.04 50.25 -13.90
N SER B 1067 6.24 49.09 -14.46
CA SER B 1067 6.81 47.96 -13.82
C SER B 1067 8.26 48.02 -13.59
N THR B 1068 8.77 47.20 -12.70
CA THR B 1068 10.19 47.14 -12.47
C THR B 1068 10.78 46.36 -13.63
N LEU B 1069 11.96 46.68 -14.05
CA LEU B 1069 12.58 46.04 -15.14
C LEU B 1069 12.83 44.62 -14.92
N GLY B 1070 12.47 43.80 -15.88
CA GLY B 1070 12.70 42.37 -15.77
C GLY B 1070 11.68 41.60 -14.96
N ARG B 1071 10.55 42.24 -14.62
CA ARG B 1071 9.40 41.60 -13.99
C ARG B 1071 8.41 41.09 -15.04
N GLU B 1072 8.90 40.72 -16.22
CA GLU B 1072 8.08 40.33 -17.37
C GLU B 1072 7.78 38.84 -17.42
N GLU B 1073 7.67 38.19 -16.28
CA GLU B 1073 7.37 36.76 -16.26
C GLU B 1073 6.00 36.48 -16.89
N ASN B 1074 5.04 37.37 -16.68
CA ASN B 1074 3.64 37.16 -17.07
C ASN B 1074 3.26 37.85 -18.38
N LEU B 1075 4.25 38.30 -19.16
CA LEU B 1075 3.97 39.14 -20.33
C LEU B 1075 2.92 38.53 -21.24
N GLU B 1076 3.19 37.36 -21.82
CA GLU B 1076 2.20 36.70 -22.68
C GLU B 1076 0.87 36.50 -21.96
N LYS B 1077 0.91 36.19 -20.66
CA LYS B 1077 -0.24 35.56 -20.01
C LYS B 1077 -1.42 36.53 -19.87
N ARG B 1078 -1.14 37.79 -19.52
CA ARG B 1078 -2.18 38.81 -19.35
C ARG B 1078 -2.58 39.51 -20.64
N LYS B 1079 -2.00 39.12 -21.78
CA LYS B 1079 -2.40 39.65 -23.07
C LYS B 1079 -3.82 39.21 -23.42
N GLN B 1080 -4.66 40.18 -23.83
CA GLN B 1080 -6.02 39.85 -24.26
C GLN B 1080 -6.11 39.41 -25.71
N PHE B 1081 -5.13 39.76 -26.54
CA PHE B 1081 -5.15 39.43 -27.96
C PHE B 1081 -3.91 38.62 -28.28
N GLN B 1082 -4.02 37.61 -29.09
CA GLN B 1082 -2.88 36.79 -29.41
C GLN B 1082 -2.02 37.33 -30.51
N SER B 1083 -2.52 38.31 -31.23
CA SER B 1083 -1.78 38.93 -32.30
C SER B 1083 -2.34 40.28 -32.56
N GLU B 1084 -1.52 41.17 -33.08
CA GLU B 1084 -1.97 42.51 -33.38
C GLU B 1084 -3.01 42.58 -34.47
N GLU B 1085 -2.90 41.75 -35.51
CA GLU B 1085 -3.92 41.83 -36.54
C GLU B 1085 -5.27 41.52 -36.04
N ILE B 1086 -5.43 40.52 -35.19
CA ILE B 1086 -6.73 40.24 -34.66
C ILE B 1086 -7.27 41.31 -33.78
N LYS B 1087 -6.43 42.03 -33.08
CA LYS B 1087 -6.93 43.11 -32.28
C LYS B 1087 -7.58 44.12 -33.16
N GLN B 1088 -6.91 44.47 -34.26
CA GLN B 1088 -7.40 45.43 -35.22
C GLN B 1088 -8.70 45.03 -35.82
N GLN B 1089 -8.86 43.75 -36.16
CA GLN B 1089 -10.11 43.30 -36.73
C GLN B 1089 -11.22 43.50 -35.76
N VAL B 1090 -11.00 43.25 -34.49
CA VAL B 1090 -12.02 43.50 -33.52
C VAL B 1090 -12.35 44.99 -33.49
N ILE B 1091 -11.37 45.87 -33.58
CA ILE B 1091 -11.69 47.26 -33.60
C ILE B 1091 -12.48 47.60 -34.83
N GLU B 1092 -12.06 47.07 -35.98
CA GLU B 1092 -12.77 47.32 -37.23
C GLU B 1092 -14.15 46.80 -37.10
N LEU B 1093 -14.30 45.60 -36.57
CA LEU B 1093 -15.60 45.06 -36.30
C LEU B 1093 -16.33 45.93 -35.29
N LEU B 1094 -15.64 46.45 -34.29
CA LEU B 1094 -16.30 47.29 -33.34
C LEU B 1094 -16.85 48.53 -33.99
N LYS B 1095 -16.12 49.13 -34.92
CA LYS B 1095 -16.67 50.31 -35.52
C LYS B 1095 -17.94 49.96 -36.25
N HIS B 1096 -17.86 48.92 -37.07
CA HIS B 1096 -19.06 48.56 -37.82
C HIS B 1096 -20.28 48.47 -36.92
N LEU B 1097 -20.12 47.94 -35.70
CA LEU B 1097 -21.24 47.90 -34.76
C LEU B 1097 -21.74 49.29 -34.39
N ASN B 1098 -20.93 50.34 -34.58
CA ASN B 1098 -21.32 51.68 -34.19
C ASN B 1098 -22.53 52.17 -35.00
N GLN B 1099 -22.43 52.12 -36.33
CA GLN B 1099 -23.58 52.46 -37.18
C GLN B 1099 -24.69 51.43 -37.05
N GLN B 1100 -24.33 50.14 -37.11
CA GLN B 1100 -25.33 49.09 -37.07
C GLN B 1100 -26.28 49.24 -35.88
N PHE B 1101 -25.75 49.46 -34.68
CA PHE B 1101 -26.55 49.42 -33.46
C PHE B 1101 -26.71 50.79 -32.80
N ASN B 1102 -26.97 51.84 -33.59
CA ASN B 1102 -27.32 53.18 -33.13
C ASN B 1102 -26.18 53.88 -32.38
N GLY B 1103 -24.93 53.49 -32.60
CA GLY B 1103 -23.82 54.14 -31.93
C GLY B 1103 -23.60 53.76 -30.49
N ALA B 1104 -24.18 52.64 -30.03
CA ALA B 1104 -24.02 52.21 -28.65
C ALA B 1104 -22.62 51.68 -28.38
N VAL B 1105 -21.89 51.28 -29.43
CA VAL B 1105 -20.50 50.87 -29.26
C VAL B 1105 -19.69 52.03 -28.70
N ALA B 1106 -19.76 53.19 -29.34
CA ALA B 1106 -19.03 54.36 -28.88
C ALA B 1106 -19.71 55.06 -27.71
N GLN B 1107 -20.96 54.70 -27.42
CA GLN B 1107 -21.64 55.23 -26.23
C GLN B 1107 -20.93 54.80 -24.95
N ASN B 1108 -20.17 53.72 -24.99
CA ASN B 1108 -19.42 53.23 -23.85
C ASN B 1108 -18.08 53.96 -23.73
N PRO B 1109 -17.75 54.50 -22.55
CA PRO B 1109 -16.54 55.33 -22.46
C PRO B 1109 -15.26 54.59 -22.84
N VAL B 1110 -15.14 53.33 -22.41
CA VAL B 1110 -13.93 52.57 -22.71
C VAL B 1110 -13.75 52.42 -24.22
N LEU B 1111 -14.82 52.03 -24.91
CA LEU B 1111 -14.78 51.75 -26.34
C LEU B 1111 -14.77 53.01 -27.20
N ALA B 1112 -15.25 54.14 -26.68
CA ALA B 1112 -15.14 55.39 -27.43
C ALA B 1112 -13.69 55.71 -27.75
N GLN B 1113 -12.77 55.47 -26.80
CA GLN B 1113 -11.35 55.69 -27.07
C GLN B 1113 -10.81 54.74 -28.13
N VAL B 1114 -11.22 53.46 -28.09
CA VAL B 1114 -10.65 52.46 -29.00
C VAL B 1114 -11.13 52.66 -30.43
N ILE B 1115 -12.35 53.16 -30.63
CA ILE B 1115 -12.82 53.41 -32.00
C ILE B 1115 -12.05 54.55 -32.66
N ALA B 1116 -11.89 55.67 -31.95
CA ALA B 1116 -11.24 56.86 -32.49
C ALA B 1116 -9.78 56.60 -32.84
N GLY C 12 -1.14 -26.62 -4.35
CA GLY C 12 -2.26 -27.20 -5.08
C GLY C 12 -1.90 -28.46 -5.77
N GLY C 13 -0.71 -28.94 -5.49
CA GLY C 13 -0.14 -30.10 -6.05
C GLY C 13 0.36 -30.99 -4.99
N LYS C 14 1.55 -31.54 -5.09
CA LYS C 14 1.99 -32.47 -4.09
C LYS C 14 2.03 -31.97 -2.71
N ALA C 15 2.47 -30.75 -2.48
CA ALA C 15 2.52 -30.24 -1.17
C ALA C 15 1.10 -30.18 -0.72
N PRO C 16 0.82 -30.64 0.47
CA PRO C 16 -0.51 -30.68 1.00
C PRO C 16 -1.05 -29.32 1.16
N ARG C 17 -2.35 -29.21 0.98
CA ARG C 17 -3.00 -27.93 1.08
C ARG C 17 -3.55 -27.57 2.43
N ALA C 21 -12.33 -34.17 8.28
CA ALA C 21 -13.39 -34.73 9.08
C ALA C 21 -12.82 -35.36 10.34
N SER C 22 -13.66 -35.44 11.37
CA SER C 22 -13.27 -35.99 12.63
C SER C 22 -14.43 -36.48 13.44
N LYS C 23 -14.24 -36.54 14.74
CA LYS C 23 -15.25 -37.04 15.64
C LYS C 23 -16.61 -36.43 15.57
N ALA C 24 -16.66 -35.17 15.22
CA ALA C 24 -17.89 -34.45 15.16
C ALA C 24 -18.65 -34.68 13.87
N ALA C 25 -19.92 -34.35 13.89
CA ALA C 25 -20.78 -34.46 12.74
C ALA C 25 -21.28 -33.09 12.26
N GLY D 12 0.56 19.80 -17.83
CA GLY D 12 1.82 19.78 -18.57
C GLY D 12 1.63 20.49 -19.87
N GLY D 13 0.41 21.02 -20.05
CA GLY D 13 -0.03 21.65 -21.28
C GLY D 13 -0.55 23.05 -21.10
N LYS D 14 -1.88 23.22 -21.11
CA LYS D 14 -2.45 24.56 -20.94
C LYS D 14 -2.44 24.98 -19.47
N ALA D 15 -2.98 24.14 -18.57
CA ALA D 15 -2.91 24.42 -17.14
C ALA D 15 -1.48 24.82 -16.76
N PRO D 16 -1.29 25.79 -15.86
CA PRO D 16 0.07 26.15 -15.43
C PRO D 16 0.72 25.01 -14.64
N ARG D 17 2.02 25.17 -14.34
CA ARG D 17 2.79 24.08 -13.75
C ARG D 17 3.48 24.38 -12.41
N ALA D 21 11.97 33.15 -10.87
CA ALA D 21 12.16 33.78 -9.58
C ALA D 21 11.96 35.29 -9.68
N SER D 22 12.29 36.07 -8.66
CA SER D 22 12.09 37.49 -8.78
C SER D 22 12.87 38.76 -8.43
N LYS D 23 13.40 38.84 -7.26
CA LYS D 23 14.16 39.97 -6.93
C LYS D 23 15.57 39.52 -6.73
N ALA D 24 15.72 38.31 -6.22
CA ALA D 24 16.99 37.70 -5.96
C ALA D 24 17.72 37.10 -7.10
N ALA D 25 19.02 37.10 -6.93
CA ALA D 25 19.91 36.46 -7.85
C ALA D 25 20.18 35.08 -7.22
N ARG D 26 20.44 35.04 -5.92
CA ARG D 26 20.64 33.78 -5.23
C ARG D 26 19.39 32.93 -5.38
#